data_1PRT
#
_entry.id   1PRT
#
_cell.length_a   163.800
_cell.length_b   98.200
_cell.length_c   194.500
_cell.angle_alpha   90.00
_cell.angle_beta   90.00
_cell.angle_gamma   90.00
#
_symmetry.space_group_name_H-M   'P 21 21 21'
#
loop_
_entity.id
_entity.type
_entity.pdbx_description
1 polymer 'PERTUSSIS TOXIN (SUBUNIT S1)'
2 polymer 'PERTUSSIS TOXIN (SUBUNIT S2)'
3 polymer 'PERTUSSIS TOXIN (SUBUNIT S3)'
4 polymer 'PERTUSSIS TOXIN (SUBUNIT S4)'
5 polymer 'PERTUSSIS TOXIN (SUBUNIT S5)'
#
loop_
_entity_poly.entity_id
_entity_poly.type
_entity_poly.pdbx_seq_one_letter_code
_entity_poly.pdbx_strand_id
1 'polypeptide(L)'
;DPPATVYRYDSRPPEDVFQNGFTAWGNNDNVLEHLTGRSCQVGSSNSAFVSTSSSRRYTEVYLEHRMQEAVEAERAGRGT
GHFIGYIYEVRADNNFYGAASSYFEYVDTYGDNAGRILAGALATYQSEYLAHRRIPPENIRRVTRVYHNGITGETTTTEY
SNARYVSQQTRANPNPYTSRRSVASIVGTLVRMAPVVGACMARQAESSEAMAAWSERAGEAMVLVYYESIAYSF
;
A,G
2 'polypeptide(L)'
;GIVIPPQEQITQHGSPYGRCANKTRALTVAELRGSGDLQEYLRHVTRGWSIFALYDGTYLGGEYGGVIKDGTPGGAFDLK
TTFCIMTTRNTGQPATDHYYSNVTATRLLSSTNSRLCAVFVRSGQPVIGACTSPYDGKYWSMYSRLRKMLYLIYVAGISV
RVHVSKEEQYYDYEDATFETYALTGISICNPGSSLC
;
B,H
3 'polypeptide(L)'
;GIVIPPKALFTQQGGAYGRCPNGTRALTVAELRGNAELQTYLRQITPGWSIYGLYDGTYLGQAYGGIIKDAPPGAGFIYR
ETFCITTIYKTGQPAADHYYSKVTATRLLASTNSRLCAVFVRDGQSVIGACASPYEGRYRDMYDALRRLLYMIYMSGLAV
RVHVSKEEQYYDYEDATFQTYALTGISLCNPAASIC
;
C,I
4 'polypeptide(L)'
;DVPYVLVKTNMVVTSVAMKPYEVTPTRMLVCGIAAKLGAAASSPDAHVPFCFGKDLKRPGSSPMEVMLRAVFMQQRPLRM
FLGPKQLTFEGKPALELIRMVECSGKQDCP
;
D,E,J,K
5 'polypeptide(L)'
;LPTHLYKNFTVQELALKLKGKNQEFCLTAFMSGRSLVRACLSDAGHEHDTWFDTMLGFAISAYALKSRIALTVEDSPYPG
TPGDLLELQICPLNGYCE
;
F,L
#
# COMPACT_ATOMS: atom_id res chain seq x y z
N ASP A 1 -1.10 39.84 32.25
CA ASP A 1 -0.94 41.30 32.21
C ASP A 1 0.51 41.78 32.24
N PRO A 2 0.85 42.79 31.40
CA PRO A 2 2.22 43.26 31.40
C PRO A 2 2.59 43.80 32.77
N PRO A 3 3.74 43.35 33.28
CA PRO A 3 4.13 43.84 34.60
C PRO A 3 4.42 45.34 34.45
N ALA A 4 4.24 46.07 35.55
CA ALA A 4 4.51 47.50 35.57
C ALA A 4 5.92 47.77 36.09
N THR A 5 6.35 46.94 37.02
CA THR A 5 7.67 47.07 37.61
C THR A 5 8.59 45.96 37.16
N VAL A 6 9.81 46.30 36.79
CA VAL A 6 10.78 45.29 36.43
C VAL A 6 12.01 45.66 37.25
N TYR A 7 12.95 44.73 37.38
CA TYR A 7 14.15 44.93 38.17
C TYR A 7 15.39 44.82 37.31
N ARG A 8 16.52 45.20 37.87
CA ARG A 8 17.77 45.15 37.16
C ARG A 8 18.89 45.15 38.17
N TYR A 9 19.68 44.09 38.21
CA TYR A 9 20.80 44.06 39.13
C TYR A 9 21.86 44.79 38.35
N ASP A 10 22.71 45.51 39.04
CA ASP A 10 23.75 46.25 38.39
C ASP A 10 24.78 46.62 39.40
N SER A 11 25.96 46.92 38.91
CA SER A 11 27.06 47.32 39.76
C SER A 11 27.22 48.83 39.73
N ARG A 12 26.48 49.50 38.84
CA ARG A 12 26.55 50.94 38.77
C ARG A 12 25.72 51.47 39.94
N PRO A 13 26.22 52.52 40.62
CA PRO A 13 25.59 53.17 41.77
C PRO A 13 24.57 54.25 41.37
N PRO A 14 23.67 54.59 42.29
CA PRO A 14 22.61 55.57 42.12
C PRO A 14 22.95 56.91 41.55
N GLU A 15 24.06 57.50 41.99
CA GLU A 15 24.42 58.82 41.50
C GLU A 15 24.43 58.98 40.00
N ASP A 16 24.80 57.94 39.25
CA ASP A 16 24.74 58.09 37.80
C ASP A 16 23.50 57.42 37.23
N VAL A 17 23.17 56.23 37.74
CA VAL A 17 21.99 55.53 37.23
C VAL A 17 20.75 56.44 37.33
N PHE A 18 20.55 57.11 38.47
CA PHE A 18 19.40 57.99 38.65
C PHE A 18 19.49 59.19 37.74
N GLN A 19 20.70 59.54 37.33
CA GLN A 19 20.85 60.70 36.49
C GLN A 19 20.82 60.38 35.03
N ASN A 20 21.21 59.16 34.66
CA ASN A 20 21.23 58.80 33.23
C ASN A 20 20.83 57.39 32.81
N GLY A 21 20.00 56.73 33.60
CA GLY A 21 19.50 55.39 33.32
C GLY A 21 20.44 54.41 32.64
N PHE A 22 19.89 53.56 31.79
CA PHE A 22 20.74 52.61 31.08
C PHE A 22 20.46 52.75 29.60
N THR A 23 21.48 52.53 28.79
CA THR A 23 21.35 52.60 27.34
C THR A 23 21.89 51.32 26.68
N ALA A 24 21.13 50.71 25.78
CA ALA A 24 21.54 49.47 25.11
C ALA A 24 22.88 49.61 24.43
N TRP A 25 23.61 48.50 24.33
CA TRP A 25 24.95 48.50 23.73
C TRP A 25 25.04 49.00 22.31
N GLY A 26 23.99 48.75 21.52
CA GLY A 26 23.94 49.18 20.13
C GLY A 26 22.58 49.04 19.49
N ASN A 27 22.58 48.94 18.17
CA ASN A 27 21.35 48.84 17.38
C ASN A 27 20.84 47.46 16.98
N ASN A 28 21.66 46.43 17.16
CA ASN A 28 21.24 45.10 16.78
C ASN A 28 20.01 44.78 17.58
N ASP A 29 18.84 44.84 16.96
CA ASP A 29 17.62 44.57 17.72
C ASP A 29 17.02 43.21 17.41
N ASN A 30 17.89 42.31 16.98
CA ASN A 30 17.43 40.98 16.64
C ASN A 30 17.18 40.09 17.86
N VAL A 31 15.90 39.83 18.12
CA VAL A 31 15.47 39.03 19.25
C VAL A 31 16.15 37.68 19.53
N LEU A 32 16.77 37.08 18.55
CA LEU A 32 17.37 35.79 18.83
C LEU A 32 18.82 35.94 19.20
N GLU A 33 19.51 36.86 18.56
CA GLU A 33 20.91 37.07 18.88
C GLU A 33 21.00 37.49 20.35
N HIS A 34 20.04 38.31 20.76
CA HIS A 34 19.99 38.73 22.15
C HIS A 34 19.70 37.52 23.03
N LEU A 35 18.53 36.90 22.91
CA LEU A 35 18.18 35.73 23.74
C LEU A 35 19.22 34.61 23.73
N THR A 36 19.97 34.52 22.64
CA THR A 36 21.00 33.51 22.50
C THR A 36 22.37 34.02 22.99
N GLY A 37 22.41 35.28 23.38
CA GLY A 37 23.63 35.84 23.91
C GLY A 37 24.65 36.33 22.91
N ARG A 38 24.39 36.09 21.65
CA ARG A 38 25.31 36.50 20.62
C ARG A 38 25.52 38.00 20.54
N SER A 39 24.48 38.79 20.75
CA SER A 39 24.64 40.27 20.68
C SER A 39 25.09 40.90 22.01
N CYS A 40 25.60 40.07 22.92
CA CYS A 40 26.08 40.47 24.25
C CYS A 40 27.45 39.84 24.45
N GLN A 41 27.80 39.00 23.50
CA GLN A 41 29.05 38.27 23.52
C GLN A 41 30.20 39.23 23.55
N VAL A 42 31.28 38.77 24.13
CA VAL A 42 32.46 39.62 24.20
C VAL A 42 32.91 39.93 22.77
N GLY A 43 32.89 41.20 22.41
CA GLY A 43 33.31 41.58 21.07
C GLY A 43 32.24 41.49 20.00
N SER A 44 30.98 41.41 20.42
CA SER A 44 29.87 41.35 19.50
C SER A 44 28.68 41.99 20.23
N SER A 45 28.99 42.87 21.17
CA SER A 45 27.97 43.49 21.96
C SER A 45 27.37 44.67 21.22
N ASN A 46 26.08 44.56 20.91
CA ASN A 46 25.38 45.61 20.20
C ASN A 46 23.86 45.53 20.33
N SER A 47 23.37 44.66 21.20
CA SER A 47 21.94 44.53 21.37
C SER A 47 21.28 45.85 21.71
N ALA A 48 20.22 46.17 20.98
CA ALA A 48 19.49 47.40 21.23
C ALA A 48 18.50 47.05 22.33
N PHE A 49 18.99 46.37 23.35
CA PHE A 49 18.13 45.96 24.44
C PHE A 49 18.81 46.03 25.79
N VAL A 50 18.04 46.50 26.76
CA VAL A 50 18.52 46.57 28.10
C VAL A 50 17.82 45.47 28.85
N SER A 51 18.59 44.51 29.30
CA SER A 51 18.07 43.35 30.02
C SER A 51 17.53 43.84 31.36
N THR A 52 16.33 43.34 31.74
CA THR A 52 15.64 43.61 32.98
C THR A 52 14.85 42.34 33.30
N SER A 53 14.33 42.20 34.51
CA SER A 53 13.58 41.00 34.85
C SER A 53 12.38 41.39 35.67
N SER A 54 11.21 40.87 35.33
CA SER A 54 10.02 41.20 36.07
C SER A 54 10.01 40.47 37.41
N SER A 55 11.12 39.79 37.72
CA SER A 55 11.20 39.05 38.96
C SER A 55 12.25 39.56 39.91
N ARG A 56 11.83 40.21 41.01
CA ARG A 56 12.80 40.72 41.94
C ARG A 56 13.57 39.58 42.53
N ARG A 57 12.85 38.51 42.87
CA ARG A 57 13.48 37.33 43.46
C ARG A 57 14.65 36.85 42.61
N TYR A 58 14.46 36.88 41.30
CA TYR A 58 15.51 36.42 40.40
C TYR A 58 16.75 37.26 40.60
N THR A 59 16.60 38.57 40.58
CA THR A 59 17.76 39.43 40.74
C THR A 59 18.37 39.26 42.12
N GLU A 60 17.54 39.15 43.16
CA GLU A 60 18.06 38.99 44.53
C GLU A 60 19.03 37.81 44.63
N VAL A 61 18.63 36.71 44.04
CA VAL A 61 19.43 35.50 44.03
C VAL A 61 20.75 35.65 43.27
N TYR A 62 20.70 36.36 42.15
CA TYR A 62 21.90 36.56 41.36
C TYR A 62 22.90 37.28 42.25
N LEU A 63 22.45 38.43 42.78
CA LEU A 63 23.25 39.29 43.63
C LEU A 63 23.78 38.45 44.78
N GLU A 64 22.88 37.73 45.44
CA GLU A 64 23.23 36.87 46.57
C GLU A 64 24.43 36.01 46.24
N HIS A 65 24.50 35.53 45.01
CA HIS A 65 25.59 34.68 44.62
C HIS A 65 26.80 35.39 44.15
N ARG A 66 26.63 36.55 43.54
CA ARG A 66 27.77 37.35 43.10
C ARG A 66 28.56 37.74 44.34
N MET A 67 27.83 38.01 45.41
CA MET A 67 28.40 38.36 46.66
C MET A 67 29.20 37.20 47.20
N GLN A 68 28.59 36.03 47.27
CA GLN A 68 29.30 34.86 47.77
C GLN A 68 30.56 34.64 46.97
N GLU A 69 30.54 35.03 45.72
CA GLU A 69 31.75 34.86 44.93
C GLU A 69 32.82 35.68 45.59
N ALA A 70 32.48 36.87 46.05
CA ALA A 70 33.48 37.73 46.73
C ALA A 70 34.13 37.07 47.94
N VAL A 71 33.32 36.42 48.76
CA VAL A 71 33.85 35.75 49.93
C VAL A 71 34.78 34.65 49.48
N GLU A 72 34.38 33.92 48.44
CA GLU A 72 35.20 32.83 47.92
C GLU A 72 36.52 33.38 47.37
N ALA A 73 36.46 34.46 46.59
CA ALA A 73 37.67 35.02 46.01
C ALA A 73 38.64 35.41 47.10
N GLU A 74 38.12 36.05 48.15
CA GLU A 74 38.92 36.49 49.28
C GLU A 74 39.58 35.27 49.91
N ARG A 75 38.83 34.18 50.08
CA ARG A 75 39.41 32.96 50.66
C ARG A 75 40.54 32.42 49.80
N ALA A 76 40.45 32.66 48.50
CA ALA A 76 41.48 32.19 47.59
C ALA A 76 42.60 33.18 47.55
N GLY A 77 42.37 34.36 48.09
CA GLY A 77 43.41 35.39 48.07
C GLY A 77 43.35 36.31 46.86
N ARG A 78 42.24 36.34 46.14
CA ARG A 78 42.15 37.20 44.98
C ARG A 78 41.22 38.34 45.27
N GLY A 79 40.96 38.61 46.54
CA GLY A 79 40.07 39.70 46.86
C GLY A 79 40.04 40.20 48.29
N THR A 80 39.32 41.29 48.47
CA THR A 80 39.17 41.90 49.79
C THR A 80 38.01 41.22 50.51
N GLY A 81 36.99 40.82 49.76
CA GLY A 81 35.84 40.16 50.35
C GLY A 81 34.67 41.12 50.48
N HIS A 82 34.85 42.32 49.96
CA HIS A 82 33.80 43.28 50.10
C HIS A 82 33.04 43.41 48.85
N PHE A 83 31.71 43.55 48.99
CA PHE A 83 30.83 43.60 47.84
C PHE A 83 29.75 44.63 47.98
N ILE A 84 29.49 45.31 46.89
CA ILE A 84 28.42 46.30 46.86
C ILE A 84 27.65 46.00 45.59
N GLY A 85 26.37 45.63 45.71
CA GLY A 85 25.55 45.37 44.54
C GLY A 85 24.26 46.16 44.66
N TYR A 86 23.63 46.48 43.54
CA TYR A 86 22.37 47.23 43.55
C TYR A 86 21.25 46.58 42.71
N ILE A 87 20.00 46.75 43.12
CA ILE A 87 18.86 46.24 42.37
C ILE A 87 17.97 47.46 42.12
N TYR A 88 17.84 47.89 40.87
CA TYR A 88 17.00 49.04 40.55
C TYR A 88 15.58 48.66 40.20
N GLU A 89 14.62 49.39 40.73
CA GLU A 89 13.19 49.16 40.50
C GLU A 89 12.83 50.08 39.36
N VAL A 90 12.20 49.54 38.33
CA VAL A 90 11.88 50.30 37.14
C VAL A 90 10.44 50.29 36.69
N ARG A 91 9.96 51.45 36.23
CA ARG A 91 8.58 51.56 35.76
C ARG A 91 8.66 51.16 34.33
N ALA A 92 7.92 50.11 34.02
CA ALA A 92 7.89 49.54 32.67
C ALA A 92 6.86 50.28 31.86
N ASP A 93 7.13 50.38 30.57
CA ASP A 93 6.22 51.02 29.65
C ASP A 93 6.13 50.17 28.39
N ASN A 94 5.73 50.78 27.28
CA ASN A 94 5.61 50.04 26.04
C ASN A 94 6.94 49.61 25.51
N ASN A 95 7.94 50.43 25.71
CA ASN A 95 9.27 50.11 25.23
C ASN A 95 9.89 48.89 25.98
N PHE A 96 9.06 48.18 26.73
CA PHE A 96 9.53 47.05 27.47
C PHE A 96 8.79 45.89 26.92
N TYR A 97 9.52 44.95 26.31
CA TYR A 97 8.89 43.76 25.74
C TYR A 97 9.39 42.48 26.40
N GLY A 98 8.48 41.50 26.56
CA GLY A 98 8.80 40.21 27.17
C GLY A 98 9.71 39.31 26.32
N ALA A 99 10.80 38.82 26.91
CA ALA A 99 11.72 37.99 26.18
C ALA A 99 11.04 36.76 25.61
N ALA A 100 10.40 35.98 26.48
CA ALA A 100 9.74 34.76 26.03
C ALA A 100 8.81 35.00 24.84
N SER A 101 7.73 35.73 25.09
CA SER A 101 6.75 36.04 24.07
C SER A 101 7.44 36.43 22.78
N SER A 102 8.47 37.25 22.86
CA SER A 102 9.18 37.66 21.66
C SER A 102 9.86 36.46 20.99
N TYR A 103 10.46 35.59 21.81
CA TYR A 103 11.16 34.44 21.28
C TYR A 103 10.20 33.59 20.53
N PHE A 104 9.15 33.17 21.22
CA PHE A 104 8.16 32.32 20.59
C PHE A 104 7.67 32.90 19.29
N GLU A 105 7.20 34.14 19.29
CA GLU A 105 6.77 34.76 18.05
C GLU A 105 7.86 34.56 17.02
N TYR A 106 9.10 34.98 17.32
CA TYR A 106 10.19 34.79 16.37
C TYR A 106 10.20 33.35 15.80
N VAL A 107 10.08 32.35 16.68
CA VAL A 107 10.08 30.98 16.21
C VAL A 107 8.82 30.61 15.42
N ASP A 108 7.70 31.21 15.79
CA ASP A 108 6.42 30.96 15.13
C ASP A 108 6.32 31.78 13.86
N THR A 109 7.45 32.27 13.38
CA THR A 109 7.41 33.07 12.18
C THR A 109 8.46 32.52 11.27
N TYR A 110 9.63 32.23 11.81
CA TYR A 110 10.72 31.71 10.99
C TYR A 110 10.91 30.20 11.13
N GLY A 111 9.99 29.56 11.86
CA GLY A 111 10.09 28.12 12.03
C GLY A 111 11.04 27.58 13.09
N ASP A 112 10.57 26.51 13.70
CA ASP A 112 11.28 25.81 14.76
C ASP A 112 12.80 25.71 14.73
N ASN A 113 13.37 25.32 13.60
CA ASN A 113 14.81 25.17 13.46
C ASN A 113 15.48 26.51 13.48
N ALA A 114 14.66 27.55 13.49
CA ALA A 114 15.15 28.92 13.52
C ALA A 114 15.46 29.33 14.96
N GLY A 115 14.84 28.65 15.91
CA GLY A 115 15.03 28.93 17.32
C GLY A 115 15.96 27.94 17.96
N ARG A 116 16.11 28.02 19.29
CA ARG A 116 16.98 27.13 20.03
C ARG A 116 16.27 26.92 21.32
N ILE A 117 15.81 25.69 21.49
CA ILE A 117 15.03 25.25 22.63
C ILE A 117 15.35 25.90 24.01
N LEU A 118 16.58 25.77 24.50
CA LEU A 118 16.96 26.34 25.78
C LEU A 118 16.95 27.86 25.77
N ALA A 119 17.21 28.47 24.61
CA ALA A 119 17.22 29.93 24.52
C ALA A 119 15.91 30.47 24.97
N GLY A 120 14.87 29.69 24.79
CA GLY A 120 13.55 30.11 25.21
C GLY A 120 13.29 29.64 26.62
N ALA A 121 13.89 28.53 27.03
CA ALA A 121 13.70 27.98 28.38
C ALA A 121 14.22 29.00 29.35
N LEU A 122 15.36 29.59 28.95
CA LEU A 122 16.06 30.64 29.70
C LEU A 122 15.15 31.85 29.83
N ALA A 123 14.76 32.43 28.70
CA ALA A 123 13.90 33.61 28.69
C ALA A 123 12.74 33.48 29.65
N THR A 124 12.27 32.26 29.85
CA THR A 124 11.18 32.06 30.78
C THR A 124 11.81 32.06 32.15
N TYR A 125 12.83 31.25 32.33
CA TYR A 125 13.51 31.16 33.61
C TYR A 125 13.91 32.52 34.20
N GLN A 126 14.27 33.48 33.35
CA GLN A 126 14.72 34.81 33.82
C GLN A 126 13.66 35.87 33.88
N SER A 127 12.53 35.62 33.29
CA SER A 127 11.47 36.62 33.32
C SER A 127 12.04 37.88 32.69
N GLU A 128 12.87 37.69 31.66
CA GLU A 128 13.51 38.82 31.04
C GLU A 128 12.58 39.71 30.24
N TYR A 129 12.69 41.01 30.45
CA TYR A 129 11.96 41.99 29.68
C TYR A 129 13.02 42.81 28.98
N LEU A 130 12.72 43.21 27.76
CA LEU A 130 13.67 43.90 26.94
C LEU A 130 13.32 45.34 26.74
N ALA A 131 14.17 46.21 27.27
CA ALA A 131 13.96 47.64 27.13
C ALA A 131 14.65 47.96 25.83
N HIS A 132 13.85 48.32 24.84
CA HIS A 132 14.41 48.61 23.56
C HIS A 132 15.17 49.94 23.50
N ARG A 133 16.47 49.87 23.29
CA ARG A 133 17.30 51.06 23.14
C ARG A 133 17.70 51.78 24.39
N ARG A 134 16.85 51.72 25.40
CA ARG A 134 17.03 52.90 26.40
C ARG A 134 15.98 52.84 27.49
N ILE A 135 16.45 52.86 28.73
CA ILE A 135 15.63 52.86 29.90
C ILE A 135 16.18 54.11 30.63
N PRO A 136 15.44 55.24 30.53
CA PRO A 136 15.67 56.60 31.06
C PRO A 136 15.47 56.78 32.58
N PRO A 137 16.25 57.70 33.18
CA PRO A 137 16.15 57.94 34.62
C PRO A 137 14.72 58.22 35.13
N GLU A 138 13.91 58.94 34.36
CA GLU A 138 12.53 59.25 34.74
C GLU A 138 11.72 58.00 35.07
N ASN A 139 12.25 56.84 34.72
CA ASN A 139 11.59 55.54 34.91
C ASN A 139 12.09 54.70 36.10
N ILE A 140 13.34 54.97 36.51
CA ILE A 140 14.00 54.28 37.63
C ILE A 140 13.41 54.92 38.85
N ARG A 141 12.80 54.11 39.71
CA ARG A 141 12.14 54.64 40.89
C ARG A 141 12.86 54.57 42.19
N ARG A 142 13.44 53.43 42.48
CA ARG A 142 14.09 53.27 43.74
C ARG A 142 15.27 52.34 43.49
N VAL A 143 16.07 52.08 44.51
CA VAL A 143 17.19 51.18 44.37
C VAL A 143 17.58 50.59 45.70
N THR A 144 18.09 49.39 45.68
CA THR A 144 18.48 48.74 46.94
C THR A 144 19.98 48.46 46.89
N ARG A 145 20.71 49.13 47.74
CA ARG A 145 22.14 48.92 47.79
C ARG A 145 22.42 47.83 48.81
N VAL A 146 23.35 46.95 48.47
CA VAL A 146 23.72 45.85 49.34
C VAL A 146 25.21 45.78 49.51
N TYR A 147 25.66 45.83 50.74
CA TYR A 147 27.07 45.76 50.99
C TYR A 147 27.30 44.57 51.89
N HIS A 148 28.37 43.84 51.64
CA HIS A 148 28.65 42.71 52.48
C HIS A 148 30.10 42.72 52.76
N ASN A 149 30.41 42.63 54.05
CA ASN A 149 31.77 42.55 54.50
C ASN A 149 31.92 41.04 54.51
N GLY A 150 32.75 40.51 53.61
CA GLY A 150 32.92 39.07 53.51
C GLY A 150 33.61 38.41 54.67
N ILE A 151 34.55 39.16 55.22
CA ILE A 151 35.35 38.71 56.33
C ILE A 151 34.62 38.63 57.66
N THR A 152 33.73 39.59 57.92
CA THR A 152 32.96 39.64 59.18
C THR A 152 31.60 39.02 58.97
N GLY A 153 31.14 39.09 57.73
CA GLY A 153 29.86 38.53 57.37
C GLY A 153 28.71 39.50 57.48
N GLU A 154 29.01 40.80 57.51
CA GLU A 154 27.98 41.82 57.63
C GLU A 154 27.34 42.20 56.32
N THR A 155 26.02 42.32 56.33
CA THR A 155 25.30 42.70 55.14
C THR A 155 24.50 43.95 55.48
N THR A 156 24.60 44.96 54.63
CA THR A 156 23.93 46.22 54.83
C THR A 156 23.07 46.65 53.66
N THR A 157 21.77 46.57 53.87
CA THR A 157 20.76 46.92 52.90
C THR A 157 20.39 48.39 53.12
N THR A 158 20.25 49.18 52.06
CA THR A 158 19.87 50.58 52.17
C THR A 158 19.14 50.96 50.87
N GLU A 159 18.01 51.65 50.95
CA GLU A 159 17.24 52.06 49.76
C GLU A 159 17.49 53.53 49.48
N TYR A 160 17.21 53.98 48.27
CA TYR A 160 17.41 55.38 47.89
C TYR A 160 16.37 55.63 46.83
N SER A 161 15.77 56.80 46.83
CA SER A 161 14.76 57.07 45.82
C SER A 161 15.27 58.08 44.84
N ASN A 162 14.94 57.91 43.56
CA ASN A 162 15.37 58.84 42.53
C ASN A 162 14.31 59.89 42.38
N ALA A 163 14.70 61.14 42.54
CA ALA A 163 13.79 62.27 42.47
C ALA A 163 13.28 62.46 41.07
N ARG A 164 14.20 62.32 40.12
CA ARG A 164 13.86 62.48 38.71
C ARG A 164 12.72 61.53 38.28
N TYR A 165 12.51 60.48 39.07
CA TYR A 165 11.48 59.52 38.77
C TYR A 165 10.17 60.20 38.53
N VAL A 166 9.68 60.05 37.33
CA VAL A 166 8.41 60.60 36.93
C VAL A 166 7.41 59.46 37.09
N SER A 167 6.27 59.74 37.71
CA SER A 167 5.24 58.73 37.89
C SER A 167 4.27 58.74 36.71
N GLN A 168 3.82 57.55 36.34
CA GLN A 168 2.91 57.37 35.23
C GLN A 168 2.20 56.07 35.52
N GLN A 169 1.06 55.86 34.88
CA GLN A 169 0.35 54.61 35.06
C GLN A 169 0.58 53.86 33.76
N THR A 170 1.69 53.13 33.73
CA THR A 170 2.10 52.36 32.55
C THR A 170 2.45 50.92 32.92
N ARG A 171 2.80 50.13 31.90
CA ARG A 171 3.21 48.73 32.06
C ARG A 171 3.90 48.28 30.79
N ALA A 172 4.48 47.09 30.82
CA ALA A 172 5.19 46.56 29.68
C ALA A 172 4.30 46.46 28.47
N ASN A 173 4.92 46.46 27.31
CA ASN A 173 4.13 46.33 26.12
C ASN A 173 3.52 44.92 26.09
N PRO A 174 2.22 44.79 25.77
CA PRO A 174 1.60 43.46 25.73
C PRO A 174 1.89 42.67 24.45
N ASN A 175 2.45 43.34 23.46
CA ASN A 175 2.75 42.72 22.18
C ASN A 175 4.22 42.35 22.04
N PRO A 176 4.52 41.18 21.44
CA PRO A 176 5.88 40.69 21.23
C PRO A 176 6.73 41.62 20.38
N TYR A 177 8.03 41.63 20.64
CA TYR A 177 8.92 42.44 19.86
C TYR A 177 9.21 41.59 18.67
N THR A 178 9.35 42.22 17.52
CA THR A 178 9.59 41.46 16.30
C THR A 178 10.81 41.88 15.55
N SER A 179 11.50 40.92 14.96
CA SER A 179 12.69 41.22 14.19
C SER A 179 12.77 40.26 13.03
N ARG A 180 13.63 40.57 12.08
CA ARG A 180 13.82 39.74 10.91
C ARG A 180 14.64 38.52 11.29
N ARG A 181 14.69 37.54 10.41
CA ARG A 181 15.46 36.33 10.70
C ARG A 181 16.90 36.73 10.93
N SER A 182 17.57 36.03 11.83
CA SER A 182 18.97 36.29 12.11
C SER A 182 19.73 35.67 10.98
N VAL A 183 20.86 36.27 10.64
CA VAL A 183 21.70 35.73 9.58
C VAL A 183 23.04 35.54 10.24
N ALA A 184 23.04 34.79 11.33
CA ALA A 184 24.27 34.56 12.05
C ALA A 184 24.41 33.10 12.43
N SER A 185 25.65 32.68 12.55
CA SER A 185 25.92 31.32 12.93
C SER A 185 25.74 31.26 14.43
N ILE A 186 24.70 30.60 14.91
CA ILE A 186 24.51 30.55 16.34
C ILE A 186 24.72 29.13 16.85
N VAL A 187 25.86 28.90 17.49
CA VAL A 187 26.15 27.57 17.99
C VAL A 187 25.21 27.16 19.09
N GLY A 188 24.76 28.13 19.90
CA GLY A 188 23.83 27.81 20.99
C GLY A 188 23.68 28.90 22.02
N THR A 189 22.93 28.60 23.08
CA THR A 189 22.65 29.53 24.20
C THR A 189 23.80 29.84 25.16
N LEU A 190 24.26 31.07 25.13
CA LEU A 190 25.34 31.55 25.99
C LEU A 190 24.77 31.89 27.38
N VAL A 191 25.30 31.21 28.37
CA VAL A 191 24.80 31.35 29.68
C VAL A 191 25.99 31.51 30.62
N ARG A 192 25.79 32.11 31.79
CA ARG A 192 26.89 32.25 32.76
C ARG A 192 26.53 31.22 33.80
N MET A 193 27.49 30.58 34.46
CA MET A 193 27.17 29.46 35.35
C MET A 193 27.05 29.95 36.80
N ALA A 194 26.48 28.95 37.60
CA ALA A 194 26.35 29.05 39.04
C ALA A 194 25.79 30.33 39.67
N PRO A 195 24.50 30.65 39.48
CA PRO A 195 23.42 29.98 38.78
C PRO A 195 23.46 30.35 37.31
N VAL A 196 22.69 29.63 36.52
CA VAL A 196 22.67 29.85 35.09
C VAL A 196 22.05 31.17 34.82
N VAL A 197 22.73 32.04 34.10
CA VAL A 197 22.16 33.34 33.82
C VAL A 197 22.44 33.80 32.41
N GLY A 198 21.46 34.47 31.82
CA GLY A 198 21.61 35.01 30.48
C GLY A 198 22.85 35.89 30.38
N ALA A 199 23.59 35.74 29.30
CA ALA A 199 24.78 36.53 29.08
C ALA A 199 24.44 38.00 28.96
N CYS A 200 23.36 38.36 28.31
CA CYS A 200 23.05 39.78 28.26
C CYS A 200 22.89 40.33 29.68
N MET A 201 22.04 39.72 30.46
CA MET A 201 21.72 40.15 31.83
C MET A 201 23.03 40.30 32.58
N ALA A 202 23.80 39.05 32.58
CA ALA A 202 25.00 38.96 33.42
C ALA A 202 25.99 40.03 33.04
N ARG A 203 26.21 40.13 31.74
CA ARG A 203 27.18 41.03 31.15
C ARG A 203 26.83 42.48 31.18
N GLN A 204 25.55 42.81 31.01
CA GLN A 204 25.21 44.20 31.03
C GLN A 204 25.40 44.78 32.44
N ALA A 205 25.45 43.92 33.44
CA ALA A 205 25.57 44.35 34.81
C ALA A 205 26.99 44.60 35.28
N GLU A 206 27.91 44.96 34.38
CA GLU A 206 29.28 45.23 34.82
C GLU A 206 29.78 46.61 34.40
N SER A 207 30.87 47.07 35.02
CA SER A 207 31.41 48.39 34.70
C SER A 207 32.87 48.56 35.15
N SER A 208 33.27 49.82 35.33
CA SER A 208 34.63 50.17 35.77
C SER A 208 34.62 50.77 37.18
N GLU A 209 34.73 49.88 38.17
CA GLU A 209 34.76 50.27 39.57
C GLU A 209 35.10 49.05 40.45
N GLU A 220 38.78 41.08 34.68
CA GLU A 220 38.66 39.72 34.16
C GLU A 220 37.45 39.54 33.24
N ALA A 221 37.53 38.50 32.40
CA ALA A 221 36.47 38.20 31.46
C ALA A 221 35.44 37.28 32.12
N MET A 222 34.17 37.53 31.81
CA MET A 222 33.09 36.71 32.36
C MET A 222 33.11 35.41 31.61
N VAL A 223 33.16 34.29 32.32
CA VAL A 223 33.17 33.00 31.66
C VAL A 223 31.78 32.56 31.23
N LEU A 224 31.54 32.81 29.95
CA LEU A 224 30.31 32.47 29.25
C LEU A 224 30.44 31.04 28.68
N VAL A 225 29.36 30.29 28.71
CA VAL A 225 29.33 28.89 28.30
C VAL A 225 28.00 28.53 27.58
N TYR A 226 28.00 27.50 26.73
CA TYR A 226 26.76 27.09 26.02
C TYR A 226 25.86 26.19 26.86
N TYR A 227 24.70 26.71 27.21
CA TYR A 227 23.77 25.99 28.03
C TYR A 227 23.62 24.52 27.55
N GLU A 228 23.58 24.36 26.23
CA GLU A 228 23.43 23.07 25.60
C GLU A 228 24.50 22.06 25.97
N SER A 229 25.70 22.54 26.20
CA SER A 229 26.78 21.63 26.53
C SER A 229 26.76 21.08 27.94
N ILE A 230 25.89 21.56 28.80
CA ILE A 230 25.91 21.04 30.16
C ILE A 230 24.55 20.79 30.70
N ALA A 231 23.54 21.17 29.90
CA ALA A 231 22.14 20.96 30.28
C ALA A 231 21.83 19.48 30.38
N TYR A 232 22.76 18.62 29.98
CA TYR A 232 22.62 17.16 30.04
C TYR A 232 23.89 16.60 30.68
N SER A 233 23.72 15.52 31.44
CA SER A 233 24.85 14.88 32.12
C SER A 233 25.78 14.38 31.03
N PHE A 234 26.97 14.00 31.44
CA PHE A 234 27.91 13.43 30.50
C PHE A 234 28.09 11.96 30.88
N GLY B 1 29.68 11.73 -8.33
CA GLY B 1 30.72 11.43 -7.35
C GLY B 1 30.16 10.86 -6.06
N ILE B 2 29.61 9.65 -6.15
CA ILE B 2 28.97 8.97 -5.05
C ILE B 2 29.64 7.66 -4.75
N VAL B 3 29.39 7.19 -3.54
CA VAL B 3 29.94 5.95 -3.11
C VAL B 3 28.97 4.84 -3.48
N ILE B 4 29.44 3.86 -4.26
CA ILE B 4 28.58 2.75 -4.63
C ILE B 4 28.80 1.48 -3.81
N PRO B 5 27.74 1.02 -3.21
CA PRO B 5 27.86 -0.20 -2.39
C PRO B 5 28.20 -1.41 -3.23
N PRO B 6 29.20 -2.17 -2.79
CA PRO B 6 29.63 -3.39 -3.49
C PRO B 6 28.47 -4.37 -3.64
N GLN B 7 28.55 -5.21 -4.66
CA GLN B 7 27.50 -6.16 -4.91
C GLN B 7 27.12 -6.98 -3.68
N GLU B 8 28.09 -7.33 -2.86
CA GLU B 8 27.77 -8.16 -1.71
C GLU B 8 27.01 -7.44 -0.61
N GLN B 9 26.89 -6.13 -0.74
CA GLN B 9 26.19 -5.36 0.27
C GLN B 9 24.71 -5.49 0.03
N ILE B 10 24.26 -6.69 -0.33
CA ILE B 10 22.86 -6.83 -0.63
C ILE B 10 22.20 -8.06 -0.04
N THR B 11 20.98 -7.83 0.42
CA THR B 11 20.16 -8.83 1.06
C THR B 11 19.76 -9.89 0.05
N GLN B 12 19.65 -11.13 0.51
CA GLN B 12 19.23 -12.21 -0.36
C GLN B 12 17.79 -11.91 -0.76
N HIS B 13 16.92 -11.77 0.23
CA HIS B 13 15.52 -11.46 -0.02
C HIS B 13 15.30 -10.03 0.41
N GLY B 14 14.67 -9.24 -0.44
CA GLY B 14 14.40 -7.86 -0.09
C GLY B 14 13.39 -7.83 1.03
N SER B 15 13.03 -6.65 1.49
CA SER B 15 12.09 -6.59 2.60
C SER B 15 10.73 -5.98 2.28
N PRO B 16 9.72 -6.32 3.07
CA PRO B 16 8.33 -5.84 2.95
C PRO B 16 8.03 -4.51 3.65
N TYR B 17 7.00 -3.84 3.15
CA TYR B 17 6.52 -2.57 3.68
C TYR B 17 7.62 -1.52 3.87
N GLY B 18 8.63 -1.53 3.02
CA GLY B 18 9.72 -0.57 3.18
C GLY B 18 10.55 -0.72 4.45
N ARG B 19 10.32 -1.81 5.19
CA ARG B 19 11.02 -2.02 6.44
C ARG B 19 12.29 -2.80 6.30
N CYS B 20 13.35 -2.16 5.80
CA CYS B 20 14.64 -2.87 5.68
C CYS B 20 15.05 -3.26 7.09
N ALA B 21 15.54 -4.47 7.27
CA ALA B 21 15.90 -4.92 8.61
C ALA B 21 16.94 -4.07 9.31
N ASN B 22 17.06 -4.30 10.60
CA ASN B 22 18.07 -3.59 11.36
C ASN B 22 19.39 -3.96 10.73
N LYS B 23 20.32 -3.02 10.76
CA LYS B 23 21.66 -3.19 10.24
C LYS B 23 21.73 -3.15 8.72
N THR B 24 20.58 -2.95 8.09
CA THR B 24 20.49 -2.84 6.62
C THR B 24 19.69 -1.59 6.31
N ARG B 25 19.67 -1.18 5.04
CA ARG B 25 18.92 0.00 4.67
C ARG B 25 18.67 0.03 3.17
N ALA B 26 17.54 0.63 2.77
CA ALA B 26 17.13 0.72 1.36
C ALA B 26 18.17 1.28 0.40
N LEU B 27 18.28 0.64 -0.79
CA LEU B 27 19.21 1.06 -1.86
C LEU B 27 18.65 2.26 -2.59
N THR B 28 19.49 3.20 -2.95
CA THR B 28 18.94 4.34 -3.65
C THR B 28 18.95 4.07 -5.12
N VAL B 29 18.37 5.02 -5.83
CA VAL B 29 18.24 5.06 -7.27
C VAL B 29 19.62 5.35 -7.80
N ALA B 30 20.20 6.48 -7.38
CA ALA B 30 21.52 6.86 -7.82
C ALA B 30 22.54 5.81 -7.47
N GLU B 31 22.27 5.04 -6.43
CA GLU B 31 23.19 3.98 -6.06
C GLU B 31 23.06 2.78 -6.98
N LEU B 32 21.83 2.33 -7.25
CA LEU B 32 21.66 1.18 -8.14
C LEU B 32 22.02 1.60 -9.54
N ARG B 33 21.55 2.79 -9.89
CA ARG B 33 21.78 3.39 -11.17
C ARG B 33 23.28 3.60 -11.53
N GLY B 34 24.18 3.37 -10.57
CA GLY B 34 25.61 3.50 -10.84
C GLY B 34 26.38 2.21 -10.55
N SER B 35 25.66 1.08 -10.45
CA SER B 35 26.29 -0.20 -10.17
C SER B 35 26.06 -1.24 -11.27
N GLY B 36 27.08 -1.49 -12.08
CA GLY B 36 26.95 -2.51 -13.09
C GLY B 36 26.63 -3.85 -12.44
N ASP B 37 27.39 -4.23 -11.43
CA ASP B 37 27.20 -5.50 -10.72
C ASP B 37 25.81 -5.70 -10.15
N LEU B 38 25.26 -4.61 -9.60
CA LEU B 38 23.93 -4.64 -9.01
C LEU B 38 22.79 -4.83 -10.00
N GLN B 39 22.82 -4.04 -11.07
CA GLN B 39 21.82 -4.11 -12.11
C GLN B 39 21.82 -5.51 -12.69
N GLU B 40 23.00 -5.91 -13.13
CA GLU B 40 23.20 -7.23 -13.69
C GLU B 40 22.61 -8.22 -12.70
N TYR B 41 23.13 -8.25 -11.49
CA TYR B 41 22.61 -9.15 -10.46
C TYR B 41 21.08 -9.19 -10.50
N LEU B 42 20.44 -8.02 -10.55
CA LEU B 42 18.99 -7.94 -10.57
C LEU B 42 18.37 -8.55 -11.81
N ARG B 43 18.83 -8.16 -12.99
CA ARG B 43 18.31 -8.71 -14.25
C ARG B 43 18.39 -10.24 -14.26
N HIS B 44 19.47 -10.79 -13.73
CA HIS B 44 19.66 -12.22 -13.70
C HIS B 44 18.92 -12.91 -12.55
N VAL B 45 18.10 -12.17 -11.81
CA VAL B 45 17.39 -12.77 -10.68
C VAL B 45 16.01 -12.13 -10.38
N THR B 46 15.49 -11.39 -11.34
CA THR B 46 14.20 -10.73 -11.19
C THR B 46 13.23 -11.27 -12.23
N ARG B 47 12.27 -12.08 -11.78
CA ARG B 47 11.30 -12.68 -12.69
C ARG B 47 9.93 -11.99 -12.71
N GLY B 48 9.25 -12.10 -13.83
CA GLY B 48 7.91 -11.57 -13.96
C GLY B 48 7.70 -10.12 -14.30
N TRP B 49 6.46 -9.71 -14.19
CA TRP B 49 6.08 -8.34 -14.46
C TRP B 49 6.12 -7.65 -13.10
N SER B 50 7.23 -7.84 -12.39
CA SER B 50 7.37 -7.31 -11.06
C SER B 50 8.21 -6.06 -10.90
N ILE B 51 7.76 -5.17 -10.00
CA ILE B 51 8.43 -3.91 -9.64
C ILE B 51 8.89 -3.91 -8.17
N PHE B 52 10.05 -3.34 -7.92
CA PHE B 52 10.57 -3.30 -6.56
C PHE B 52 10.82 -1.88 -6.08
N ALA B 53 10.72 -1.71 -4.76
CA ALA B 53 10.92 -0.42 -4.11
C ALA B 53 12.34 -0.17 -3.76
N LEU B 54 12.78 1.05 -4.07
CA LEU B 54 14.10 1.52 -3.74
C LEU B 54 13.75 2.64 -2.75
N TYR B 55 14.73 3.24 -2.09
CA TYR B 55 14.41 4.31 -1.16
C TYR B 55 13.71 5.43 -1.93
N ASP B 56 14.40 5.98 -2.92
CA ASP B 56 13.87 7.09 -3.72
C ASP B 56 13.33 6.78 -5.11
N GLY B 57 12.76 5.58 -5.28
CA GLY B 57 12.23 5.19 -6.59
C GLY B 57 11.85 3.72 -6.73
N THR B 58 11.76 3.28 -7.98
CA THR B 58 11.35 1.91 -8.29
C THR B 58 12.19 1.18 -9.33
N TYR B 59 12.17 -0.15 -9.26
CA TYR B 59 12.91 -0.99 -10.19
C TYR B 59 12.01 -2.03 -10.82
N LEU B 60 11.64 -1.77 -12.06
CA LEU B 60 10.78 -2.66 -12.83
C LEU B 60 11.70 -3.71 -13.43
N GLY B 61 11.69 -4.92 -12.87
CA GLY B 61 12.53 -6.00 -13.35
C GLY B 61 11.74 -6.99 -14.18
N GLY B 62 12.19 -8.25 -14.23
CA GLY B 62 11.50 -9.26 -15.01
C GLY B 62 11.26 -8.78 -16.43
N GLU B 63 10.10 -9.12 -16.99
CA GLU B 63 9.73 -8.71 -18.36
C GLU B 63 9.73 -7.20 -18.57
N TYR B 64 9.78 -6.42 -17.49
CA TYR B 64 9.75 -4.98 -17.68
C TYR B 64 11.07 -4.54 -18.25
N GLY B 65 12.07 -5.40 -18.12
CA GLY B 65 13.37 -5.06 -18.65
C GLY B 65 14.41 -5.02 -17.56
N GLY B 66 14.38 -3.93 -16.81
CA GLY B 66 15.31 -3.74 -15.71
C GLY B 66 15.42 -2.25 -15.65
N VAL B 67 14.26 -1.62 -15.63
CA VAL B 67 14.17 -0.17 -15.61
C VAL B 67 14.14 0.46 -14.21
N ILE B 68 15.01 1.44 -14.04
CA ILE B 68 15.15 2.17 -12.80
C ILE B 68 14.36 3.44 -13.03
N LYS B 69 13.33 3.61 -12.21
CA LYS B 69 12.47 4.75 -12.33
C LYS B 69 12.60 5.61 -11.08
N ASP B 70 12.92 6.89 -11.30
CA ASP B 70 13.07 7.86 -10.23
C ASP B 70 11.76 7.97 -9.50
N GLY B 71 11.82 8.30 -8.22
CA GLY B 71 10.59 8.42 -7.46
C GLY B 71 10.52 9.52 -6.41
N THR B 72 10.09 9.12 -5.24
CA THR B 72 9.95 10.00 -4.11
C THR B 72 10.43 9.21 -2.92
N PRO B 73 11.06 9.88 -1.96
CA PRO B 73 11.58 9.22 -0.76
C PRO B 73 10.53 8.45 0.00
N GLY B 74 10.74 7.14 0.10
CA GLY B 74 9.85 6.26 0.81
C GLY B 74 8.52 6.16 0.13
N GLY B 75 8.40 6.78 -1.04
CA GLY B 75 7.17 6.79 -1.83
C GLY B 75 6.71 5.47 -2.44
N ALA B 76 7.63 4.54 -2.63
CA ALA B 76 7.30 3.27 -3.20
C ALA B 76 7.33 2.17 -2.15
N PHE B 77 7.32 2.56 -0.88
CA PHE B 77 7.36 1.56 0.20
C PHE B 77 6.01 0.85 0.22
N ASP B 78 5.15 1.38 -0.66
CA ASP B 78 3.80 0.93 -0.93
C ASP B 78 3.79 -0.52 -1.37
N LEU B 79 4.85 -0.90 -2.10
CA LEU B 79 5.06 -2.24 -2.68
C LEU B 79 5.40 -3.40 -1.77
N LYS B 80 5.36 -4.59 -2.35
CA LYS B 80 5.61 -5.80 -1.61
C LYS B 80 7.05 -5.95 -1.23
N THR B 81 7.94 -5.44 -2.08
CA THR B 81 9.36 -5.56 -1.79
C THR B 81 10.24 -4.37 -2.10
N THR B 82 11.06 -4.05 -1.12
CA THR B 82 11.96 -2.93 -1.16
C THR B 82 13.31 -3.59 -1.11
N PHE B 83 14.28 -2.96 -1.76
CA PHE B 83 15.64 -3.49 -1.86
C PHE B 83 16.56 -2.97 -0.79
N CYS B 84 17.15 -3.89 -0.04
CA CYS B 84 18.03 -3.52 1.06
C CYS B 84 19.53 -3.90 0.95
N ILE B 85 20.34 -2.91 1.25
CA ILE B 85 21.79 -2.98 1.24
C ILE B 85 22.26 -3.19 2.68
N MET B 86 23.17 -4.13 2.94
CA MET B 86 23.68 -4.26 4.32
C MET B 86 24.61 -3.05 4.49
N THR B 87 24.68 -2.47 5.69
CA THR B 87 25.52 -1.27 5.85
C THR B 87 26.91 -1.47 6.40
N THR B 88 27.25 -2.71 6.68
CA THR B 88 28.54 -3.05 7.27
C THR B 88 29.43 -3.88 6.37
N ARG B 89 30.58 -3.34 6.03
CA ARG B 89 31.51 -4.07 5.19
C ARG B 89 32.86 -4.30 5.87
N ASN B 90 33.21 -5.55 6.16
CA ASN B 90 34.49 -5.83 6.80
C ASN B 90 35.60 -5.70 5.81
N THR B 91 36.07 -4.47 5.59
CA THR B 91 37.13 -4.14 4.66
C THR B 91 38.40 -4.99 4.64
N GLY B 92 38.79 -5.54 5.79
CA GLY B 92 39.97 -6.38 5.81
C GLY B 92 41.31 -5.68 5.64
N GLN B 93 41.31 -4.36 5.81
CA GLN B 93 42.52 -3.59 5.73
C GLN B 93 43.20 -3.63 7.09
N PRO B 94 44.37 -3.00 7.20
CA PRO B 94 45.01 -3.02 8.52
C PRO B 94 44.55 -1.84 9.40
N ALA B 95 44.70 -2.03 10.72
CA ALA B 95 44.31 -1.05 11.72
C ALA B 95 45.29 0.14 11.87
N THR B 96 45.74 0.67 10.75
CA THR B 96 46.63 1.81 10.81
C THR B 96 45.71 2.98 11.09
N ASP B 97 46.21 3.92 11.89
CA ASP B 97 45.45 5.11 12.24
C ASP B 97 45.44 6.08 11.07
N HIS B 98 44.32 6.74 10.87
CA HIS B 98 44.23 7.72 9.81
C HIS B 98 43.48 8.84 10.47
N TYR B 99 43.90 10.06 10.23
CA TYR B 99 43.20 11.14 10.89
C TYR B 99 42.96 12.26 9.93
N TYR B 100 41.96 13.05 10.25
CA TYR B 100 41.58 14.19 9.43
C TYR B 100 41.54 15.29 10.47
N SER B 101 41.96 16.48 10.09
CA SER B 101 42.03 17.56 11.03
C SER B 101 41.16 18.72 10.67
N ASN B 102 40.94 19.59 11.65
CA ASN B 102 40.08 20.76 11.50
C ASN B 102 38.65 20.41 11.12
N VAL B 103 38.28 19.16 11.30
CA VAL B 103 36.94 18.77 10.93
C VAL B 103 35.97 19.12 12.03
N THR B 104 34.73 19.30 11.63
CA THR B 104 33.66 19.67 12.53
C THR B 104 32.55 18.63 12.30
N ALA B 105 32.07 17.99 13.38
CA ALA B 105 31.05 16.94 13.24
C ALA B 105 29.68 17.49 12.91
N THR B 106 29.07 17.03 11.82
CA THR B 106 27.75 17.48 11.41
C THR B 106 26.96 16.23 11.06
N ARG B 107 25.70 16.43 10.62
CA ARG B 107 24.75 15.39 10.19
C ARG B 107 24.78 14.07 10.93
N LEU B 108 24.08 13.99 12.03
CA LEU B 108 24.10 12.74 12.75
C LEU B 108 23.12 11.74 12.11
N LEU B 109 23.39 10.46 12.32
CA LEU B 109 22.56 9.39 11.81
C LEU B 109 22.58 8.32 12.87
N SER B 110 21.43 7.69 13.06
CA SER B 110 21.30 6.61 14.02
C SER B 110 20.15 5.74 13.57
N SER B 111 20.16 4.50 14.05
CA SER B 111 19.11 3.54 13.72
C SER B 111 19.05 2.41 14.72
N THR B 112 17.88 1.83 14.81
CA THR B 112 17.61 0.75 15.70
C THR B 112 18.70 -0.30 15.68
N ASN B 113 19.23 -0.58 16.86
CA ASN B 113 20.25 -1.58 17.00
C ASN B 113 21.46 -1.50 16.11
N SER B 114 21.85 -0.31 15.70
CA SER B 114 23.03 -0.21 14.85
C SER B 114 23.97 0.89 15.36
N ARG B 115 24.56 1.69 14.47
CA ARG B 115 25.50 2.69 14.89
C ARG B 115 25.04 4.15 14.87
N LEU B 116 25.87 5.01 15.48
CA LEU B 116 25.68 6.45 15.53
C LEU B 116 26.84 6.95 14.67
N CYS B 117 26.54 7.80 13.71
CA CYS B 117 27.55 8.33 12.79
C CYS B 117 27.44 9.81 12.66
N ALA B 118 28.51 10.41 12.18
CA ALA B 118 28.52 11.83 11.93
C ALA B 118 29.40 12.03 10.72
N VAL B 119 29.05 13.08 9.99
CA VAL B 119 29.79 13.49 8.81
C VAL B 119 30.73 14.65 9.20
N PHE B 120 32.02 14.38 9.23
CA PHE B 120 32.97 15.39 9.60
C PHE B 120 33.32 16.32 8.47
N VAL B 121 32.81 17.53 8.53
CA VAL B 121 33.11 18.48 7.48
C VAL B 121 34.32 19.37 7.79
N ARG B 122 34.78 20.07 6.76
CA ARG B 122 35.89 21.01 6.89
C ARG B 122 35.71 21.94 5.70
N SER B 123 35.64 23.23 5.97
CA SER B 123 35.52 24.22 4.91
C SER B 123 34.22 24.05 4.13
N GLY B 124 33.22 23.46 4.80
CA GLY B 124 31.93 23.25 4.17
C GLY B 124 31.77 21.86 3.57
N GLN B 125 32.83 21.41 2.92
CA GLN B 125 32.82 20.12 2.28
C GLN B 125 33.08 18.99 3.26
N PRO B 126 32.42 17.84 3.06
CA PRO B 126 32.61 16.68 3.91
C PRO B 126 34.05 16.22 3.80
N VAL B 127 34.43 15.25 4.62
CA VAL B 127 35.81 14.82 4.59
C VAL B 127 35.82 13.36 4.89
N ILE B 128 35.12 12.99 5.93
CA ILE B 128 35.05 11.58 6.25
C ILE B 128 33.74 11.43 6.99
N GLY B 129 33.39 10.21 7.33
CA GLY B 129 32.18 9.99 8.09
C GLY B 129 32.70 8.96 9.06
N ALA B 130 32.23 9.01 10.29
CA ALA B 130 32.69 8.01 11.24
C ALA B 130 31.50 7.55 12.04
N CYS B 131 31.60 6.36 12.60
CA CYS B 131 30.48 5.81 13.34
C CYS B 131 30.90 5.04 14.56
N THR B 132 30.00 4.93 15.51
CA THR B 132 30.27 4.19 16.72
C THR B 132 29.04 3.39 17.01
N SER B 133 29.22 2.17 17.50
CA SER B 133 28.10 1.36 17.88
C SER B 133 28.56 0.52 19.04
N PRO B 134 27.68 0.29 20.00
CA PRO B 134 27.93 -0.52 21.18
C PRO B 134 27.52 -1.96 20.92
N TYR B 135 26.79 -2.17 19.82
CA TYR B 135 26.27 -3.48 19.48
C TYR B 135 27.17 -4.40 18.68
N ASP B 136 27.94 -3.81 17.77
CA ASP B 136 28.81 -4.56 16.88
C ASP B 136 29.98 -3.71 16.40
N GLY B 137 31.10 -4.34 16.12
CA GLY B 137 32.26 -3.62 15.63
C GLY B 137 33.47 -4.13 16.38
N LYS B 138 34.67 -3.77 15.95
CA LYS B 138 35.85 -4.22 16.68
C LYS B 138 36.02 -3.31 17.89
N TYR B 139 35.47 -2.10 17.75
CA TYR B 139 35.55 -1.06 18.75
C TYR B 139 34.25 -0.78 19.49
N TRP B 140 33.57 -1.81 19.96
CA TRP B 140 32.34 -1.59 20.70
C TRP B 140 32.72 -1.00 22.08
N SER B 141 33.84 -1.45 22.60
CA SER B 141 34.33 -0.99 23.87
C SER B 141 34.47 0.53 23.93
N MET B 142 34.80 1.17 22.79
CA MET B 142 34.98 2.62 22.72
C MET B 142 33.69 3.45 22.67
N TYR B 143 32.54 2.83 22.43
CA TYR B 143 31.28 3.57 22.33
C TYR B 143 31.00 4.53 23.47
N SER B 144 30.92 3.98 24.68
CA SER B 144 30.63 4.77 25.86
C SER B 144 31.45 6.05 25.96
N ARG B 145 32.73 5.95 25.70
CA ARG B 145 33.51 7.15 25.81
C ARG B 145 33.30 8.03 24.58
N LEU B 146 33.30 7.41 23.40
CA LEU B 146 33.13 8.18 22.18
C LEU B 146 31.85 8.94 22.05
N ARG B 147 30.73 8.35 22.47
CA ARG B 147 29.47 9.05 22.35
C ARG B 147 29.51 10.36 23.15
N LYS B 148 30.31 10.36 24.23
CA LYS B 148 30.46 11.53 25.09
C LYS B 148 31.20 12.61 24.35
N MET B 149 32.36 12.29 23.82
CA MET B 149 33.09 13.31 23.09
C MET B 149 32.33 13.78 21.86
N LEU B 150 31.56 12.86 21.28
CA LEU B 150 30.87 13.19 20.06
C LEU B 150 29.76 14.19 20.31
N TYR B 151 29.01 13.97 21.38
CA TYR B 151 27.95 14.89 21.76
C TYR B 151 28.54 16.29 22.03
N LEU B 152 29.57 16.35 22.87
CA LEU B 152 30.21 17.62 23.22
C LEU B 152 30.55 18.44 22.02
N ILE B 153 31.36 17.89 21.11
CA ILE B 153 31.88 18.65 19.97
C ILE B 153 30.72 18.88 19.01
N TYR B 154 29.70 18.09 18.98
CA TYR B 154 28.62 18.31 18.05
C TYR B 154 27.81 19.58 18.36
N VAL B 155 27.37 19.69 19.60
CA VAL B 155 26.57 20.80 20.08
C VAL B 155 27.34 22.10 20.27
N ALA B 156 28.63 22.00 20.47
CA ALA B 156 29.47 23.16 20.70
C ALA B 156 30.19 23.66 19.43
N GLY B 157 30.14 22.89 18.35
CA GLY B 157 30.77 23.33 17.13
C GLY B 157 32.27 23.37 17.22
N ILE B 158 32.83 22.46 18.01
CA ILE B 158 34.28 22.37 18.23
C ILE B 158 35.04 21.71 17.06
N SER B 159 36.07 22.36 16.49
CA SER B 159 36.87 21.74 15.42
C SER B 159 37.66 20.67 16.13
N VAL B 160 38.01 19.61 15.43
CA VAL B 160 38.72 18.54 16.11
C VAL B 160 39.60 17.77 15.11
N ARG B 161 40.31 16.77 15.61
CA ARG B 161 41.11 15.93 14.74
C ARG B 161 40.49 14.57 14.95
N VAL B 162 39.85 14.05 13.92
CA VAL B 162 39.17 12.78 14.06
C VAL B 162 40.07 11.65 13.63
N HIS B 163 39.91 10.51 14.29
CA HIS B 163 40.73 9.36 14.01
C HIS B 163 39.85 8.18 13.70
N VAL B 164 40.06 7.61 12.51
CA VAL B 164 39.28 6.46 12.00
C VAL B 164 40.16 5.26 11.67
N SER B 165 39.55 4.08 11.65
CA SER B 165 40.27 2.86 11.28
C SER B 165 39.54 2.37 10.03
N LYS B 166 40.26 1.95 9.01
CA LYS B 166 39.59 1.49 7.79
C LYS B 166 39.19 0.02 7.75
N GLU B 167 39.49 -0.69 8.83
CA GLU B 167 39.13 -2.10 8.94
C GLU B 167 37.64 -2.37 8.71
N GLU B 168 36.80 -1.34 8.78
CA GLU B 168 35.36 -1.46 8.57
C GLU B 168 34.87 -0.27 7.77
N GLN B 169 33.93 -0.54 6.88
CA GLN B 169 33.37 0.46 5.99
C GLN B 169 31.88 0.42 6.23
N TYR B 170 31.22 1.56 6.12
CA TYR B 170 29.79 1.62 6.39
C TYR B 170 29.09 2.35 5.28
N TYR B 171 27.83 2.00 5.05
CA TYR B 171 26.99 2.62 4.01
C TYR B 171 25.70 3.10 4.62
N ASP B 172 25.78 3.53 5.88
CA ASP B 172 24.57 3.97 6.51
C ASP B 172 24.07 5.21 5.84
N TYR B 173 24.98 6.07 5.43
CA TYR B 173 24.50 7.25 4.76
C TYR B 173 24.10 6.93 3.34
N GLU B 174 23.04 7.58 2.90
CA GLU B 174 22.55 7.39 1.56
C GLU B 174 23.26 8.38 0.61
N ASP B 175 23.73 7.89 -0.54
CA ASP B 175 24.38 8.74 -1.53
C ASP B 175 25.58 9.57 -1.01
N ALA B 176 26.40 8.90 -0.25
CA ALA B 176 27.56 9.50 0.32
C ALA B 176 28.56 10.01 -0.73
N THR B 177 29.03 11.21 -0.53
CA THR B 177 30.06 11.78 -1.38
C THR B 177 31.35 11.60 -0.60
N PHE B 178 31.29 10.85 0.50
CA PHE B 178 32.47 10.67 1.36
C PHE B 178 32.48 9.27 1.88
N GLU B 179 33.65 8.73 2.19
CA GLU B 179 33.66 7.36 2.73
C GLU B 179 33.23 7.39 4.18
N THR B 180 32.92 6.25 4.77
CA THR B 180 32.51 6.26 6.16
C THR B 180 33.09 5.09 6.92
N TYR B 181 34.13 5.33 7.71
CA TYR B 181 34.73 4.27 8.49
C TYR B 181 34.47 4.33 9.99
N ALA B 182 35.05 3.36 10.69
CA ALA B 182 34.95 3.22 12.12
C ALA B 182 35.71 4.35 12.85
N LEU B 183 34.99 5.04 13.76
CA LEU B 183 35.53 6.15 14.59
C LEU B 183 36.37 5.45 15.61
N THR B 184 37.47 6.09 15.95
CA THR B 184 38.38 5.48 16.85
C THR B 184 39.12 6.49 17.77
N GLY B 185 38.85 7.78 17.57
CA GLY B 185 39.43 8.81 18.40
C GLY B 185 38.99 10.21 18.00
N ILE B 186 38.94 11.11 18.98
CA ILE B 186 38.59 12.52 18.79
C ILE B 186 39.53 13.35 19.67
N SER B 187 40.04 14.44 19.12
CA SER B 187 40.96 15.29 19.86
C SER B 187 40.71 16.78 19.76
N ILE B 188 40.36 17.39 20.89
CA ILE B 188 40.15 18.83 20.97
C ILE B 188 41.62 19.15 21.02
N CYS B 189 42.11 19.53 19.86
CA CYS B 189 43.53 19.74 19.67
C CYS B 189 44.13 21.09 19.45
N ASN B 190 45.36 21.17 19.92
CA ASN B 190 46.18 22.35 19.81
C ASN B 190 47.06 22.15 18.59
N PRO B 191 46.98 23.06 17.60
CA PRO B 191 47.79 22.98 16.39
C PRO B 191 49.14 22.29 16.55
N GLY B 192 49.29 21.17 15.84
CA GLY B 192 50.54 20.44 15.90
C GLY B 192 50.92 20.06 17.31
N SER B 193 49.95 19.55 18.06
CA SER B 193 50.23 19.14 19.40
C SER B 193 50.39 17.63 19.43
N SER B 194 51.13 17.16 20.42
CA SER B 194 51.39 15.75 20.65
C SER B 194 50.09 14.97 20.92
N LEU B 195 49.09 15.65 21.45
CA LEU B 195 47.83 15.01 21.78
C LEU B 195 46.91 14.79 20.60
N CYS B 196 47.20 15.44 19.49
CA CYS B 196 46.36 15.29 18.33
C CYS B 196 46.20 13.84 17.90
N GLY C 1 -1.86 21.34 55.44
CA GLY C 1 -1.52 20.38 56.49
C GLY C 1 -0.53 19.31 56.07
N ILE C 2 0.34 18.90 56.98
CA ILE C 2 1.32 17.90 56.60
C ILE C 2 0.82 16.47 56.44
N VAL C 3 1.74 15.66 55.93
CA VAL C 3 1.51 14.26 55.64
C VAL C 3 2.12 13.43 56.74
N ILE C 4 1.37 12.50 57.30
CA ILE C 4 1.88 11.74 58.43
C ILE C 4 2.32 10.30 58.22
N PRO C 5 3.64 10.03 58.33
CA PRO C 5 4.24 8.70 58.19
C PRO C 5 3.48 7.74 59.04
N PRO C 6 3.03 6.64 58.44
CA PRO C 6 2.27 5.63 59.16
C PRO C 6 3.14 4.95 60.16
N LYS C 7 2.51 4.66 61.30
CA LYS C 7 3.17 4.04 62.43
C LYS C 7 4.12 2.92 62.03
N ALA C 8 3.72 2.13 61.06
CA ALA C 8 4.52 0.99 60.63
C ALA C 8 5.90 1.28 60.06
N LEU C 9 6.17 2.54 59.77
CA LEU C 9 7.47 2.90 59.23
C LEU C 9 8.48 3.14 60.37
N PHE C 10 8.03 3.01 61.60
CA PHE C 10 8.88 3.26 62.75
C PHE C 10 9.98 2.24 62.94
N THR C 11 11.20 2.59 62.56
CA THR C 11 12.34 1.69 62.71
C THR C 11 12.47 1.26 64.16
N GLN C 12 12.23 -0.02 64.39
CA GLN C 12 12.30 -0.60 65.73
C GLN C 12 13.61 -0.21 66.41
N GLN C 13 14.71 -0.70 65.87
CA GLN C 13 16.00 -0.35 66.43
C GLN C 13 16.43 0.86 65.62
N GLY C 14 15.97 2.03 66.07
CA GLY C 14 16.28 3.28 65.40
C GLY C 14 17.76 3.57 65.25
N GLY C 15 18.07 4.66 64.58
CA GLY C 15 19.46 5.03 64.35
C GLY C 15 20.30 5.28 65.60
N ALA C 16 21.55 5.70 65.40
CA ALA C 16 22.41 5.98 66.53
C ALA C 16 23.22 7.26 66.38
N TYR C 17 22.89 8.22 67.23
CA TYR C 17 23.52 9.54 67.26
C TYR C 17 23.25 10.29 65.98
N GLY C 18 21.99 10.23 65.59
CA GLY C 18 21.56 10.90 64.38
C GLY C 18 21.90 10.20 63.07
N ARG C 19 22.59 9.06 63.12
CA ARG C 19 22.88 8.34 61.87
C ARG C 19 21.90 7.19 61.63
N CYS C 20 20.68 7.56 61.19
CA CYS C 20 19.65 6.60 60.84
C CYS C 20 20.31 5.75 59.73
N PRO C 21 20.18 4.42 59.81
CA PRO C 21 20.79 3.54 58.81
C PRO C 21 20.25 3.93 57.45
N ASN C 22 20.96 3.54 56.39
CA ASN C 22 20.53 3.89 55.04
C ASN C 22 19.10 3.52 54.74
N GLY C 23 18.41 4.38 54.00
CA GLY C 23 17.02 4.07 53.68
C GLY C 23 16.04 4.55 54.73
N THR C 24 16.55 4.92 55.90
CA THR C 24 15.69 5.45 56.96
C THR C 24 16.03 6.90 57.15
N ARG C 25 15.10 7.65 57.74
CA ARG C 25 15.25 9.09 57.95
C ARG C 25 14.59 9.57 59.25
N ALA C 26 15.33 10.40 59.98
CA ALA C 26 14.91 11.00 61.24
C ALA C 26 13.48 11.52 61.28
N LEU C 27 12.69 10.94 62.18
CA LEU C 27 11.31 11.32 62.36
C LEU C 27 11.30 12.75 62.89
N THR C 28 10.30 13.54 62.54
CA THR C 28 10.29 14.88 63.07
C THR C 28 9.21 14.92 64.13
N VAL C 29 9.25 15.92 65.00
CA VAL C 29 8.24 16.03 66.05
C VAL C 29 6.91 16.46 65.47
N ALA C 30 6.92 17.29 64.43
CA ALA C 30 5.67 17.74 63.83
C ALA C 30 4.92 16.52 63.41
N GLU C 31 5.70 15.54 62.94
CA GLU C 31 5.17 14.29 62.50
C GLU C 31 4.74 13.49 63.69
N LEU C 32 5.67 13.22 64.62
CA LEU C 32 5.31 12.41 65.79
C LEU C 32 4.12 13.00 66.52
N ARG C 33 4.01 14.31 66.48
CA ARG C 33 2.94 15.01 67.14
C ARG C 33 1.60 14.55 66.54
N GLY C 34 1.45 14.73 65.24
CA GLY C 34 0.23 14.36 64.54
C GLY C 34 -0.13 12.88 64.47
N ASN C 35 0.81 11.98 64.78
CA ASN C 35 0.55 10.53 64.74
C ASN C 35 0.18 9.98 66.13
N ALA C 36 -1.13 9.95 66.37
CA ALA C 36 -1.66 9.49 67.64
C ALA C 36 -1.21 8.08 68.04
N GLU C 37 -1.39 7.14 67.13
CA GLU C 37 -1.04 5.75 67.36
C GLU C 37 0.42 5.53 67.65
N LEU C 38 1.27 6.24 66.93
CA LEU C 38 2.71 6.11 67.13
C LEU C 38 3.04 6.62 68.53
N GLN C 39 2.43 7.74 68.90
CA GLN C 39 2.67 8.27 70.25
C GLN C 39 2.28 7.15 71.20
N THR C 40 1.05 6.68 71.02
CA THR C 40 0.46 5.62 71.81
C THR C 40 1.39 4.41 71.85
N TYR C 41 1.95 4.07 70.70
CA TYR C 41 2.86 2.95 70.64
C TYR C 41 4.10 3.27 71.47
N LEU C 42 4.62 4.48 71.32
CA LEU C 42 5.80 4.91 72.02
C LEU C 42 5.68 4.78 73.53
N ARG C 43 4.55 5.18 74.09
CA ARG C 43 4.33 5.12 75.54
C ARG C 43 4.48 3.71 76.10
N GLN C 44 4.28 2.72 75.25
CA GLN C 44 4.36 1.33 75.68
C GLN C 44 5.73 0.71 75.49
N ILE C 45 6.43 1.11 74.43
CA ILE C 45 7.75 0.56 74.14
C ILE C 45 8.88 1.33 74.83
N THR C 46 8.61 2.56 75.25
CA THR C 46 9.62 3.39 75.90
C THR C 46 9.90 3.09 77.37
N PRO C 47 11.15 2.71 77.69
CA PRO C 47 11.54 2.40 79.06
C PRO C 47 11.72 3.73 79.81
N GLY C 48 11.55 3.67 81.13
CA GLY C 48 11.63 4.85 81.97
C GLY C 48 12.88 5.70 82.01
N TRP C 49 12.66 7.00 81.95
CA TRP C 49 13.72 7.98 82.03
C TRP C 49 14.76 7.91 80.93
N SER C 50 14.30 7.64 79.72
CA SER C 50 15.22 7.58 78.61
C SER C 50 14.86 8.71 77.70
N ILE C 51 15.88 9.29 77.08
CA ILE C 51 15.64 10.40 76.18
C ILE C 51 15.99 9.99 74.72
N TYR C 52 15.17 10.43 73.77
CA TYR C 52 15.38 10.08 72.36
C TYR C 52 15.51 11.26 71.41
N GLY C 53 16.53 11.19 70.54
CA GLY C 53 16.73 12.24 69.59
C GLY C 53 15.75 12.13 68.43
N LEU C 54 15.41 13.28 67.85
CA LEU C 54 14.53 13.43 66.69
C LEU C 54 15.23 14.48 65.81
N TYR C 55 14.77 14.71 64.58
CA TYR C 55 15.42 15.71 63.71
C TYR C 55 15.25 17.04 64.41
N ASP C 56 14.01 17.30 64.79
CA ASP C 56 13.67 18.51 65.50
C ASP C 56 14.04 18.30 66.98
N GLY C 57 13.02 18.27 67.84
CA GLY C 57 13.22 18.08 69.26
C GLY C 57 13.73 16.78 69.87
N THR C 58 13.11 16.37 70.97
CA THR C 58 13.48 15.19 71.74
C THR C 58 12.23 14.54 72.31
N TYR C 59 12.37 13.29 72.75
CA TYR C 59 11.27 12.55 73.34
C TYR C 59 11.75 12.07 74.68
N LEU C 60 10.95 12.32 75.69
CA LEU C 60 11.30 11.93 77.03
C LEU C 60 10.46 10.74 77.42
N GLY C 61 11.14 9.66 77.80
CA GLY C 61 10.48 8.44 78.19
C GLY C 61 9.31 8.67 79.13
N GLN C 62 8.33 7.78 79.09
CA GLN C 62 7.13 7.86 79.94
C GLN C 62 7.37 8.26 81.39
N ALA C 63 8.61 8.16 81.85
CA ALA C 63 8.95 8.53 83.20
C ALA C 63 8.85 10.04 83.29
N TYR C 64 9.34 10.72 82.26
CA TYR C 64 9.28 12.16 82.18
C TYR C 64 7.85 12.57 81.81
N GLY C 65 7.05 11.56 81.46
CA GLY C 65 5.67 11.80 81.08
C GLY C 65 5.39 11.71 79.59
N GLY C 66 6.35 11.21 78.81
CA GLY C 66 6.15 11.10 77.37
C GLY C 66 6.13 12.50 76.77
N ILE C 67 7.26 13.17 76.82
CA ILE C 67 7.34 14.53 76.33
C ILE C 67 8.06 14.74 75.01
N ILE C 68 7.39 15.50 74.16
CA ILE C 68 7.88 15.83 72.84
C ILE C 68 8.26 17.29 73.00
N LYS C 69 9.53 17.49 73.24
CA LYS C 69 10.02 18.82 73.45
C LYS C 69 10.78 19.22 72.19
N ASP C 70 10.55 20.43 71.70
CA ASP C 70 11.23 20.91 70.51
C ASP C 70 12.74 21.04 70.68
N ALA C 71 13.42 21.51 69.64
CA ALA C 71 14.88 21.68 69.61
C ALA C 71 15.24 21.88 68.15
N PRO C 72 16.38 22.50 67.88
CA PRO C 72 16.89 22.78 66.54
C PRO C 72 17.23 21.53 65.71
N PRO C 73 17.21 21.69 64.37
CA PRO C 73 17.52 20.52 63.57
C PRO C 73 18.90 19.92 63.91
N GLY C 74 18.85 18.67 64.33
CA GLY C 74 20.07 17.96 64.60
C GLY C 74 20.61 18.11 65.97
N ALA C 75 19.87 18.81 66.82
CA ALA C 75 20.31 19.03 68.19
C ALA C 75 20.19 17.78 69.05
N GLY C 76 19.05 17.08 68.95
CA GLY C 76 18.87 15.86 69.70
C GLY C 76 19.74 14.71 69.19
N PHE C 77 20.58 14.94 68.20
CA PHE C 77 21.39 13.85 67.69
C PHE C 77 22.48 13.56 68.67
N ILE C 78 22.61 14.39 69.70
CA ILE C 78 23.67 14.18 70.68
C ILE C 78 23.42 12.88 71.38
N TYR C 79 22.15 12.54 71.53
CA TYR C 79 21.69 11.33 72.19
C TYR C 79 21.73 10.05 71.33
N ARG C 80 22.21 8.97 71.94
CA ARG C 80 22.32 7.68 71.29
C ARG C 80 21.12 7.22 70.46
N GLU C 81 19.94 7.15 71.04
CA GLU C 81 18.81 6.65 70.27
C GLU C 81 18.07 7.70 69.50
N THR C 82 18.01 7.52 68.19
CA THR C 82 17.31 8.47 67.36
C THR C 82 16.14 7.78 66.72
N PHE C 83 14.99 8.44 66.71
CA PHE C 83 13.81 7.87 66.07
C PHE C 83 13.93 8.00 64.55
N CYS C 84 13.77 6.88 63.84
CA CYS C 84 13.85 6.90 62.40
C CYS C 84 12.67 6.19 61.74
N ILE C 85 12.28 6.68 60.57
CA ILE C 85 11.23 6.05 59.80
C ILE C 85 11.84 5.54 58.50
N THR C 86 11.26 4.47 57.93
CA THR C 86 11.76 3.93 56.66
C THR C 86 11.04 4.74 55.59
N THR C 87 11.80 5.24 54.63
CA THR C 87 11.23 6.10 53.62
C THR C 87 10.21 5.54 52.65
N ILE C 88 10.23 4.24 52.44
CA ILE C 88 9.32 3.64 51.50
C ILE C 88 8.13 2.98 52.15
N TYR C 89 6.96 3.16 51.56
CA TYR C 89 5.73 2.58 52.07
C TYR C 89 4.95 2.01 50.92
N LYS C 90 4.53 0.75 51.02
CA LYS C 90 3.75 0.10 49.95
C LYS C 90 2.25 0.36 50.20
N THR C 91 1.69 1.26 49.40
CA THR C 91 0.30 1.65 49.53
C THR C 91 -0.67 0.51 49.42
N GLY C 92 -0.61 -0.18 48.30
CA GLY C 92 -1.52 -1.29 48.07
C GLY C 92 -2.42 -0.91 46.92
N GLN C 93 -2.50 0.39 46.65
CA GLN C 93 -3.29 0.86 45.54
C GLN C 93 -2.72 0.16 44.27
N PRO C 94 -3.53 0.03 43.21
CA PRO C 94 -3.03 -0.64 42.01
C PRO C 94 -1.97 0.19 41.31
N ALA C 95 -1.13 -0.47 40.53
CA ALA C 95 -0.05 0.20 39.82
C ALA C 95 -0.44 1.05 38.59
N ALA C 96 -1.66 1.57 38.56
CA ALA C 96 -2.13 2.42 37.47
C ALA C 96 -1.37 3.73 37.29
N ASP C 97 -1.61 4.37 36.16
CA ASP C 97 -0.95 5.63 35.85
C ASP C 97 -1.73 6.82 36.33
N HIS C 98 -1.00 7.73 36.97
CA HIS C 98 -1.56 8.97 37.47
C HIS C 98 -0.52 10.00 37.04
N TYR C 99 -0.97 11.17 36.62
CA TYR C 99 -0.03 12.19 36.16
C TYR C 99 -0.50 13.61 36.46
N TYR C 100 0.43 14.57 36.36
CA TYR C 100 0.15 15.98 36.63
C TYR C 100 0.77 16.79 35.56
N SER C 101 0.08 17.82 35.08
CA SER C 101 0.65 18.60 33.99
C SER C 101 1.15 19.99 34.38
N LYS C 102 1.91 20.63 33.50
CA LYS C 102 2.42 21.97 33.76
C LYS C 102 3.29 22.12 35.03
N VAL C 103 3.85 21.01 35.48
CA VAL C 103 4.68 21.07 36.65
C VAL C 103 6.15 21.23 36.29
N THR C 104 6.91 21.79 37.22
CA THR C 104 8.34 22.04 37.08
C THR C 104 9.03 21.24 38.17
N ALA C 105 10.28 20.85 37.92
CA ALA C 105 11.00 20.09 38.93
C ALA C 105 11.89 20.95 39.86
N THR C 106 11.73 20.77 41.16
CA THR C 106 12.51 21.53 42.12
C THR C 106 12.83 20.69 43.34
N ARG C 107 13.62 21.28 44.24
CA ARG C 107 13.95 20.62 45.49
C ARG C 107 14.55 19.24 45.41
N LEU C 108 15.71 19.10 44.78
CA LEU C 108 16.33 17.78 44.73
C LEU C 108 16.54 17.22 46.15
N LEU C 109 16.75 15.92 46.26
CA LEU C 109 16.98 15.25 47.54
C LEU C 109 17.55 13.87 47.24
N ALA C 110 18.58 13.47 47.95
CA ALA C 110 19.20 12.17 47.74
C ALA C 110 19.71 11.62 49.09
N SER C 111 19.38 10.38 49.46
CA SER C 111 19.91 9.81 50.73
C SER C 111 21.16 9.12 50.25
N THR C 112 21.58 8.06 50.91
CA THR C 112 22.76 7.39 50.40
C THR C 112 22.33 6.32 49.39
N ASN C 113 22.04 5.10 49.84
CA ASN C 113 21.63 4.06 48.90
C ASN C 113 20.11 4.07 48.80
N SER C 114 19.59 5.20 48.36
CA SER C 114 18.16 5.40 48.25
C SER C 114 17.84 6.34 47.13
N ARG C 115 16.58 6.71 47.06
CA ARG C 115 16.11 7.55 45.99
C ARG C 115 16.64 8.95 45.86
N LEU C 116 16.50 9.45 44.63
CA LEU C 116 16.82 10.80 44.23
C LEU C 116 15.38 11.26 44.01
N CYS C 117 14.99 12.41 44.55
CA CYS C 117 13.62 12.87 44.37
C CYS C 117 13.54 14.29 43.92
N ALA C 118 12.32 14.68 43.57
CA ALA C 118 12.08 16.05 43.16
C ALA C 118 10.66 16.44 43.51
N VAL C 119 10.45 17.74 43.67
CA VAL C 119 9.13 18.21 44.00
C VAL C 119 8.63 18.92 42.78
N PHE C 120 7.48 18.49 42.34
CA PHE C 120 6.92 19.06 41.14
C PHE C 120 5.96 20.09 41.60
N VAL C 121 6.13 21.25 41.00
CA VAL C 121 5.39 22.43 41.38
C VAL C 121 4.66 23.11 40.28
N ARG C 122 3.41 23.46 40.51
CA ARG C 122 2.67 24.19 39.50
C ARG C 122 2.40 25.58 40.03
N ASP C 123 2.88 26.58 39.30
CA ASP C 123 2.68 28.00 39.64
C ASP C 123 2.75 28.34 41.13
N GLY C 124 3.73 27.82 41.83
CA GLY C 124 3.84 28.14 43.25
C GLY C 124 3.55 26.99 44.19
N GLN C 125 2.45 26.30 43.95
CA GLN C 125 2.05 25.19 44.81
C GLN C 125 2.88 23.94 44.53
N SER C 126 3.25 23.22 45.58
CA SER C 126 3.95 21.97 45.42
C SER C 126 2.81 21.06 45.04
N VAL C 127 2.88 20.44 43.86
CA VAL C 127 1.80 19.56 43.44
C VAL C 127 2.00 18.10 43.87
N ILE C 128 3.19 17.55 43.64
CA ILE C 128 3.42 16.18 44.05
C ILE C 128 4.92 16.00 44.00
N GLY C 129 5.40 14.97 44.68
CA GLY C 129 6.82 14.68 44.68
C GLY C 129 7.01 13.32 44.03
N ALA C 130 8.13 13.13 43.33
CA ALA C 130 8.44 11.86 42.65
C ALA C 130 9.84 11.42 43.01
N CYS C 131 10.03 10.14 43.15
CA CYS C 131 11.35 9.63 43.47
C CYS C 131 11.79 8.49 42.50
N ALA C 132 13.11 8.26 42.40
CA ALA C 132 13.64 7.20 41.53
C ALA C 132 14.94 6.63 42.10
N SER C 133 15.00 5.35 42.37
CA SER C 133 16.22 4.81 42.91
C SER C 133 16.71 3.68 42.07
N PRO C 134 17.99 3.62 41.87
CA PRO C 134 18.41 2.46 41.11
C PRO C 134 18.54 1.30 42.03
N TYR C 135 18.52 1.59 43.34
CA TYR C 135 18.70 0.56 44.36
C TYR C 135 17.54 -0.33 44.69
N GLU C 136 16.32 0.17 44.50
CA GLU C 136 15.13 -0.60 44.84
C GLU C 136 13.87 0.03 44.27
N GLY C 137 12.78 -0.74 44.27
CA GLY C 137 11.51 -0.26 43.73
C GLY C 137 11.03 -1.05 42.53
N ARG C 138 9.75 -0.89 42.21
CA ARG C 138 9.19 -1.58 41.06
C ARG C 138 9.95 -1.09 39.84
N TYR C 139 10.23 0.20 39.80
CA TYR C 139 10.91 0.72 38.65
C TYR C 139 12.40 1.02 38.84
N ARG C 140 13.09 0.13 39.54
CA ARG C 140 14.52 0.32 39.77
C ARG C 140 15.40 0.27 38.52
N ASP C 141 14.90 -0.32 37.44
CA ASP C 141 15.66 -0.42 36.19
C ASP C 141 15.54 0.80 35.29
N MET C 142 14.48 1.57 35.48
CA MET C 142 14.24 2.77 34.70
C MET C 142 14.96 3.98 35.28
N TYR C 143 15.62 3.78 36.41
CA TYR C 143 16.33 4.88 37.07
C TYR C 143 17.29 5.57 36.14
N ASP C 144 18.19 4.78 35.57
CA ASP C 144 19.21 5.36 34.71
C ASP C 144 18.69 6.19 33.54
N ALA C 145 17.47 5.92 33.10
CA ALA C 145 16.97 6.68 31.98
C ALA C 145 16.37 7.92 32.55
N LEU C 146 15.51 7.74 33.56
CA LEU C 146 14.83 8.86 34.18
C LEU C 146 15.74 9.95 34.73
N ARG C 147 16.66 9.60 35.63
CA ARG C 147 17.58 10.59 36.21
C ARG C 147 18.19 11.51 35.17
N ARG C 148 18.45 11.01 33.97
CA ARG C 148 19.03 11.86 32.95
C ARG C 148 18.07 12.96 32.45
N LEU C 149 16.79 12.64 32.37
CA LEU C 149 15.82 13.63 31.89
C LEU C 149 15.39 14.45 33.07
N LEU C 150 15.43 13.85 34.26
CA LEU C 150 15.08 14.52 35.51
C LEU C 150 16.03 15.67 35.58
N TYR C 151 17.29 15.36 35.34
CA TYR C 151 18.34 16.35 35.39
C TYR C 151 18.17 17.50 34.39
N MET C 152 17.87 17.19 33.15
CA MET C 152 17.71 18.20 32.11
C MET C 152 16.60 19.16 32.45
N ILE C 153 15.46 18.62 32.83
CA ILE C 153 14.35 19.50 33.11
C ILE C 153 14.51 20.33 34.34
N TYR C 154 15.35 19.88 35.26
CA TYR C 154 15.63 20.62 36.50
C TYR C 154 16.57 21.77 36.14
N MET C 155 17.56 21.48 35.31
CA MET C 155 18.45 22.53 34.88
C MET C 155 17.75 23.55 33.99
N SER C 156 16.79 23.11 33.19
CA SER C 156 16.09 24.07 32.33
C SER C 156 14.75 24.39 32.96
N GLY C 157 14.17 25.54 32.66
CA GLY C 157 12.86 25.80 33.25
C GLY C 157 11.75 25.17 32.42
N LEU C 158 11.85 23.86 32.15
CA LEU C 158 10.89 23.23 31.25
C LEU C 158 9.74 22.51 31.89
N ALA C 159 8.55 22.98 31.50
CA ALA C 159 7.29 22.47 32.01
C ALA C 159 7.13 21.01 31.62
N VAL C 160 6.53 20.22 32.48
CA VAL C 160 6.43 18.83 32.20
C VAL C 160 5.10 18.17 32.63
N ARG C 161 4.75 17.04 32.01
CA ARG C 161 3.62 16.28 32.47
C ARG C 161 4.36 15.16 33.14
N VAL C 162 4.11 14.93 34.41
CA VAL C 162 4.84 13.88 35.10
C VAL C 162 3.89 12.73 35.37
N HIS C 163 4.39 11.50 35.23
CA HIS C 163 3.62 10.28 35.49
C HIS C 163 4.11 9.67 36.78
N VAL C 164 3.21 9.06 37.52
CA VAL C 164 3.60 8.53 38.81
C VAL C 164 2.74 7.36 39.18
N SER C 165 3.35 6.35 39.77
CA SER C 165 2.61 5.20 40.19
C SER C 165 2.42 5.28 41.71
N LYS C 166 1.16 5.28 42.17
CA LYS C 166 0.92 5.35 43.61
C LYS C 166 1.07 3.97 44.22
N GLU C 167 1.82 3.13 43.53
CA GLU C 167 2.05 1.77 43.97
C GLU C 167 2.80 1.84 45.28
N GLU C 168 3.83 2.69 45.32
CA GLU C 168 4.61 2.85 46.54
C GLU C 168 4.77 4.32 46.85
N GLN C 169 4.63 4.62 48.14
CA GLN C 169 4.70 5.97 48.65
C GLN C 169 6.03 6.25 49.32
N TYR C 170 6.51 7.45 49.14
CA TYR C 170 7.78 7.84 49.72
C TYR C 170 7.69 8.98 50.75
N TYR C 171 8.35 8.73 51.87
CA TYR C 171 8.39 9.63 53.01
C TYR C 171 9.77 10.25 53.18
N ASP C 172 10.42 10.64 52.09
CA ASP C 172 11.76 11.20 52.22
C ASP C 172 11.74 12.64 52.75
N TYR C 173 11.01 13.54 52.12
CA TYR C 173 10.94 14.91 52.62
C TYR C 173 10.25 14.86 53.93
N GLU C 174 10.84 15.49 54.92
CA GLU C 174 10.24 15.53 56.23
C GLU C 174 9.28 16.70 56.27
N ASP C 175 8.15 16.49 56.95
CA ASP C 175 7.09 17.50 57.11
C ASP C 175 6.65 18.09 55.79
N ALA C 176 6.14 17.22 54.92
CA ALA C 176 5.70 17.67 53.63
C ALA C 176 4.21 17.79 53.54
N THR C 177 3.78 18.85 52.88
CA THR C 177 2.38 19.10 52.61
C THR C 177 1.94 18.37 51.34
N PHE C 178 2.89 17.76 50.64
CA PHE C 178 2.62 17.07 49.39
C PHE C 178 2.95 15.58 49.48
N GLN C 179 2.37 14.79 48.57
CA GLN C 179 2.63 13.35 48.56
C GLN C 179 3.75 12.96 47.61
N THR C 180 4.51 11.93 47.97
CA THR C 180 5.60 11.54 47.10
C THR C 180 5.50 10.11 46.63
N TYR C 181 5.49 9.91 45.33
CA TYR C 181 5.39 8.57 44.78
C TYR C 181 6.49 8.24 43.80
N ALA C 182 6.39 7.05 43.22
CA ALA C 182 7.36 6.54 42.23
C ALA C 182 7.19 7.15 40.82
N LEU C 183 8.30 7.69 40.32
CA LEU C 183 8.35 8.33 39.01
C LEU C 183 8.35 7.22 37.99
N THR C 184 7.53 7.35 36.97
CA THR C 184 7.48 6.35 35.95
C THR C 184 7.61 6.96 34.60
N GLY C 185 7.28 8.23 34.47
CA GLY C 185 7.42 8.82 33.15
C GLY C 185 7.42 10.32 33.20
N ILE C 186 8.12 10.92 32.27
CA ILE C 186 8.20 12.35 32.22
C ILE C 186 7.90 12.66 30.78
N SER C 187 7.20 13.75 30.50
CA SER C 187 6.90 14.10 29.12
C SER C 187 6.91 15.61 29.01
N LEU C 188 7.96 16.19 28.44
CA LEU C 188 7.98 17.66 28.32
C LEU C 188 6.64 18.05 27.74
N CYS C 189 6.10 19.14 28.22
CA CYS C 189 4.83 19.61 27.75
C CYS C 189 4.87 19.95 26.28
N ASN C 190 3.74 19.68 25.64
CA ASN C 190 3.56 20.01 24.26
C ASN C 190 2.07 20.26 24.22
N PRO C 191 1.70 21.53 24.32
CA PRO C 191 0.30 21.92 24.31
C PRO C 191 -0.32 21.54 22.98
N ALA C 192 0.27 22.03 21.90
CA ALA C 192 -0.19 21.80 20.55
C ALA C 192 -0.03 20.33 20.09
N ALA C 193 -0.15 19.42 21.04
CA ALA C 193 -0.02 18.00 20.76
C ALA C 193 -0.72 17.31 21.89
N SER C 194 -1.60 18.03 22.57
CA SER C 194 -2.37 17.47 23.67
C SER C 194 -1.52 16.97 24.86
N ILE C 195 -0.51 17.73 25.26
CA ILE C 195 0.28 17.27 26.39
C ILE C 195 0.08 18.11 27.65
N CYS C 196 0.05 19.43 27.52
CA CYS C 196 -0.15 20.23 28.72
C CYS C 196 -1.11 21.35 28.37
N ASP D 1 -0.56 -0.93 14.28
CA ASP D 1 0.39 -0.80 13.18
C ASP D 1 -0.15 0.00 12.04
N VAL D 2 0.75 0.53 11.25
CA VAL D 2 0.37 1.31 10.11
C VAL D 2 0.80 0.32 9.00
N PRO D 3 0.20 0.44 7.81
CA PRO D 3 0.48 -0.43 6.66
C PRO D 3 1.94 -0.63 6.26
N TYR D 4 2.72 0.47 6.26
CA TYR D 4 4.10 0.39 5.84
C TYR D 4 4.95 1.53 6.43
N VAL D 5 6.24 1.49 6.17
CA VAL D 5 7.14 2.50 6.66
C VAL D 5 6.97 3.87 5.99
N LEU D 6 6.82 4.87 6.86
CA LEU D 6 6.68 6.28 6.51
C LEU D 6 8.01 6.99 6.58
N VAL D 7 8.20 7.94 5.69
CA VAL D 7 9.44 8.69 5.66
C VAL D 7 8.99 10.14 5.62
N LYS D 8 9.23 10.85 6.72
CA LYS D 8 8.84 12.25 6.85
C LYS D 8 10.14 13.04 6.84
N THR D 9 10.13 14.16 6.12
CA THR D 9 11.32 15.00 5.97
C THR D 9 11.14 16.35 6.67
N ASN D 10 12.24 17.04 6.96
CA ASN D 10 12.18 18.33 7.64
C ASN D 10 11.34 18.21 8.91
N MET D 11 11.59 17.15 9.64
CA MET D 11 10.89 16.94 10.89
C MET D 11 11.75 17.59 11.96
N VAL D 12 11.11 18.17 12.96
CA VAL D 12 11.85 18.83 14.03
C VAL D 12 11.27 18.31 15.31
N VAL D 13 12.09 17.67 16.13
CA VAL D 13 11.56 17.15 17.38
C VAL D 13 11.26 18.32 18.29
N THR D 14 10.03 18.40 18.77
CA THR D 14 9.67 19.51 19.64
C THR D 14 9.42 19.12 21.07
N SER D 15 9.48 17.86 21.38
CA SER D 15 9.22 17.46 22.74
C SER D 15 9.76 16.07 22.83
N VAL D 16 10.29 15.69 23.97
CA VAL D 16 10.79 14.33 24.13
C VAL D 16 10.09 13.75 25.33
N ALA D 17 10.36 12.50 25.67
CA ALA D 17 9.67 11.90 26.81
C ALA D 17 10.16 10.49 27.01
N MET D 18 9.78 9.88 28.13
CA MET D 18 10.15 8.52 28.45
C MET D 18 8.98 7.95 29.17
N LYS D 19 8.79 6.64 29.06
CA LYS D 19 7.67 5.95 29.70
C LYS D 19 7.99 4.48 29.67
N PRO D 20 7.39 3.68 30.53
CA PRO D 20 7.73 2.26 30.49
C PRO D 20 7.04 1.60 29.32
N TYR D 21 7.55 0.44 28.92
CA TYR D 21 6.94 -0.28 27.81
C TYR D 21 5.77 -1.05 28.37
N GLU D 22 4.60 -0.64 27.92
CA GLU D 22 3.33 -1.23 28.33
C GLU D 22 3.45 -2.75 28.50
N VAL D 23 3.77 -3.45 27.43
CA VAL D 23 3.88 -4.91 27.44
C VAL D 23 5.09 -5.53 28.16
N THR D 24 6.17 -4.78 28.29
CA THR D 24 7.39 -5.33 28.91
C THR D 24 8.11 -4.43 29.91
N PRO D 25 8.63 -5.02 31.00
CA PRO D 25 9.37 -4.37 32.09
C PRO D 25 10.82 -4.08 31.74
N THR D 26 11.49 -5.07 31.15
CA THR D 26 12.88 -4.97 30.75
C THR D 26 13.13 -3.97 29.64
N ARG D 27 12.13 -3.20 29.29
CA ARG D 27 12.31 -2.22 28.24
C ARG D 27 11.44 -1.03 28.56
N MET D 28 11.66 0.06 27.87
CA MET D 28 10.85 1.24 28.10
C MET D 28 10.90 1.96 26.79
N LEU D 29 10.12 3.03 26.69
CA LEU D 29 10.09 3.82 25.47
C LEU D 29 10.73 5.13 25.76
N VAL D 30 11.03 5.83 24.68
CA VAL D 30 11.57 7.17 24.68
C VAL D 30 10.68 7.68 23.57
N CYS D 31 10.04 8.81 23.75
CA CYS D 31 9.12 9.23 22.70
C CYS D 31 9.31 10.66 22.38
N GLY D 32 8.55 11.18 21.46
CA GLY D 32 8.75 12.57 21.12
C GLY D 32 7.58 13.10 20.39
N ILE D 33 7.79 14.17 19.65
CA ILE D 33 6.74 14.80 18.86
C ILE D 33 7.56 15.52 17.82
N ALA D 34 7.42 15.13 16.57
CA ALA D 34 8.18 15.78 15.51
C ALA D 34 7.23 16.65 14.77
N ALA D 35 7.75 17.66 14.11
CA ALA D 35 6.90 18.56 13.37
C ALA D 35 7.56 18.88 12.08
N LYS D 36 6.81 18.75 11.00
CA LYS D 36 7.36 19.03 9.70
C LYS D 36 7.30 20.55 9.54
N LEU D 37 8.37 21.16 9.04
CA LEU D 37 8.33 22.60 8.84
C LEU D 37 7.25 22.88 7.79
N GLY D 38 6.83 24.14 7.65
CA GLY D 38 5.83 24.50 6.66
C GLY D 38 4.41 24.03 6.91
N ALA D 39 4.26 22.86 7.52
CA ALA D 39 2.96 22.29 7.82
C ALA D 39 2.15 23.18 8.76
N ALA D 40 0.87 23.32 8.46
CA ALA D 40 -0.05 24.11 9.29
C ALA D 40 -0.36 23.32 10.58
N ALA D 41 -0.62 24.04 11.68
CA ALA D 41 -0.90 23.39 12.96
C ALA D 41 -2.06 22.40 12.90
N SER D 42 -2.88 22.57 11.88
CA SER D 42 -4.02 21.71 11.64
C SER D 42 -3.50 20.40 11.04
N SER D 43 -2.50 20.54 10.16
CA SER D 43 -1.89 19.39 9.51
C SER D 43 -1.41 18.43 10.57
N PRO D 44 -1.62 17.15 10.34
CA PRO D 44 -1.23 16.04 11.22
C PRO D 44 0.28 15.95 11.30
N ASP D 45 0.93 16.48 10.28
CA ASP D 45 2.38 16.50 10.24
C ASP D 45 2.88 17.61 11.13
N ALA D 46 1.96 18.42 11.63
CA ALA D 46 2.36 19.49 12.52
C ALA D 46 2.73 18.91 13.87
N HIS D 47 2.51 17.62 14.06
CA HIS D 47 2.88 16.97 15.31
C HIS D 47 2.81 15.44 15.32
N VAL D 48 3.86 14.82 14.82
CA VAL D 48 3.91 13.38 14.77
C VAL D 48 4.50 12.73 16.00
N PRO D 49 3.71 11.97 16.72
CA PRO D 49 4.22 11.30 17.92
C PRO D 49 5.05 10.06 17.61
N PHE D 50 6.28 10.00 18.13
CA PHE D 50 7.08 8.82 17.88
C PHE D 50 7.57 8.21 19.15
N CYS D 51 8.19 7.04 19.02
CA CYS D 51 8.72 6.33 20.15
C CYS D 51 9.72 5.32 19.64
N PHE D 52 10.48 4.74 20.55
CA PHE D 52 11.43 3.72 20.20
C PHE D 52 11.84 3.07 21.48
N GLY D 53 12.24 1.82 21.39
CA GLY D 53 12.56 1.06 22.58
C GLY D 53 13.91 1.26 23.15
N LYS D 54 14.05 0.93 24.42
CA LYS D 54 15.34 1.01 25.07
C LYS D 54 15.39 -0.20 25.97
N ASP D 55 16.46 -0.97 25.82
CA ASP D 55 16.61 -2.19 26.59
C ASP D 55 17.18 -1.82 27.94
N LEU D 56 16.41 -2.08 28.99
CA LEU D 56 16.88 -1.74 30.31
C LEU D 56 17.88 -2.75 30.86
N LYS D 57 18.26 -3.76 30.07
CA LYS D 57 19.25 -4.73 30.54
C LYS D 57 20.63 -4.36 30.06
N ARG D 58 20.70 -3.31 29.25
CA ARG D 58 21.98 -2.84 28.74
C ARG D 58 22.03 -1.40 29.14
N PRO D 59 22.85 -1.11 30.15
CA PRO D 59 23.01 0.25 30.69
C PRO D 59 23.81 1.11 29.74
N GLY D 60 23.35 2.35 29.59
CA GLY D 60 24.02 3.29 28.71
C GLY D 60 23.00 4.06 27.91
N SER D 61 23.49 4.71 26.87
CA SER D 61 22.61 5.43 25.98
C SER D 61 22.82 4.86 24.56
N SER D 62 21.71 4.49 23.92
CA SER D 62 21.73 3.96 22.57
C SER D 62 22.12 5.10 21.63
N PRO D 63 22.46 4.76 20.39
CA PRO D 63 22.84 5.85 19.50
C PRO D 63 21.67 6.74 19.20
N MET D 64 20.47 6.18 19.16
CA MET D 64 19.30 6.99 18.85
C MET D 64 18.99 7.95 19.97
N GLU D 65 19.32 7.57 21.19
CA GLU D 65 19.14 8.45 22.34
C GLU D 65 20.08 9.65 22.17
N VAL D 66 21.37 9.35 22.05
CA VAL D 66 22.41 10.35 21.88
C VAL D 66 22.05 11.28 20.74
N MET D 67 21.67 10.72 19.61
CA MET D 67 21.32 11.57 18.50
C MET D 67 20.16 12.48 18.89
N LEU D 68 19.06 11.87 19.31
CA LEU D 68 17.84 12.59 19.68
C LEU D 68 18.12 13.78 20.53
N ARG D 69 18.88 13.55 21.58
CA ARG D 69 19.26 14.61 22.47
C ARG D 69 19.88 15.76 21.71
N ALA D 70 20.94 15.47 20.97
CA ALA D 70 21.66 16.50 20.24
C ALA D 70 20.80 17.26 19.26
N VAL D 71 19.97 16.54 18.55
CA VAL D 71 19.15 17.17 17.54
C VAL D 71 18.00 17.91 18.16
N PHE D 72 17.55 17.42 19.31
CA PHE D 72 16.44 18.10 20.01
C PHE D 72 16.93 19.48 20.46
N MET D 73 18.01 19.44 21.25
CA MET D 73 18.66 20.61 21.82
C MET D 73 18.93 21.58 20.72
N GLN D 74 19.54 21.07 19.65
CA GLN D 74 19.90 21.93 18.55
C GLN D 74 18.77 22.27 17.57
N GLN D 75 17.58 21.69 17.75
CA GLN D 75 16.46 21.97 16.84
C GLN D 75 16.83 21.67 15.39
N ARG D 76 17.46 20.52 15.20
CA ARG D 76 17.90 20.08 13.89
C ARG D 76 16.76 19.42 13.16
N PRO D 77 16.51 19.81 11.90
CA PRO D 77 15.43 19.20 11.13
C PRO D 77 15.92 17.80 10.75
N LEU D 78 14.99 16.87 10.64
CA LEU D 78 15.36 15.51 10.35
C LEU D 78 14.56 14.84 9.23
N ARG D 79 14.97 13.62 8.91
CA ARG D 79 14.37 12.77 7.89
C ARG D 79 14.15 11.51 8.74
N MET D 80 12.89 11.19 9.05
CA MET D 80 12.66 10.05 9.92
C MET D 80 11.86 8.97 9.27
N PHE D 81 12.27 7.74 9.55
CA PHE D 81 11.65 6.55 9.05
C PHE D 81 10.83 6.08 10.22
N LEU D 82 9.51 6.24 10.08
CA LEU D 82 8.49 5.86 11.06
C LEU D 82 7.64 4.67 10.60
N GLY D 83 7.29 3.80 11.51
CA GLY D 83 6.47 2.65 11.17
C GLY D 83 7.26 1.35 11.10
N PRO D 84 6.63 0.25 10.73
CA PRO D 84 5.19 0.30 10.42
C PRO D 84 4.45 0.13 11.75
N LYS D 85 5.19 -0.17 12.81
CA LYS D 85 4.64 -0.36 14.14
C LYS D 85 4.09 0.88 14.84
N GLN D 86 3.25 0.63 15.85
CA GLN D 86 2.66 1.69 16.65
C GLN D 86 2.69 1.29 18.11
N LEU D 87 3.06 2.25 18.94
CA LEU D 87 3.16 2.03 20.35
C LEU D 87 2.30 3.10 20.96
N THR D 88 1.95 2.94 22.24
CA THR D 88 1.13 3.92 22.92
C THR D 88 1.95 4.94 23.70
N PHE D 89 1.72 6.22 23.41
CA PHE D 89 2.42 7.28 24.09
C PHE D 89 1.37 8.33 24.34
N GLU D 90 1.30 8.77 25.61
CA GLU D 90 0.34 9.77 26.12
C GLU D 90 -1.09 9.43 25.71
N GLY D 91 -1.45 8.18 25.98
CA GLY D 91 -2.77 7.68 25.63
C GLY D 91 -3.11 7.33 24.18
N LYS D 92 -2.33 7.85 23.24
CA LYS D 92 -2.51 7.63 21.82
C LYS D 92 -1.42 6.73 21.18
N PRO D 93 -1.65 6.27 19.93
CA PRO D 93 -0.67 5.42 19.25
C PRO D 93 0.43 6.32 18.67
N ALA D 94 1.64 5.82 18.65
CA ALA D 94 2.73 6.60 18.12
C ALA D 94 3.53 5.65 17.29
N LEU D 95 4.07 6.17 16.19
CA LEU D 95 4.85 5.41 15.24
C LEU D 95 6.23 5.00 15.72
N GLU D 96 6.57 3.73 15.66
CA GLU D 96 7.92 3.38 16.03
C GLU D 96 8.94 4.03 15.06
N LEU D 97 10.01 4.61 15.61
CA LEU D 97 11.08 5.26 14.85
C LEU D 97 12.16 4.20 14.77
N ILE D 98 12.55 3.87 13.56
CA ILE D 98 13.55 2.84 13.42
C ILE D 98 14.84 3.43 12.88
N ARG D 99 14.75 4.69 12.44
CA ARG D 99 15.90 5.37 11.87
C ARG D 99 15.56 6.81 11.64
N MET D 100 16.58 7.65 11.73
CA MET D 100 16.46 9.10 11.53
C MET D 100 17.84 9.54 11.12
N VAL D 101 17.88 10.52 10.24
CA VAL D 101 19.13 11.04 9.75
C VAL D 101 18.84 12.49 9.58
N GLU D 102 19.75 13.31 10.07
CA GLU D 102 19.60 14.76 10.01
C GLU D 102 19.59 15.20 8.56
N CYS D 103 18.96 16.32 8.31
CA CYS D 103 18.91 16.83 6.96
C CYS D 103 20.17 17.59 6.61
N SER D 104 20.53 17.55 5.33
CA SER D 104 21.68 18.25 4.83
C SER D 104 21.17 19.49 4.13
N GLY D 105 20.23 19.32 3.21
CA GLY D 105 19.68 20.45 2.47
C GLY D 105 18.40 20.03 1.76
N LYS D 106 17.87 20.86 0.87
CA LYS D 106 16.64 20.49 0.18
C LYS D 106 16.80 19.20 -0.63
N GLN D 107 18.02 18.92 -1.08
CA GLN D 107 18.30 17.72 -1.87
C GLN D 107 17.80 16.44 -1.17
N ASP D 108 18.39 16.09 -0.03
CA ASP D 108 17.97 14.88 0.68
C ASP D 108 16.73 15.07 1.53
N CYS D 109 16.38 16.34 1.78
CA CYS D 109 15.21 16.70 2.58
C CYS D 109 14.46 17.74 1.81
N PRO D 110 13.64 17.28 0.85
CA PRO D 110 12.80 18.08 -0.05
C PRO D 110 11.46 18.50 0.54
N ASP E 1 36.79 10.57 62.72
CA ASP E 1 35.36 10.57 62.99
C ASP E 1 34.88 11.73 63.85
N VAL E 2 33.57 11.86 63.93
CA VAL E 2 32.86 12.88 64.72
C VAL E 2 31.90 12.04 65.58
N PRO E 3 31.61 12.49 66.82
CA PRO E 3 30.71 11.73 67.69
C PRO E 3 29.27 11.61 67.23
N TYR E 4 28.79 12.56 66.43
CA TYR E 4 27.43 12.47 65.97
C TYR E 4 27.18 13.29 64.75
N VAL E 5 26.11 12.94 64.06
CA VAL E 5 25.71 13.58 62.82
C VAL E 5 25.51 15.06 62.94
N LEU E 6 26.22 15.85 62.16
CA LEU E 6 25.97 17.27 62.15
C LEU E 6 24.90 17.46 61.07
N VAL E 7 24.34 18.67 60.95
CA VAL E 7 23.29 19.01 59.98
C VAL E 7 23.50 20.49 59.60
N LYS E 8 24.25 20.79 58.55
CA LYS E 8 24.44 22.19 58.17
C LYS E 8 23.25 22.63 57.34
N THR E 9 23.00 23.93 57.30
CA THR E 9 21.89 24.50 56.58
C THR E 9 22.38 25.62 55.68
N ASN E 10 21.56 26.07 54.73
CA ASN E 10 21.95 27.14 53.78
C ASN E 10 23.36 26.98 53.22
N MET E 11 23.76 25.73 52.98
CA MET E 11 25.07 25.46 52.44
C MET E 11 24.97 25.42 50.93
N VAL E 12 26.07 25.73 50.25
CA VAL E 12 26.14 25.68 48.82
C VAL E 12 27.42 24.91 48.47
N VAL E 13 27.33 23.94 47.53
CA VAL E 13 28.51 23.16 47.12
C VAL E 13 29.31 24.07 46.23
N THR E 14 30.56 24.24 46.60
CA THR E 14 31.41 25.18 45.94
C THR E 14 32.46 24.60 45.00
N SER E 15 32.93 23.42 45.30
CA SER E 15 33.94 22.78 44.49
C SER E 15 33.63 21.31 44.60
N VAL E 16 33.98 20.54 43.57
CA VAL E 16 33.72 19.10 43.56
C VAL E 16 34.99 18.40 43.16
N ALA E 17 35.12 17.15 43.54
CA ALA E 17 36.32 16.42 43.19
C ALA E 17 36.12 14.91 43.17
N MET E 18 36.89 14.23 42.30
CA MET E 18 36.82 12.79 42.18
C MET E 18 38.18 12.25 42.56
N LYS E 19 38.18 11.26 43.43
CA LYS E 19 39.44 10.67 43.86
C LYS E 19 39.32 9.17 44.11
N PRO E 20 40.43 8.44 43.92
CA PRO E 20 40.40 7.01 44.14
C PRO E 20 40.20 6.73 45.62
N TYR E 21 39.30 5.80 45.95
CA TYR E 21 39.08 5.49 47.35
C TYR E 21 40.30 4.83 47.91
N GLU E 22 41.06 5.63 48.65
CA GLU E 22 42.28 5.25 49.32
C GLU E 22 42.34 3.76 49.68
N VAL E 23 41.22 3.20 50.14
CA VAL E 23 41.18 1.81 50.55
C VAL E 23 40.73 0.88 49.43
N THR E 24 39.44 0.59 49.41
CA THR E 24 38.85 -0.30 48.44
C THR E 24 38.83 0.30 47.04
N PRO E 25 39.55 -0.33 46.10
CA PRO E 25 39.68 0.05 44.69
C PRO E 25 38.41 -0.13 43.85
N THR E 26 37.38 -0.75 44.45
CA THR E 26 36.12 -0.96 43.76
C THR E 26 35.24 0.30 43.93
N ARG E 27 35.72 1.20 44.80
CA ARG E 27 35.03 2.44 45.14
C ARG E 27 35.92 3.61 44.96
N MET E 28 35.28 4.75 44.79
CA MET E 28 36.03 5.97 44.65
C MET E 28 35.36 6.96 45.59
N LEU E 29 35.91 8.17 45.70
CA LEU E 29 35.34 9.18 46.57
C LEU E 29 35.01 10.43 45.80
N VAL E 30 33.78 10.89 45.94
CA VAL E 30 33.36 12.13 45.30
C VAL E 30 33.40 13.10 46.48
N CYS E 31 34.34 14.05 46.45
CA CYS E 31 34.44 15.01 47.53
C CYS E 31 34.16 16.43 47.06
N GLY E 32 33.81 17.26 48.02
CA GLY E 32 33.55 18.65 47.72
C GLY E 32 33.75 19.50 48.95
N ILE E 33 33.59 20.81 48.75
CA ILE E 33 33.70 21.84 49.79
C ILE E 33 32.38 22.60 49.86
N ALA E 34 31.63 22.44 50.95
CA ALA E 34 30.37 23.17 51.16
C ALA E 34 30.65 24.48 51.93
N ALA E 35 29.85 25.52 51.68
CA ALA E 35 30.00 26.79 52.37
C ALA E 35 28.65 27.37 52.80
N LYS E 36 28.55 27.88 54.02
CA LYS E 36 27.30 28.46 54.46
C LYS E 36 27.18 29.81 53.74
N LEU E 37 26.13 29.96 52.96
CA LEU E 37 25.90 31.18 52.20
C LEU E 37 25.94 32.34 53.14
N GLY E 38 26.73 33.36 52.79
CA GLY E 38 26.83 34.56 53.60
C GLY E 38 27.73 34.61 54.82
N ALA E 39 28.08 33.46 55.38
CA ALA E 39 28.94 33.41 56.55
C ALA E 39 30.24 34.20 56.48
N ALA E 40 30.86 34.29 57.63
CA ALA E 40 32.10 35.02 57.73
C ALA E 40 33.12 34.22 56.95
N ALA E 41 33.90 34.93 56.15
CA ALA E 41 34.93 34.31 55.35
C ALA E 41 35.74 33.37 56.22
N SER E 42 35.64 33.55 57.53
CA SER E 42 36.41 32.76 58.49
C SER E 42 35.67 31.83 59.45
N SER E 43 34.34 31.82 59.45
CA SER E 43 33.63 30.91 60.35
C SER E 43 33.82 29.46 59.91
N PRO E 44 33.71 28.52 60.86
CA PRO E 44 33.89 27.09 60.53
C PRO E 44 33.00 26.56 59.39
N ASP E 45 31.76 27.06 59.32
CA ASP E 45 30.81 26.65 58.29
C ASP E 45 30.99 27.36 56.97
N ALA E 46 32.13 27.99 56.80
CA ALA E 46 32.38 28.70 55.58
C ALA E 46 33.34 27.90 54.72
N HIS E 47 33.69 26.70 55.20
CA HIS E 47 34.56 25.84 54.44
C HIS E 47 34.44 24.48 55.08
N VAL E 48 33.59 23.64 54.50
CA VAL E 48 33.30 22.31 55.02
C VAL E 48 33.61 21.19 54.04
N PRO E 49 34.73 20.48 54.24
CA PRO E 49 35.08 19.38 53.35
C PRO E 49 34.15 18.19 53.56
N PHE E 50 33.72 17.58 52.47
CA PHE E 50 32.88 16.40 52.55
C PHE E 50 33.27 15.43 51.44
N CYS E 51 32.83 14.18 51.58
CA CYS E 51 33.10 13.14 50.61
C CYS E 51 32.03 12.11 50.77
N PHE E 52 31.80 11.35 49.70
CA PHE E 52 30.89 10.21 49.74
C PHE E 52 31.45 9.18 48.80
N GLY E 53 31.18 7.91 49.14
CA GLY E 53 31.69 6.82 48.35
C GLY E 53 30.86 6.48 47.12
N LYS E 54 31.53 6.12 46.04
CA LYS E 54 30.86 5.73 44.79
C LYS E 54 31.33 4.32 44.46
N ASP E 55 30.38 3.44 44.18
CA ASP E 55 30.73 2.07 43.83
C ASP E 55 30.99 1.97 42.36
N LEU E 56 32.24 1.66 42.03
CA LEU E 56 32.66 1.52 40.66
C LEU E 56 32.10 0.27 39.95
N LYS E 57 31.50 -0.67 40.70
CA LYS E 57 30.93 -1.86 40.07
C LYS E 57 29.56 -1.56 39.47
N ARG E 58 28.87 -0.59 40.06
CA ARG E 58 27.55 -0.20 39.60
C ARG E 58 27.67 0.89 38.53
N PRO E 59 27.16 0.64 37.34
CA PRO E 59 27.25 1.64 36.27
C PRO E 59 26.29 2.78 36.52
N GLY E 60 26.56 3.91 35.90
CA GLY E 60 25.68 5.05 36.06
C GLY E 60 26.13 6.06 37.10
N SER E 61 25.16 6.83 37.61
CA SER E 61 25.45 7.84 38.62
C SER E 61 24.40 7.69 39.70
N SER E 62 24.87 7.68 40.95
CA SER E 62 24.02 7.54 42.12
C SER E 62 23.16 8.77 42.31
N PRO E 63 22.04 8.63 43.02
CA PRO E 63 21.18 9.81 43.23
C PRO E 63 21.97 11.00 43.81
N MET E 64 22.84 10.72 44.76
CA MET E 64 23.66 11.80 45.35
C MET E 64 24.50 12.49 44.31
N GLU E 65 25.12 11.66 43.48
CA GLU E 65 26.00 12.12 42.43
C GLU E 65 25.28 12.98 41.41
N VAL E 66 24.00 12.71 41.19
CA VAL E 66 23.24 13.49 40.22
C VAL E 66 22.82 14.83 40.78
N MET E 67 22.36 14.83 42.02
CA MET E 67 21.95 16.04 42.70
C MET E 67 23.17 16.91 42.86
N LEU E 68 24.24 16.29 43.37
CA LEU E 68 25.49 16.98 43.59
C LEU E 68 25.88 17.75 42.35
N ARG E 69 25.57 17.20 41.18
CA ARG E 69 25.88 17.85 39.94
C ARG E 69 24.98 19.04 39.69
N ALA E 70 23.68 18.87 39.89
CA ALA E 70 22.72 19.93 39.64
C ALA E 70 22.93 21.11 40.53
N VAL E 71 22.88 20.88 41.84
CA VAL E 71 23.06 21.95 42.82
C VAL E 71 24.40 22.72 42.75
N PHE E 72 25.43 22.11 42.17
CA PHE E 72 26.74 22.77 41.98
C PHE E 72 26.63 23.72 40.77
N MET E 73 26.09 23.21 39.65
CA MET E 73 25.93 24.03 38.43
C MET E 73 25.04 25.20 38.73
N GLN E 74 24.05 24.96 39.58
CA GLN E 74 23.09 25.98 39.95
C GLN E 74 23.28 26.72 41.30
N GLN E 75 24.13 26.17 42.17
CA GLN E 75 24.42 26.78 43.45
C GLN E 75 23.16 26.84 44.30
N ARG E 76 22.56 25.70 44.54
CA ARG E 76 21.37 25.74 45.33
C ARG E 76 21.73 25.49 46.77
N PRO E 77 21.02 26.15 47.69
CA PRO E 77 21.18 26.09 49.14
C PRO E 77 20.69 24.77 49.60
N LEU E 78 21.46 24.11 50.45
CA LEU E 78 21.06 22.80 50.94
C LEU E 78 21.17 22.59 52.44
N ARG E 79 20.56 21.51 52.90
CA ARG E 79 20.65 21.05 54.28
C ARG E 79 21.53 19.81 54.14
N MET E 80 22.64 19.72 54.83
CA MET E 80 23.46 18.55 54.65
C MET E 80 23.60 17.77 55.90
N PHE E 81 23.46 16.46 55.84
CA PHE E 81 23.65 15.68 57.04
C PHE E 81 25.07 15.16 56.89
N LEU E 82 25.98 15.71 57.69
CA LEU E 82 27.38 15.34 57.68
C LEU E 82 27.75 14.47 58.85
N GLY E 83 28.85 13.71 58.70
CA GLY E 83 29.34 12.82 59.74
C GLY E 83 28.51 11.57 59.96
N PRO E 84 28.84 10.70 60.93
CA PRO E 84 29.96 10.81 61.86
C PRO E 84 31.24 10.55 61.15
N LYS E 85 31.25 9.54 60.29
CA LYS E 85 32.47 9.18 59.57
C LYS E 85 33.30 10.30 58.98
N GLN E 86 34.60 10.07 58.94
CA GLN E 86 35.48 11.05 58.38
C GLN E 86 36.39 10.42 57.36
N LEU E 87 36.25 10.84 56.10
CA LEU E 87 37.09 10.39 54.99
C LEU E 87 38.19 11.42 54.93
N THR E 88 39.18 11.19 54.09
CA THR E 88 40.27 12.13 53.99
C THR E 88 40.23 12.79 52.65
N PHE E 89 39.97 14.07 52.62
CA PHE E 89 40.00 14.76 51.35
C PHE E 89 41.02 15.85 51.42
N GLU E 90 41.83 15.93 50.37
CA GLU E 90 42.84 16.96 50.26
C GLU E 90 43.70 17.08 51.51
N GLY E 91 44.14 15.93 52.02
CA GLY E 91 45.02 15.92 53.18
C GLY E 91 44.31 15.95 54.52
N LYS E 92 43.45 16.95 54.68
CA LYS E 92 42.67 17.09 55.89
C LYS E 92 41.54 16.07 55.90
N PRO E 93 40.93 15.88 57.06
CA PRO E 93 39.83 14.92 57.13
C PRO E 93 38.61 15.61 56.49
N ALA E 94 37.55 14.84 56.29
CA ALA E 94 36.35 15.36 55.68
C ALA E 94 35.24 14.48 56.16
N LEU E 95 34.09 15.10 56.35
CA LEU E 95 32.94 14.40 56.84
C LEU E 95 32.21 13.69 55.72
N GLU E 96 31.69 12.51 56.04
CA GLU E 96 30.96 11.76 55.05
C GLU E 96 29.64 12.47 54.88
N LEU E 97 29.15 12.58 53.66
CA LEU E 97 27.88 13.22 53.39
C LEU E 97 26.94 12.04 53.31
N ILE E 98 25.89 12.05 54.12
CA ILE E 98 24.94 10.93 54.06
C ILE E 98 23.52 11.29 53.57
N ARG E 99 23.23 12.57 53.39
CA ARG E 99 21.91 13.00 52.92
C ARG E 99 21.95 14.47 52.61
N MET E 100 21.04 14.92 51.77
CA MET E 100 21.05 16.35 51.45
C MET E 100 19.97 16.59 50.39
N VAL E 101 19.02 17.65 51.31
CA VAL E 101 17.77 18.08 50.72
C VAL E 101 17.93 19.55 50.40
N GLU E 102 17.44 19.98 49.26
CA GLU E 102 17.60 21.36 48.86
C GLU E 102 16.73 22.16 49.80
N CYS E 103 17.11 23.39 50.06
CA CYS E 103 16.35 24.27 50.96
C CYS E 103 15.17 24.83 50.25
N SER E 104 14.03 24.86 50.92
CA SER E 104 12.83 25.44 50.33
C SER E 104 12.83 26.93 50.70
N GLY E 105 13.18 27.20 51.96
CA GLY E 105 13.24 28.56 52.45
C GLY E 105 13.65 28.61 53.91
N LYS E 106 13.47 29.78 54.50
CA LYS E 106 13.79 30.07 55.90
C LYS E 106 13.18 29.03 56.87
N GLN E 107 12.12 28.39 56.42
CA GLN E 107 11.38 27.39 57.19
C GLN E 107 12.24 26.21 57.57
N ASP E 108 12.72 25.48 56.57
CA ASP E 108 13.56 24.29 56.79
C ASP E 108 15.05 24.62 56.80
N CYS E 109 15.37 25.82 56.35
CA CYS E 109 16.75 26.28 56.27
C CYS E 109 17.04 27.62 56.87
N PRO E 110 17.27 27.64 58.21
CA PRO E 110 17.58 28.85 59.00
C PRO E 110 19.08 29.12 59.03
N LEU F 1 56.57 7.45 43.34
CA LEU F 1 55.35 8.06 42.80
C LEU F 1 55.42 9.59 42.99
N PRO F 2 56.39 10.27 42.34
CA PRO F 2 56.51 11.72 42.47
C PRO F 2 55.25 12.40 41.99
N THR F 3 54.26 12.43 42.86
CA THR F 3 52.98 13.05 42.57
C THR F 3 53.16 14.54 42.58
N HIS F 4 52.19 15.28 42.07
CA HIS F 4 52.24 16.73 42.03
C HIS F 4 50.85 17.26 41.97
N LEU F 5 50.69 18.52 42.34
CA LEU F 5 49.37 19.14 42.30
C LEU F 5 49.52 20.42 41.55
N TYR F 6 48.46 20.80 40.85
CA TYR F 6 48.47 22.03 40.08
C TYR F 6 47.15 22.66 40.28
N LYS F 7 47.12 23.82 40.94
CA LYS F 7 45.87 24.46 41.15
C LYS F 7 45.66 25.56 40.13
N ASN F 8 44.40 25.96 40.00
CA ASN F 8 43.99 27.02 39.10
C ASN F 8 44.54 27.00 37.69
N PHE F 9 44.52 25.79 37.14
CA PHE F 9 44.90 25.53 35.75
C PHE F 9 43.62 25.33 34.92
N THR F 10 43.76 25.54 33.63
CA THR F 10 42.67 25.41 32.70
C THR F 10 42.89 24.23 31.73
N VAL F 11 41.80 23.57 31.34
CA VAL F 11 41.89 22.44 30.40
C VAL F 11 41.93 23.05 29.01
N GLN F 12 42.98 22.75 28.25
CA GLN F 12 43.12 23.32 26.92
C GLN F 12 42.96 22.33 25.78
N GLU F 13 43.34 21.09 26.05
CA GLU F 13 43.30 20.04 25.08
C GLU F 13 42.65 18.90 25.77
N LEU F 14 41.83 18.19 25.03
CA LEU F 14 41.14 17.03 25.58
C LEU F 14 41.22 16.03 24.45
N ALA F 15 41.57 14.80 24.75
CA ALA F 15 41.65 13.81 23.67
C ALA F 15 41.49 12.36 24.06
N LEU F 16 40.60 11.68 23.33
CA LEU F 16 40.30 10.27 23.51
C LEU F 16 40.88 9.54 22.31
N LYS F 17 41.89 8.73 22.55
CA LYS F 17 42.57 8.00 21.50
C LYS F 17 42.83 6.58 21.95
N LEU F 18 43.57 5.88 21.11
CA LEU F 18 43.91 4.50 21.28
C LEU F 18 45.42 4.40 21.38
N LYS F 19 45.88 3.76 22.45
CA LYS F 19 47.30 3.55 22.67
C LYS F 19 47.49 2.08 22.38
N GLY F 20 47.99 1.79 21.18
CA GLY F 20 48.17 0.41 20.80
C GLY F 20 46.77 -0.14 20.70
N LYS F 21 46.36 -0.94 21.68
CA LYS F 21 45.01 -1.51 21.71
C LYS F 21 44.34 -1.28 23.06
N ASN F 22 44.64 -0.14 23.65
CA ASN F 22 44.07 0.23 24.92
C ASN F 22 43.53 1.62 24.74
N GLN F 23 42.40 1.85 25.38
CA GLN F 23 41.75 3.14 25.33
C GLN F 23 42.60 4.11 26.11
N GLU F 24 42.50 5.39 25.82
CA GLU F 24 43.30 6.35 26.53
C GLU F 24 42.81 7.77 26.36
N PHE F 25 42.73 8.53 27.44
CA PHE F 25 42.36 9.91 27.29
C PHE F 25 43.34 10.79 28.02
N CYS F 26 43.51 12.00 27.50
CA CYS F 26 44.45 12.95 28.06
C CYS F 26 43.96 14.36 27.98
N LEU F 27 44.48 15.16 28.91
CA LEU F 27 44.14 16.54 28.93
C LEU F 27 45.43 17.30 29.13
N THR F 28 45.38 18.55 28.71
CA THR F 28 46.49 19.46 28.86
C THR F 28 45.91 20.58 29.69
N ALA F 29 46.51 20.77 30.87
CA ALA F 29 46.13 21.82 31.82
C ALA F 29 47.10 22.96 31.56
N PHE F 30 46.60 24.15 31.41
CA PHE F 30 47.51 25.21 31.13
C PHE F 30 47.31 26.43 31.99
N MET F 31 48.42 27.05 32.38
CA MET F 31 48.37 28.28 33.15
C MET F 31 49.29 29.26 32.50
N SER F 32 48.76 30.45 32.20
CA SER F 32 49.50 31.50 31.51
C SER F 32 50.96 31.64 31.85
N GLY F 33 51.28 31.73 33.12
CA GLY F 33 52.68 31.87 33.44
C GLY F 33 53.57 30.69 33.04
N ARG F 34 52.99 29.60 32.57
CA ARG F 34 53.86 28.48 32.33
C ARG F 34 53.64 27.42 31.28
N SER F 35 54.28 26.28 31.56
CA SER F 35 54.23 25.11 30.72
C SER F 35 52.87 24.48 30.78
N LEU F 36 52.73 23.40 30.00
CA LEU F 36 51.50 22.63 29.90
C LEU F 36 51.65 21.43 30.79
N VAL F 37 50.61 21.09 31.54
CA VAL F 37 50.66 19.93 32.40
C VAL F 37 49.79 18.92 31.70
N ARG F 38 50.43 17.90 31.16
CA ARG F 38 49.71 16.85 30.45
C ARG F 38 49.64 15.59 31.28
N ALA F 39 48.43 15.07 31.43
CA ALA F 39 48.23 13.86 32.17
C ALA F 39 47.26 13.01 31.39
N CYS F 40 47.45 11.69 31.43
CA CYS F 40 46.59 10.73 30.73
C CYS F 40 46.06 9.65 31.64
N LEU F 41 44.83 9.26 31.38
CA LEU F 41 44.21 8.22 32.17
C LEU F 41 44.03 7.14 31.11
N SER F 42 44.63 5.99 31.37
CA SER F 42 44.56 4.89 30.42
C SER F 42 43.68 3.80 30.97
N ASP F 43 42.99 3.12 30.06
CA ASP F 43 42.11 2.01 30.37
C ASP F 43 43.00 0.86 30.81
N ALA F 44 43.09 0.68 32.14
CA ALA F 44 43.93 -0.35 32.76
C ALA F 44 43.72 -1.82 32.36
N GLY F 45 43.02 -2.07 31.26
CA GLY F 45 42.76 -3.44 30.84
C GLY F 45 41.60 -4.02 31.65
N HIS F 46 41.74 -4.01 32.97
CA HIS F 46 40.72 -4.53 33.89
C HIS F 46 39.35 -3.92 33.67
N GLU F 47 38.51 -4.61 32.90
CA GLU F 47 37.17 -4.12 32.63
C GLU F 47 36.33 -4.20 33.91
N HIS F 48 36.16 -3.04 34.51
CA HIS F 48 35.40 -2.82 35.75
C HIS F 48 35.69 -1.38 36.16
N ASP F 49 36.88 -0.91 35.81
CA ASP F 49 37.31 0.42 36.11
C ASP F 49 36.33 1.42 35.50
N THR F 50 35.26 1.67 36.25
CA THR F 50 34.26 2.65 35.85
C THR F 50 35.02 3.98 35.91
N TRP F 51 36.10 3.95 36.68
CA TRP F 51 36.95 5.07 36.87
C TRP F 51 37.19 5.77 35.55
N PHE F 52 37.57 5.02 34.54
CA PHE F 52 37.86 5.62 33.23
C PHE F 52 36.69 6.51 32.75
N ASP F 53 35.51 5.92 32.70
CA ASP F 53 34.36 6.64 32.21
C ASP F 53 33.97 7.79 33.06
N THR F 54 34.05 7.58 34.36
CA THR F 54 33.71 8.61 35.32
C THR F 54 34.65 9.81 35.20
N MET F 55 35.95 9.55 35.27
CA MET F 55 36.92 10.62 35.17
C MET F 55 36.79 11.27 33.81
N LEU F 56 36.47 10.47 32.81
CA LEU F 56 36.36 11.00 31.45
C LEU F 56 35.21 11.99 31.40
N GLY F 57 34.09 11.62 32.00
CA GLY F 57 32.96 12.52 31.99
C GLY F 57 33.27 13.77 32.78
N PHE F 58 33.84 13.57 33.96
CA PHE F 58 34.21 14.66 34.85
C PHE F 58 35.14 15.63 34.11
N ALA F 59 36.12 15.09 33.40
CA ALA F 59 37.05 15.90 32.64
C ALA F 59 36.34 16.61 31.48
N ILE F 60 35.30 16.00 30.94
CA ILE F 60 34.57 16.64 29.87
C ILE F 60 33.79 17.81 30.43
N SER F 61 33.21 17.65 31.62
CA SER F 61 32.46 18.72 32.29
C SER F 61 33.42 19.87 32.61
N ALA F 62 34.59 19.54 33.16
CA ALA F 62 35.56 20.56 33.47
C ALA F 62 35.87 21.29 32.18
N TYR F 63 36.09 20.57 31.08
CA TYR F 63 36.36 21.22 29.82
C TYR F 63 35.16 22.09 29.40
N ALA F 64 33.95 21.55 29.57
CA ALA F 64 32.73 22.22 29.16
C ALA F 64 32.43 23.50 29.91
N LEU F 65 32.58 23.46 31.23
CA LEU F 65 32.33 24.62 32.08
C LEU F 65 33.41 25.71 31.97
N LYS F 66 34.57 25.36 31.42
CA LYS F 66 35.66 26.32 31.30
C LYS F 66 36.19 26.74 32.68
N SER F 67 36.01 25.87 33.68
CA SER F 67 36.46 26.19 35.03
C SER F 67 37.91 25.87 35.25
N ARG F 68 38.52 26.52 36.23
CA ARG F 68 39.91 26.22 36.55
C ARG F 68 39.79 24.93 37.33
N ILE F 69 40.72 24.04 37.11
CA ILE F 69 40.69 22.78 37.78
C ILE F 69 41.91 22.77 38.70
N ALA F 70 41.99 21.76 39.53
CA ALA F 70 43.12 21.56 40.38
C ALA F 70 43.36 20.07 40.12
N LEU F 71 44.52 19.71 39.56
CA LEU F 71 44.79 18.32 39.22
C LEU F 71 46.05 17.76 39.79
N THR F 72 45.96 16.48 40.12
CA THR F 72 47.04 15.70 40.71
C THR F 72 47.60 14.63 39.76
N VAL F 73 48.81 14.80 39.26
CA VAL F 73 49.36 13.81 38.36
C VAL F 73 50.50 13.14 39.06
N GLU F 74 50.75 11.89 38.70
CA GLU F 74 51.87 11.18 39.25
C GLU F 74 52.94 11.46 38.20
N ASP F 75 53.92 10.59 38.04
CA ASP F 75 54.94 10.87 37.03
C ASP F 75 55.34 9.67 36.20
N SER F 76 55.82 9.95 34.99
CA SER F 76 56.28 8.91 34.07
C SER F 76 57.81 8.95 33.99
N PRO F 77 58.45 7.77 34.08
CA PRO F 77 59.91 7.63 34.04
C PRO F 77 60.61 7.96 32.70
N TYR F 78 60.05 8.90 31.96
CA TYR F 78 60.61 9.31 30.67
C TYR F 78 59.99 10.65 30.35
N PRO F 79 60.79 11.74 30.44
CA PRO F 79 60.35 13.11 30.16
C PRO F 79 59.73 13.29 28.77
N GLY F 80 58.92 14.34 28.64
CA GLY F 80 58.24 14.62 27.37
C GLY F 80 57.06 13.68 27.19
N THR F 81 56.63 13.09 28.31
CA THR F 81 55.54 12.12 28.36
C THR F 81 54.52 12.49 29.45
N PRO F 82 53.22 12.44 29.13
CA PRO F 82 52.16 12.74 30.08
C PRO F 82 52.16 11.75 31.21
N GLY F 83 51.98 12.27 32.42
CA GLY F 83 51.95 11.42 33.59
C GLY F 83 50.53 10.95 33.80
N ASP F 84 50.34 10.05 34.75
CA ASP F 84 49.01 9.52 35.04
C ASP F 84 48.19 10.43 35.98
N LEU F 85 46.97 10.76 35.56
CA LEU F 85 46.05 11.61 36.32
C LEU F 85 45.37 10.79 37.39
N LEU F 86 45.54 11.17 38.66
CA LEU F 86 44.97 10.42 39.79
C LEU F 86 43.80 11.08 40.49
N GLU F 87 43.65 12.38 40.31
CA GLU F 87 42.56 13.08 40.96
C GLU F 87 42.30 14.33 40.16
N LEU F 88 41.05 14.74 40.08
CA LEU F 88 40.71 15.96 39.39
C LEU F 88 39.69 16.71 40.25
N GLN F 89 39.87 18.03 40.36
CA GLN F 89 38.95 18.88 41.14
C GLN F 89 38.56 20.11 40.35
N ILE F 90 37.25 20.38 40.31
CA ILE F 90 36.68 21.52 39.60
C ILE F 90 36.52 22.65 40.61
N CYS F 91 37.34 23.70 40.45
CA CYS F 91 37.34 24.90 41.31
C CYS F 91 36.01 25.61 41.21
N PRO F 92 35.63 26.39 42.25
CA PRO F 92 34.37 27.11 42.25
C PRO F 92 34.16 27.79 40.94
N LEU F 93 32.96 27.67 40.41
CA LEU F 93 32.68 28.25 39.11
C LEU F 93 32.82 29.74 39.22
N ASN F 94 33.33 30.35 38.17
CA ASN F 94 33.59 31.79 38.15
C ASN F 94 34.73 32.27 39.08
N GLY F 95 35.34 31.36 39.84
CA GLY F 95 36.42 31.76 40.72
C GLY F 95 37.71 30.95 40.70
N TYR F 96 38.36 30.79 41.86
CA TYR F 96 39.60 30.08 41.96
C TYR F 96 39.56 29.03 43.01
N CYS F 97 40.44 28.06 42.88
CA CYS F 97 40.49 27.04 43.89
C CYS F 97 41.29 27.77 44.88
N GLU F 98 40.93 27.66 46.14
CA GLU F 98 41.73 28.34 47.15
C GLU F 98 42.97 27.44 47.36
N ASP G 1 -12.67 6.86 -48.80
CA ASP G 1 -13.52 7.67 -49.67
C ASP G 1 -14.98 7.21 -49.71
N PRO G 2 -15.92 8.17 -49.63
CA PRO G 2 -17.35 7.81 -49.68
C PRO G 2 -17.71 7.18 -51.02
N PRO G 3 -18.36 6.02 -50.98
CA PRO G 3 -18.74 5.36 -52.23
C PRO G 3 -19.67 6.22 -53.05
N ALA G 4 -19.59 6.07 -54.36
CA ALA G 4 -20.44 6.82 -55.26
C ALA G 4 -21.66 5.99 -55.62
N THR G 5 -21.48 4.68 -55.71
CA THR G 5 -22.59 3.80 -56.06
C THR G 5 -22.89 2.87 -54.90
N VAL G 6 -24.18 2.67 -54.64
CA VAL G 6 -24.63 1.77 -53.58
C VAL G 6 -25.74 0.93 -54.18
N TYR G 7 -26.00 -0.21 -53.57
CA TYR G 7 -27.01 -1.13 -54.06
C TYR G 7 -28.13 -1.31 -53.08
N ARG G 8 -29.25 -1.77 -53.59
CA ARG G 8 -30.45 -2.01 -52.81
C ARG G 8 -31.18 -3.21 -53.39
N TYR G 9 -31.23 -4.32 -52.67
CA TYR G 9 -31.98 -5.45 -53.20
C TYR G 9 -33.42 -5.04 -52.95
N ASP G 10 -34.33 -5.39 -53.86
CA ASP G 10 -35.75 -5.09 -53.68
C ASP G 10 -36.68 -5.91 -54.55
N SER G 11 -37.89 -6.12 -54.04
CA SER G 11 -38.91 -6.86 -54.75
C SER G 11 -39.71 -5.91 -55.65
N ARG G 12 -39.64 -4.61 -55.37
CA ARG G 12 -40.36 -3.65 -56.21
C ARG G 12 -39.66 -3.63 -57.55
N PRO G 13 -40.46 -3.60 -58.64
CA PRO G 13 -40.00 -3.57 -60.03
C PRO G 13 -39.70 -2.15 -60.49
N PRO G 14 -38.92 -2.01 -61.57
CA PRO G 14 -38.51 -0.74 -62.17
C PRO G 14 -39.60 0.31 -62.49
N GLU G 15 -40.79 -0.15 -62.89
CA GLU G 15 -41.87 0.79 -63.23
C GLU G 15 -42.13 1.85 -62.18
N ASP G 16 -42.46 1.44 -60.96
CA ASP G 16 -42.69 2.42 -59.92
C ASP G 16 -41.35 2.89 -59.35
N VAL G 17 -40.39 1.98 -59.19
CA VAL G 17 -39.09 2.35 -58.62
C VAL G 17 -38.38 3.46 -59.40
N PHE G 18 -38.46 3.39 -60.72
CA PHE G 18 -37.82 4.41 -61.55
C PHE G 18 -38.58 5.70 -61.53
N GLN G 19 -39.88 5.63 -61.26
CA GLN G 19 -40.70 6.83 -61.21
C GLN G 19 -40.71 7.50 -59.84
N ASN G 20 -40.52 6.72 -58.76
CA ASN G 20 -40.57 7.29 -57.42
C ASN G 20 -39.67 6.74 -56.30
N GLY G 21 -38.43 6.42 -56.65
CA GLY G 21 -37.45 5.88 -55.71
C GLY G 21 -37.97 5.16 -54.46
N PHE G 22 -37.29 5.39 -53.34
CA PHE G 22 -37.65 4.79 -52.06
C PHE G 22 -37.72 5.93 -51.03
N THR G 23 -38.61 5.78 -50.06
CA THR G 23 -38.78 6.79 -49.02
C THR G 23 -38.91 6.09 -47.64
N ALA G 24 -38.20 6.65 -46.66
CA ALA G 24 -38.16 6.14 -45.30
C ALA G 24 -39.53 5.89 -44.69
N TRP G 25 -39.60 4.88 -43.83
CA TRP G 25 -40.83 4.50 -43.15
C TRP G 25 -41.39 5.64 -42.30
N GLY G 26 -40.50 6.43 -41.71
CA GLY G 26 -40.92 7.55 -40.88
C GLY G 26 -39.82 8.56 -40.59
N ASN G 27 -39.94 9.24 -39.45
CA ASN G 27 -38.96 10.26 -39.05
C ASN G 27 -37.87 9.88 -38.06
N ASN G 28 -38.04 8.73 -37.39
CA ASN G 28 -37.08 8.24 -36.40
C ASN G 28 -35.68 8.13 -37.02
N ASP G 29 -34.87 9.16 -36.91
CA ASP G 29 -33.53 9.13 -37.50
C ASP G 29 -32.48 8.68 -36.50
N ASN G 30 -32.94 8.06 -35.42
CA ASN G 30 -32.03 7.59 -34.37
C ASN G 30 -31.18 6.40 -34.82
N VAL G 31 -29.92 6.70 -35.09
CA VAL G 31 -28.94 5.72 -35.56
C VAL G 31 -28.92 4.34 -34.87
N LEU G 32 -29.07 4.29 -33.55
CA LEU G 32 -29.00 2.99 -32.90
C LEU G 32 -30.27 2.20 -33.14
N GLU G 33 -31.43 2.81 -32.98
CA GLU G 33 -32.67 2.10 -33.17
C GLU G 33 -32.71 1.41 -34.54
N HIS G 34 -32.12 2.09 -35.52
CA HIS G 34 -32.05 1.58 -36.88
C HIS G 34 -31.07 0.41 -36.93
N LEU G 35 -29.81 0.66 -36.62
CA LEU G 35 -28.79 -0.37 -36.65
C LEU G 35 -29.12 -1.58 -35.79
N THR G 36 -29.98 -1.38 -34.79
CA THR G 36 -30.36 -2.47 -33.89
C THR G 36 -31.67 -3.13 -34.34
N GLY G 37 -32.19 -2.63 -35.45
CA GLY G 37 -33.42 -3.14 -36.02
C GLY G 37 -34.70 -2.74 -35.32
N ARG G 38 -34.62 -1.92 -34.27
CA ARG G 38 -35.82 -1.54 -33.55
C ARG G 38 -36.78 -0.63 -34.34
N SER G 39 -36.23 0.29 -35.12
CA SER G 39 -37.08 1.19 -35.92
C SER G 39 -37.51 0.58 -37.25
N CYS G 40 -37.29 -0.73 -37.38
CA CYS G 40 -37.62 -1.52 -38.56
C CYS G 40 -38.50 -2.68 -38.14
N GLN G 41 -38.54 -2.88 -36.82
CA GLN G 41 -39.29 -3.93 -36.18
C GLN G 41 -40.74 -3.86 -36.61
N VAL G 42 -41.37 -5.02 -36.63
CA VAL G 42 -42.79 -5.13 -36.99
C VAL G 42 -43.64 -4.30 -36.02
N GLY G 43 -44.08 -3.12 -36.47
CA GLY G 43 -44.89 -2.27 -35.61
C GLY G 43 -44.08 -1.24 -34.83
N SER G 44 -42.96 -0.83 -35.40
CA SER G 44 -42.06 0.16 -34.81
C SER G 44 -41.26 0.68 -36.00
N SER G 45 -41.81 0.43 -37.17
CA SER G 45 -41.20 0.78 -38.44
C SER G 45 -41.35 2.26 -38.73
N ASN G 46 -40.30 3.02 -38.46
CA ASN G 46 -40.32 4.46 -38.66
C ASN G 46 -38.95 5.08 -38.99
N SER G 47 -37.94 4.25 -39.20
CA SER G 47 -36.61 4.77 -39.48
C SER G 47 -36.61 5.74 -40.65
N ALA G 48 -36.00 6.90 -40.44
CA ALA G 48 -35.90 7.92 -41.49
C ALA G 48 -34.64 7.63 -42.27
N PHE G 49 -34.52 6.39 -42.71
CA PHE G 49 -33.38 5.95 -43.47
C PHE G 49 -33.79 4.89 -44.44
N VAL G 50 -33.16 4.88 -45.61
CA VAL G 50 -33.43 3.88 -46.61
C VAL G 50 -32.17 3.07 -46.66
N SER G 51 -32.27 1.80 -46.28
CA SER G 51 -31.15 0.90 -46.24
C SER G 51 -30.60 0.63 -47.63
N THR G 52 -29.29 0.80 -47.81
CA THR G 52 -28.60 0.49 -49.07
C THR G 52 -27.27 -0.13 -48.66
N SER G 53 -26.51 -0.61 -49.62
CA SER G 53 -25.25 -1.26 -49.33
C SER G 53 -24.22 -0.89 -50.36
N SER G 54 -23.02 -0.55 -49.92
CA SER G 54 -21.96 -0.22 -50.86
C SER G 54 -21.32 -1.47 -51.47
N SER G 55 -21.94 -2.63 -51.24
CA SER G 55 -21.41 -3.89 -51.76
C SER G 55 -22.40 -4.71 -52.60
N ARG G 56 -22.24 -4.63 -53.93
CA ARG G 56 -23.10 -5.36 -54.83
C ARG G 56 -23.08 -6.84 -54.48
N ARG G 57 -21.88 -7.36 -54.28
CA ARG G 57 -21.71 -8.76 -53.92
C ARG G 57 -22.69 -9.13 -52.79
N TYR G 58 -22.72 -8.31 -51.75
CA TYR G 58 -23.60 -8.56 -50.62
C TYR G 58 -25.03 -8.73 -51.10
N THR G 59 -25.54 -7.72 -51.77
CA THR G 59 -26.89 -7.76 -52.27
C THR G 59 -27.10 -9.00 -53.13
N GLU G 60 -26.12 -9.30 -53.98
CA GLU G 60 -26.23 -10.46 -54.86
C GLU G 60 -26.43 -11.76 -54.12
N VAL G 61 -25.74 -11.91 -52.99
CA VAL G 61 -25.83 -13.13 -52.21
C VAL G 61 -27.14 -13.25 -51.46
N TYR G 62 -27.65 -12.12 -50.98
CA TYR G 62 -28.91 -12.13 -50.24
C TYR G 62 -29.94 -12.64 -51.23
N LEU G 63 -29.95 -11.98 -52.39
CA LEU G 63 -30.85 -12.32 -53.47
C LEU G 63 -30.77 -13.82 -53.78
N GLU G 64 -29.54 -14.26 -54.05
CA GLU G 64 -29.22 -15.65 -54.37
C GLU G 64 -29.89 -16.64 -53.42
N HIS G 65 -29.94 -16.26 -52.15
CA HIS G 65 -30.55 -17.12 -51.15
C HIS G 65 -32.05 -16.92 -51.05
N ARG G 66 -32.50 -15.71 -51.37
CA ARG G 66 -33.93 -15.41 -51.34
C ARG G 66 -34.57 -16.31 -52.37
N MET G 67 -33.88 -16.43 -53.49
CA MET G 67 -34.32 -17.28 -54.58
C MET G 67 -34.33 -18.71 -54.07
N GLN G 68 -33.21 -19.20 -53.56
CA GLN G 68 -33.12 -20.57 -53.04
C GLN G 68 -34.21 -20.91 -52.06
N GLU G 69 -34.74 -19.92 -51.36
CA GLU G 69 -35.82 -20.15 -50.42
C GLU G 69 -37.06 -20.59 -51.21
N ALA G 70 -37.38 -19.85 -52.28
CA ALA G 70 -38.53 -20.17 -53.15
C ALA G 70 -38.49 -21.64 -53.56
N VAL G 71 -37.34 -22.09 -54.02
CA VAL G 71 -37.17 -23.45 -54.42
C VAL G 71 -37.61 -24.37 -53.27
N GLU G 72 -37.03 -24.20 -52.09
CA GLU G 72 -37.39 -25.03 -50.95
C GLU G 72 -38.86 -24.86 -50.60
N ALA G 73 -39.39 -23.68 -50.88
CA ALA G 73 -40.79 -23.37 -50.61
C ALA G 73 -41.65 -24.21 -51.52
N GLU G 74 -41.24 -24.29 -52.78
CA GLU G 74 -41.97 -25.07 -53.76
C GLU G 74 -41.86 -26.56 -53.39
N ARG G 75 -40.68 -27.04 -53.03
CA ARG G 75 -40.52 -28.46 -52.67
C ARG G 75 -41.42 -28.86 -51.51
N ALA G 76 -41.62 -27.94 -50.57
CA ALA G 76 -42.48 -28.20 -49.42
C ALA G 76 -43.94 -28.14 -49.88
N GLY G 77 -44.17 -27.31 -50.90
CA GLY G 77 -45.49 -27.15 -51.46
C GLY G 77 -46.12 -25.81 -51.14
N ARG G 78 -45.36 -24.91 -50.55
CA ARG G 78 -45.92 -23.62 -50.20
C ARG G 78 -45.64 -22.60 -51.27
N GLY G 79 -45.24 -23.06 -52.45
CA GLY G 79 -44.95 -22.11 -53.50
C GLY G 79 -44.83 -22.66 -54.90
N THR G 80 -44.78 -21.72 -55.83
CA THR G 80 -44.67 -22.04 -57.24
C THR G 80 -43.21 -22.28 -57.57
N GLY G 81 -42.32 -21.70 -56.77
CA GLY G 81 -40.91 -21.86 -57.00
C GLY G 81 -40.35 -20.84 -57.97
N HIS G 82 -41.12 -19.80 -58.28
CA HIS G 82 -40.64 -18.79 -59.20
C HIS G 82 -40.23 -17.52 -58.50
N PHE G 83 -39.00 -17.11 -58.74
CA PHE G 83 -38.48 -15.93 -58.09
C PHE G 83 -38.15 -14.85 -59.11
N ILE G 84 -38.21 -13.60 -58.66
CA ILE G 84 -37.88 -12.43 -59.45
C ILE G 84 -37.34 -11.44 -58.41
N GLY G 85 -36.05 -11.14 -58.45
CA GLY G 85 -35.50 -10.20 -57.50
C GLY G 85 -34.76 -9.15 -58.28
N TYR G 86 -34.64 -7.94 -57.76
CA TYR G 86 -33.92 -6.89 -58.48
C TYR G 86 -32.89 -6.15 -57.62
N ILE G 87 -31.79 -5.78 -58.25
CA ILE G 87 -30.69 -5.07 -57.60
C ILE G 87 -30.55 -3.71 -58.28
N TYR G 88 -30.95 -2.66 -57.57
CA TYR G 88 -30.87 -1.32 -58.12
C TYR G 88 -29.51 -0.69 -57.86
N GLU G 89 -28.99 0.01 -58.86
CA GLU G 89 -27.71 0.67 -58.79
C GLU G 89 -27.99 2.14 -58.50
N VAL G 90 -27.53 2.62 -57.35
CA VAL G 90 -27.79 4.00 -56.94
C VAL G 90 -26.60 4.97 -56.80
N ARG G 91 -26.85 6.23 -57.15
CA ARG G 91 -25.85 7.29 -57.07
C ARG G 91 -25.91 7.92 -55.68
N ALA G 92 -24.90 7.64 -54.88
CA ALA G 92 -24.82 8.17 -53.54
C ALA G 92 -24.47 9.66 -53.57
N ASP G 93 -25.08 10.41 -52.66
CA ASP G 93 -24.82 11.83 -52.50
C ASP G 93 -24.62 12.10 -51.00
N ASN G 94 -24.65 13.36 -50.59
CA ASN G 94 -24.45 13.67 -49.17
C ASN G 94 -25.53 13.10 -48.26
N ASN G 95 -26.71 12.84 -48.82
CA ASN G 95 -27.81 12.29 -48.04
C ASN G 95 -27.62 10.78 -47.80
N PHE G 96 -26.39 10.30 -48.00
CA PHE G 96 -26.04 8.90 -47.80
C PHE G 96 -24.95 8.80 -46.73
N TYR G 97 -25.30 8.20 -45.59
CA TYR G 97 -24.36 8.05 -44.47
C TYR G 97 -24.02 6.59 -44.10
N GLY G 98 -22.72 6.31 -44.00
CA GLY G 98 -22.28 4.97 -43.65
C GLY G 98 -22.69 4.56 -42.25
N ALA G 99 -23.44 3.46 -42.15
CA ALA G 99 -23.92 2.95 -40.87
C ALA G 99 -22.83 2.80 -39.81
N ALA G 100 -21.77 2.05 -40.12
CA ALA G 100 -20.68 1.82 -39.18
C ALA G 100 -20.16 3.10 -38.53
N SER G 101 -19.67 4.03 -39.34
CA SER G 101 -19.14 5.31 -38.87
C SER G 101 -20.13 5.98 -37.95
N SER G 102 -21.38 5.98 -38.39
CA SER G 102 -22.42 6.58 -37.61
C SER G 102 -22.51 5.87 -36.26
N TYR G 103 -22.43 4.54 -36.28
CA TYR G 103 -22.52 3.75 -35.05
C TYR G 103 -21.39 4.09 -34.11
N PHE G 104 -20.18 4.01 -34.61
CA PHE G 104 -19.04 4.31 -33.78
C PHE G 104 -19.18 5.68 -33.17
N GLU G 105 -19.48 6.68 -34.00
CA GLU G 105 -19.66 8.04 -33.51
C GLU G 105 -20.60 8.01 -32.31
N TYR G 106 -21.83 7.54 -32.53
CA TYR G 106 -22.84 7.42 -31.50
C TYR G 106 -22.28 6.79 -30.21
N VAL G 107 -21.57 5.70 -30.33
CA VAL G 107 -21.01 5.06 -29.15
C VAL G 107 -19.84 5.87 -28.56
N ASP G 108 -19.14 6.62 -29.41
CA ASP G 108 -18.01 7.44 -28.99
C ASP G 108 -18.50 8.78 -28.46
N THR G 109 -19.80 8.85 -28.22
CA THR G 109 -20.44 10.05 -27.72
C THR G 109 -21.26 9.73 -26.49
N TYR G 110 -22.03 8.65 -26.54
CA TYR G 110 -22.88 8.28 -25.43
C TYR G 110 -22.33 7.22 -24.49
N GLY G 111 -21.12 6.74 -24.78
CA GLY G 111 -20.50 5.73 -23.93
C GLY G 111 -20.71 4.31 -24.42
N ASP G 112 -19.71 3.46 -24.22
CA ASP G 112 -19.75 2.08 -24.66
C ASP G 112 -20.99 1.27 -24.34
N ASN G 113 -21.55 1.47 -23.16
CA ASN G 113 -22.72 0.73 -22.74
C ASN G 113 -23.97 1.22 -23.46
N ALA G 114 -23.83 2.27 -24.24
CA ALA G 114 -24.97 2.81 -24.97
C ALA G 114 -25.21 2.06 -26.29
N GLY G 115 -24.15 1.42 -26.78
CA GLY G 115 -24.24 0.69 -28.02
C GLY G 115 -24.44 -0.80 -27.78
N ARG G 116 -24.24 -1.56 -28.86
CA ARG G 116 -24.38 -3.02 -28.83
C ARG G 116 -23.36 -3.61 -29.79
N ILE G 117 -22.36 -4.27 -29.24
CA ILE G 117 -21.23 -4.83 -29.98
C ILE G 117 -21.52 -5.48 -31.36
N LEU G 118 -22.53 -6.34 -31.41
CA LEU G 118 -22.92 -7.04 -32.64
C LEU G 118 -23.62 -6.11 -33.65
N ALA G 119 -24.19 -5.01 -33.17
CA ALA G 119 -24.85 -4.05 -34.05
C ALA G 119 -23.80 -3.28 -34.86
N GLY G 120 -22.62 -3.12 -34.30
CA GLY G 120 -21.55 -2.42 -34.99
C GLY G 120 -20.97 -3.36 -36.00
N ALA G 121 -20.79 -4.61 -35.56
CA ALA G 121 -20.26 -5.69 -36.39
C ALA G 121 -21.11 -5.78 -37.66
N LEU G 122 -22.42 -5.91 -37.48
CA LEU G 122 -23.40 -6.03 -38.57
C LEU G 122 -23.33 -4.90 -39.59
N ALA G 123 -23.22 -3.68 -39.10
CA ALA G 123 -23.15 -2.51 -39.97
C ALA G 123 -21.89 -2.57 -40.83
N THR G 124 -20.85 -3.19 -40.29
CA THR G 124 -19.61 -3.32 -41.04
C THR G 124 -19.92 -4.42 -42.09
N TYR G 125 -20.34 -5.58 -41.58
CA TYR G 125 -20.69 -6.75 -42.37
C TYR G 125 -21.64 -6.46 -43.53
N GLN G 126 -22.50 -5.49 -43.36
CA GLN G 126 -23.44 -5.18 -44.42
C GLN G 126 -23.09 -4.01 -45.30
N SER G 127 -21.95 -3.37 -45.04
CA SER G 127 -21.55 -2.20 -45.82
C SER G 127 -22.77 -1.32 -46.05
N GLU G 128 -23.60 -1.20 -45.00
CA GLU G 128 -24.83 -0.44 -45.05
C GLU G 128 -24.62 1.07 -45.06
N TYR G 129 -25.37 1.73 -45.93
CA TYR G 129 -25.37 3.17 -46.04
C TYR G 129 -26.79 3.56 -45.80
N LEU G 130 -26.97 4.73 -45.21
CA LEU G 130 -28.28 5.19 -44.88
C LEU G 130 -28.72 6.41 -45.68
N ALA G 131 -29.75 6.21 -46.48
CA ALA G 131 -30.31 7.28 -47.28
C ALA G 131 -31.27 7.95 -46.31
N HIS G 132 -30.84 9.08 -45.77
CA HIS G 132 -31.68 9.75 -44.83
C HIS G 132 -32.96 10.24 -45.46
N ARG G 133 -34.05 9.49 -45.01
CA ARG G 133 -35.42 9.98 -45.21
C ARG G 133 -35.80 9.76 -46.67
N ARG G 134 -35.11 9.95 -47.70
CA ARG G 134 -35.58 9.74 -49.08
C ARG G 134 -34.40 9.29 -49.93
N ILE G 135 -34.63 8.50 -51.06
CA ILE G 135 -33.70 8.21 -52.12
C ILE G 135 -34.56 8.30 -53.41
N PRO G 136 -34.46 9.44 -54.11
CA PRO G 136 -35.14 9.84 -55.35
C PRO G 136 -34.80 9.08 -56.62
N PRO G 137 -35.80 8.92 -57.53
CA PRO G 137 -35.60 8.23 -58.81
C PRO G 137 -34.46 8.84 -59.65
N GLU G 138 -34.20 10.13 -59.48
CA GLU G 138 -33.13 10.82 -60.20
C GLU G 138 -31.75 10.30 -59.80
N ASN G 139 -31.74 9.41 -58.82
CA ASN G 139 -30.51 8.83 -58.29
C ASN G 139 -30.37 7.38 -58.69
N ILE G 140 -31.51 6.72 -58.89
CA ILE G 140 -31.54 5.32 -59.30
C ILE G 140 -31.05 5.39 -60.73
N ARG G 141 -30.08 4.55 -61.06
CA ARG G 141 -29.50 4.53 -62.39
C ARG G 141 -29.89 3.31 -63.21
N ARG G 142 -29.53 2.15 -62.70
CA ARG G 142 -29.76 0.93 -63.42
C ARG G 142 -30.34 -0.07 -62.48
N VAL G 143 -30.85 -1.17 -63.03
CA VAL G 143 -31.43 -2.24 -62.24
C VAL G 143 -31.08 -3.53 -62.96
N THR G 144 -31.10 -4.61 -62.21
CA THR G 144 -30.84 -5.91 -62.76
C THR G 144 -32.01 -6.73 -62.31
N ARG G 145 -32.63 -7.42 -63.24
CA ARG G 145 -33.80 -8.22 -62.92
C ARG G 145 -33.48 -9.70 -63.06
N VAL G 146 -33.56 -10.41 -61.95
CA VAL G 146 -33.27 -11.82 -61.95
C VAL G 146 -34.51 -12.64 -61.77
N TYR G 147 -34.71 -13.56 -62.71
CA TYR G 147 -35.85 -14.46 -62.67
C TYR G 147 -35.33 -15.88 -62.53
N HIS G 148 -35.96 -16.68 -61.69
CA HIS G 148 -35.54 -18.06 -61.56
C HIS G 148 -36.75 -18.96 -61.49
N ASN G 149 -36.76 -19.93 -62.40
CA ASN G 149 -37.79 -20.95 -62.48
C ASN G 149 -37.22 -22.04 -61.57
N GLY G 150 -37.71 -22.12 -60.35
CA GLY G 150 -37.21 -23.11 -59.43
C GLY G 150 -37.24 -24.53 -59.93
N ILE G 151 -38.36 -24.88 -60.54
CA ILE G 151 -38.64 -26.22 -61.07
C ILE G 151 -37.71 -26.67 -62.19
N THR G 152 -37.45 -25.79 -63.14
CA THR G 152 -36.61 -26.14 -64.25
C THR G 152 -35.16 -25.80 -63.94
N GLY G 153 -34.96 -24.76 -63.17
CA GLY G 153 -33.61 -24.34 -62.85
C GLY G 153 -33.13 -23.23 -63.79
N GLU G 154 -34.04 -22.47 -64.38
CA GLU G 154 -33.67 -21.39 -65.29
C GLU G 154 -33.46 -20.06 -64.58
N THR G 155 -32.43 -19.35 -64.97
CA THR G 155 -32.13 -18.05 -64.38
C THR G 155 -32.06 -17.02 -65.50
N THR G 156 -32.71 -15.87 -65.32
CA THR G 156 -32.74 -14.85 -66.36
C THR G 156 -32.34 -13.45 -65.90
N THR G 157 -31.11 -13.08 -66.24
CA THR G 157 -30.55 -11.77 -65.89
C THR G 157 -30.92 -10.77 -66.96
N THR G 158 -31.39 -9.60 -66.57
CA THR G 158 -31.78 -8.59 -67.54
C THR G 158 -31.53 -7.19 -66.94
N GLU G 159 -30.97 -6.28 -67.73
CA GLU G 159 -30.71 -4.92 -67.21
C GLU G 159 -31.69 -3.93 -67.80
N TYR G 160 -31.98 -2.88 -67.06
CA TYR G 160 -32.88 -1.83 -67.53
C TYR G 160 -32.25 -0.56 -67.01
N SER G 161 -32.50 0.56 -67.66
CA SER G 161 -31.95 1.83 -67.23
C SER G 161 -33.06 2.85 -67.00
N ASN G 162 -32.85 3.70 -65.99
CA ASN G 162 -33.82 4.74 -65.68
C ASN G 162 -33.40 6.01 -66.40
N ALA G 163 -34.28 6.49 -67.26
CA ALA G 163 -34.03 7.70 -68.02
C ALA G 163 -34.04 8.90 -67.07
N ARG G 164 -35.00 8.88 -66.14
CA ARG G 164 -35.16 9.95 -65.17
C ARG G 164 -33.86 10.20 -64.46
N TYR G 165 -33.03 9.16 -64.35
CA TYR G 165 -31.73 9.27 -63.69
C TYR G 165 -30.96 10.49 -64.19
N VAL G 166 -30.60 11.34 -63.22
CA VAL G 166 -29.84 12.54 -63.49
C VAL G 166 -28.40 12.26 -63.09
N SER G 167 -27.49 12.44 -64.03
CA SER G 167 -26.08 12.23 -63.73
C SER G 167 -25.56 13.39 -62.91
N GLN G 168 -24.63 13.07 -62.03
CA GLN G 168 -23.99 14.05 -61.16
C GLN G 168 -22.68 13.40 -60.77
N GLN G 169 -21.77 14.20 -60.23
CA GLN G 169 -20.48 13.68 -59.76
C GLN G 169 -20.53 13.86 -58.24
N THR G 170 -21.18 12.91 -57.58
CA THR G 170 -21.33 12.95 -56.12
C THR G 170 -20.87 11.64 -55.49
N ARG G 171 -21.00 11.56 -54.18
CA ARG G 171 -20.64 10.39 -53.42
C ARG G 171 -21.17 10.57 -52.05
N ALA G 172 -21.27 9.46 -51.32
CA ALA G 172 -21.79 9.46 -49.96
C ALA G 172 -21.14 10.52 -49.11
N ASN G 173 -21.80 10.83 -48.00
CA ASN G 173 -21.31 11.84 -47.07
C ASN G 173 -20.18 11.22 -46.25
N PRO G 174 -19.00 11.87 -46.28
CA PRO G 174 -17.82 11.38 -45.54
C PRO G 174 -17.97 11.49 -44.03
N ASN G 175 -18.93 12.31 -43.58
CA ASN G 175 -19.17 12.52 -42.17
C ASN G 175 -20.35 11.70 -41.60
N PRO G 176 -20.13 11.03 -40.46
CA PRO G 176 -21.09 10.19 -39.77
C PRO G 176 -22.36 10.94 -39.44
N TYR G 177 -23.47 10.23 -39.49
CA TYR G 177 -24.74 10.83 -39.14
C TYR G 177 -24.76 10.86 -37.62
N THR G 178 -25.44 11.85 -37.06
CA THR G 178 -25.54 12.02 -35.62
C THR G 178 -26.98 12.15 -35.13
N SER G 179 -27.24 11.54 -33.99
CA SER G 179 -28.56 11.60 -33.40
C SER G 179 -28.37 11.59 -31.89
N ARG G 180 -29.44 11.86 -31.16
CA ARG G 180 -29.39 11.89 -29.70
C ARG G 180 -29.46 10.46 -29.16
N ARG G 181 -29.12 10.30 -27.89
CA ARG G 181 -29.16 9.00 -27.25
C ARG G 181 -30.55 8.43 -27.44
N SER G 182 -30.63 7.11 -27.60
CA SER G 182 -31.90 6.47 -27.71
C SER G 182 -32.42 6.37 -26.32
N VAL G 183 -33.73 6.34 -26.20
CA VAL G 183 -34.37 6.23 -24.91
C VAL G 183 -35.35 5.08 -25.07
N ALA G 184 -34.84 4.00 -25.63
CA ALA G 184 -35.66 2.83 -25.86
C ALA G 184 -34.97 1.61 -25.30
N SER G 185 -35.78 0.69 -24.78
CA SER G 185 -35.28 -0.55 -24.22
C SER G 185 -34.92 -1.45 -25.41
N ILE G 186 -33.63 -1.59 -25.67
CA ILE G 186 -33.17 -2.41 -26.78
C ILE G 186 -32.57 -3.68 -26.24
N VAL G 187 -33.22 -4.80 -26.49
CA VAL G 187 -32.71 -6.08 -26.01
C VAL G 187 -31.45 -6.51 -26.75
N GLY G 188 -31.43 -6.23 -28.05
CA GLY G 188 -30.29 -6.62 -28.83
C GLY G 188 -30.50 -6.35 -30.30
N THR G 189 -29.53 -6.78 -31.09
CA THR G 189 -29.53 -6.63 -32.53
C THR G 189 -30.45 -7.63 -33.20
N LEU G 190 -31.45 -7.09 -33.89
CA LEU G 190 -32.43 -7.87 -34.65
C LEU G 190 -31.85 -8.19 -36.01
N VAL G 191 -31.95 -9.46 -36.38
CA VAL G 191 -31.35 -9.90 -37.62
C VAL G 191 -32.13 -11.08 -38.24
N ARG G 192 -32.11 -11.15 -39.57
CA ARG G 192 -32.79 -12.21 -40.31
C ARG G 192 -31.79 -13.35 -40.53
N MET G 193 -32.23 -14.59 -40.40
CA MET G 193 -31.28 -15.69 -40.56
C MET G 193 -30.96 -16.18 -41.96
N ALA G 194 -29.96 -17.06 -42.01
CA ALA G 194 -29.50 -17.71 -43.22
C ALA G 194 -29.69 -16.92 -44.52
N PRO G 195 -28.84 -15.92 -44.79
CA PRO G 195 -27.73 -15.43 -44.00
C PRO G 195 -28.19 -14.35 -43.06
N VAL G 196 -27.32 -14.01 -42.14
CA VAL G 196 -27.59 -13.00 -41.15
C VAL G 196 -27.71 -11.64 -41.85
N VAL G 197 -28.92 -11.10 -41.91
CA VAL G 197 -29.12 -9.80 -42.53
C VAL G 197 -29.85 -8.80 -41.62
N GLY G 198 -29.41 -7.55 -41.66
CA GLY G 198 -30.01 -6.50 -40.84
C GLY G 198 -31.49 -6.35 -41.07
N ALA G 199 -32.26 -6.25 -39.99
CA ALA G 199 -33.70 -6.12 -40.07
C ALA G 199 -34.17 -5.05 -41.04
N CYS G 200 -33.56 -3.87 -40.99
CA CYS G 200 -33.96 -2.78 -41.87
C CYS G 200 -33.83 -3.16 -43.33
N MET G 201 -32.65 -3.64 -43.68
CA MET G 201 -32.39 -4.03 -45.05
C MET G 201 -33.30 -5.15 -45.49
N ALA G 202 -33.30 -6.25 -44.75
CA ALA G 202 -34.14 -7.39 -45.10
C ALA G 202 -35.63 -7.01 -45.15
N ARG G 203 -36.07 -6.22 -44.19
CA ARG G 203 -37.45 -5.79 -44.10
C ARG G 203 -37.85 -4.73 -45.11
N GLN G 204 -36.95 -3.81 -45.42
CA GLN G 204 -37.28 -2.77 -46.37
C GLN G 204 -37.55 -3.23 -47.79
N ALA G 205 -36.99 -4.37 -48.15
CA ALA G 205 -37.14 -4.92 -49.50
C ALA G 205 -38.37 -5.82 -49.76
N GLU G 206 -39.49 -5.55 -49.09
CA GLU G 206 -40.71 -6.35 -49.27
C GLU G 206 -41.85 -5.44 -49.67
N SER G 207 -42.90 -6.02 -50.22
CA SER G 207 -44.06 -5.24 -50.65
C SER G 207 -45.30 -6.12 -50.80
N SER G 208 -46.27 -5.65 -51.59
CA SER G 208 -47.50 -6.39 -51.84
C SER G 208 -47.57 -6.88 -53.30
N GLU G 209 -46.94 -8.02 -53.57
CA GLU G 209 -46.92 -8.62 -54.91
C GLU G 209 -46.46 -10.08 -54.81
N GLU G 220 -46.92 -13.46 -45.01
CA GLU G 220 -46.25 -13.95 -43.82
C GLU G 220 -45.26 -12.96 -43.20
N ALA G 221 -44.93 -13.22 -41.94
CA ALA G 221 -44.01 -12.37 -41.19
C ALA G 221 -42.58 -12.90 -41.35
N MET G 222 -41.65 -11.96 -41.42
CA MET G 222 -40.22 -12.24 -41.57
C MET G 222 -39.69 -12.58 -40.19
N VAL G 223 -39.12 -13.77 -40.04
CA VAL G 223 -38.59 -14.13 -38.73
C VAL G 223 -37.28 -13.41 -38.42
N LEU G 224 -37.44 -12.36 -37.63
CA LEU G 224 -36.33 -11.55 -37.15
C LEU G 224 -35.91 -12.20 -35.83
N VAL G 225 -34.62 -12.24 -35.58
CA VAL G 225 -34.12 -12.90 -34.41
C VAL G 225 -33.00 -12.04 -33.76
N TYR G 226 -32.63 -12.31 -32.50
CA TYR G 226 -31.57 -11.54 -31.82
C TYR G 226 -30.15 -12.08 -32.06
N TYR G 227 -29.40 -11.39 -32.90
CA TYR G 227 -28.03 -11.79 -33.24
C TYR G 227 -27.30 -12.35 -32.00
N GLU G 228 -27.49 -11.69 -30.87
CA GLU G 228 -26.90 -12.08 -29.59
C GLU G 228 -27.29 -13.47 -29.11
N SER G 229 -28.52 -13.87 -29.35
CA SER G 229 -28.96 -15.17 -28.89
C SER G 229 -28.31 -16.33 -29.64
N ILE G 230 -27.79 -16.08 -30.84
CA ILE G 230 -27.16 -17.18 -31.58
C ILE G 230 -25.72 -16.98 -31.98
N ALA G 231 -25.19 -15.77 -31.80
CA ALA G 231 -23.81 -15.51 -32.18
C ALA G 231 -22.84 -16.40 -31.47
N TYR G 232 -23.29 -17.11 -30.44
CA TYR G 232 -22.42 -18.03 -29.71
C TYR G 232 -23.09 -19.41 -29.68
N SER G 233 -22.27 -20.45 -29.59
CA SER G 233 -22.76 -21.84 -29.53
C SER G 233 -23.55 -22.00 -28.24
N PHE G 234 -24.29 -23.12 -28.13
CA PHE G 234 -25.04 -23.42 -26.91
C PHE G 234 -24.53 -24.70 -26.24
N GLY H 1 -32.16 -2.22 5.08
CA GLY H 1 -32.98 -3.43 4.99
C GLY H 1 -32.28 -4.41 4.07
N ILE H 2 -31.20 -4.95 4.58
CA ILE H 2 -30.30 -5.81 3.84
C ILE H 2 -30.14 -7.10 4.53
N VAL H 3 -29.58 -8.06 3.82
CA VAL H 3 -29.41 -9.38 4.35
C VAL H 3 -28.11 -9.45 5.08
N ILE H 4 -28.15 -10.01 6.28
CA ILE H 4 -26.94 -10.05 7.05
C ILE H 4 -26.28 -11.42 7.19
N PRO H 5 -24.99 -11.51 6.84
CA PRO H 5 -24.27 -12.77 6.94
C PRO H 5 -24.24 -13.24 8.37
N PRO H 6 -24.54 -14.52 8.59
CA PRO H 6 -24.53 -15.09 9.92
C PRO H 6 -23.11 -14.99 10.46
N GLN H 7 -22.98 -14.99 11.79
CA GLN H 7 -21.68 -14.89 12.42
C GLN H 7 -20.67 -15.91 11.95
N GLU H 8 -21.16 -17.08 11.56
CA GLU H 8 -20.27 -18.16 11.12
C GLU H 8 -19.70 -18.03 9.70
N GLN H 9 -20.26 -17.13 8.90
CA GLN H 9 -19.77 -16.95 7.55
C GLN H 9 -18.49 -16.13 7.56
N ILE H 10 -17.68 -16.27 8.60
CA ILE H 10 -16.50 -15.47 8.66
C ILE H 10 -15.25 -16.29 8.79
N THR H 11 -14.24 -15.83 8.05
CA THR H 11 -12.93 -16.45 8.01
C THR H 11 -12.27 -16.28 9.36
N GLN H 12 -11.57 -17.32 9.82
CA GLN H 12 -10.86 -17.24 11.10
C GLN H 12 -9.83 -16.12 11.02
N HIS H 13 -8.97 -16.19 10.01
CA HIS H 13 -7.95 -15.17 9.78
C HIS H 13 -8.32 -14.38 8.52
N GLY H 14 -8.15 -13.07 8.57
CA GLY H 14 -8.47 -12.23 7.42
C GLY H 14 -7.53 -12.49 6.27
N SER H 15 -7.75 -11.82 5.14
CA SER H 15 -6.90 -12.02 3.98
C SER H 15 -6.24 -10.70 3.55
N PRO H 16 -4.98 -10.77 3.12
CA PRO H 16 -4.11 -9.69 2.65
C PRO H 16 -4.38 -9.16 1.27
N TYR H 17 -3.80 -7.98 1.00
CA TYR H 17 -3.91 -7.23 -0.26
C TYR H 17 -5.32 -7.17 -0.81
N GLY H 18 -6.31 -7.21 0.08
CA GLY H 18 -7.67 -7.16 -0.41
C GLY H 18 -8.03 -8.38 -1.23
N ARG H 19 -7.23 -9.43 -1.10
CA ARG H 19 -7.48 -10.66 -1.79
C ARG H 19 -8.17 -11.68 -0.88
N CYS H 20 -9.48 -11.54 -0.75
CA CYS H 20 -10.26 -12.49 0.03
C CYS H 20 -10.26 -13.76 -0.82
N ALA H 21 -10.02 -14.90 -0.19
CA ALA H 21 -9.97 -16.19 -0.88
C ALA H 21 -11.09 -16.51 -1.84
N ASN H 22 -10.87 -17.56 -2.62
CA ASN H 22 -11.89 -18.00 -3.55
C ASN H 22 -13.00 -18.51 -2.69
N LYS H 23 -14.22 -18.38 -3.18
CA LYS H 23 -15.37 -18.87 -2.45
C LYS H 23 -15.70 -18.00 -1.24
N THR H 24 -14.91 -16.94 -1.04
CA THR H 24 -15.12 -15.98 0.07
C THR H 24 -15.01 -14.56 -0.47
N ARG H 25 -15.66 -13.64 0.22
CA ARG H 25 -15.67 -12.25 -0.19
C ARG H 25 -15.65 -11.24 0.98
N ALA H 26 -15.14 -10.04 0.72
CA ALA H 26 -15.02 -9.02 1.76
C ALA H 26 -16.35 -8.62 2.38
N LEU H 27 -16.30 -8.28 3.67
CA LEU H 27 -17.47 -7.87 4.44
C LEU H 27 -17.75 -6.40 4.22
N THR H 28 -19.03 -6.03 4.14
CA THR H 28 -19.28 -4.63 3.91
C THR H 28 -19.43 -3.89 5.21
N VAL H 29 -19.43 -2.57 5.07
CA VAL H 29 -19.58 -1.66 6.17
C VAL H 29 -21.00 -1.96 6.64
N ALA H 30 -21.95 -1.69 5.76
CA ALA H 30 -23.34 -1.91 6.05
C ALA H 30 -23.63 -3.32 6.58
N GLU H 31 -22.82 -4.29 6.22
CA GLU H 31 -23.07 -5.63 6.71
C GLU H 31 -22.66 -5.84 8.13
N LEU H 32 -21.49 -5.30 8.48
CA LEU H 32 -20.95 -5.41 9.83
C LEU H 32 -21.73 -4.52 10.74
N ARG H 33 -21.88 -3.28 10.29
CA ARG H 33 -22.58 -2.23 10.98
C ARG H 33 -23.98 -2.68 11.41
N GLY H 34 -24.45 -3.79 10.86
CA GLY H 34 -25.76 -4.30 11.19
C GLY H 34 -25.72 -5.68 11.82
N SER H 35 -24.58 -6.09 12.33
CA SER H 35 -24.51 -7.39 12.97
C SER H 35 -23.93 -7.26 14.37
N GLY H 36 -24.79 -7.41 15.36
CA GLY H 36 -24.33 -7.31 16.72
C GLY H 36 -23.30 -8.39 16.95
N ASP H 37 -23.59 -9.60 16.49
CA ASP H 37 -22.69 -10.72 16.64
C ASP H 37 -21.31 -10.50 16.03
N LEU H 38 -21.28 -9.86 14.87
CA LEU H 38 -20.02 -9.60 14.19
C LEU H 38 -19.18 -8.51 14.89
N GLN H 39 -19.85 -7.46 15.32
CA GLN H 39 -19.17 -6.38 16.00
C GLN H 39 -18.67 -6.89 17.32
N GLU H 40 -19.54 -7.61 18.01
CA GLU H 40 -19.18 -8.18 19.30
C GLU H 40 -17.98 -9.07 19.05
N TYR H 41 -18.10 -9.99 18.10
CA TYR H 41 -17.03 -10.93 17.77
C TYR H 41 -15.70 -10.21 17.60
N LEU H 42 -15.66 -9.24 16.71
CA LEU H 42 -14.44 -8.50 16.46
C LEU H 42 -13.93 -7.82 17.71
N ARG H 43 -14.77 -7.07 18.41
CA ARG H 43 -14.35 -6.39 19.64
C ARG H 43 -13.69 -7.36 20.61
N HIS H 44 -14.26 -8.55 20.73
CA HIS H 44 -13.76 -9.57 21.63
C HIS H 44 -12.59 -10.38 21.03
N VAL H 45 -11.96 -9.86 19.98
CA VAL H 45 -10.84 -10.58 19.35
C VAL H 45 -9.88 -9.69 18.55
N THR H 46 -10.12 -8.40 18.55
CA THR H 46 -9.29 -7.44 17.82
C THR H 46 -8.40 -6.72 18.83
N ARG H 47 -7.09 -6.98 18.79
CA ARG H 47 -6.16 -6.34 19.72
C ARG H 47 -5.26 -5.27 19.07
N GLY H 48 -4.84 -4.27 19.87
CA GLY H 48 -3.94 -3.24 19.38
C GLY H 48 -4.50 -1.97 18.78
N TRP H 49 -3.62 -1.15 18.23
CA TRP H 49 -4.03 0.09 17.58
C TRP H 49 -4.15 -0.28 16.12
N SER H 50 -4.88 -1.35 15.87
CA SER H 50 -5.04 -1.89 14.52
C SER H 50 -6.35 -1.58 13.80
N ILE H 51 -6.20 -1.48 12.49
CA ILE H 51 -7.31 -1.19 11.59
C ILE H 51 -7.42 -2.27 10.50
N PHE H 52 -8.65 -2.63 10.19
CA PHE H 52 -8.85 -3.64 9.19
C PHE H 52 -9.71 -3.13 8.07
N ALA H 53 -9.55 -3.77 6.91
CA ALA H 53 -10.26 -3.45 5.68
C ALA H 53 -11.52 -4.25 5.49
N LEU H 54 -12.53 -3.54 5.02
CA LEU H 54 -13.83 -4.09 4.68
C LEU H 54 -13.93 -3.73 3.19
N TYR H 55 -14.90 -4.28 2.48
CA TYR H 55 -15.00 -3.94 1.08
C TYR H 55 -15.07 -2.40 0.93
N ASP H 56 -16.12 -1.82 1.50
CA ASP H 56 -16.37 -0.38 1.40
C ASP H 56 -15.95 0.44 2.61
N GLY H 57 -15.10 -0.09 3.46
CA GLY H 57 -14.69 0.68 4.63
C GLY H 57 -13.56 0.13 5.50
N THR H 58 -13.39 0.75 6.67
CA THR H 58 -12.35 0.35 7.61
C THR H 58 -12.94 0.05 8.97
N TYR H 59 -12.25 -0.79 9.75
CA TYR H 59 -12.72 -1.14 11.10
C TYR H 59 -11.61 -0.99 12.12
N LEU H 60 -11.63 0.14 12.80
CA LEU H 60 -10.63 0.44 13.81
C LEU H 60 -11.02 -0.41 14.97
N GLY H 61 -10.22 -1.43 15.22
CA GLY H 61 -10.49 -2.32 16.32
C GLY H 61 -9.47 -2.05 17.39
N GLY H 62 -9.36 -2.96 18.36
CA GLY H 62 -8.41 -2.81 19.46
C GLY H 62 -8.63 -1.60 20.34
N GLU H 63 -7.55 -0.91 20.68
CA GLU H 63 -7.62 0.29 21.51
C GLU H 63 -8.41 1.37 20.83
N TYR H 64 -8.67 1.21 19.54
CA TYR H 64 -9.43 2.19 18.83
C TYR H 64 -10.90 2.10 19.22
N GLY H 65 -11.26 0.99 19.87
CA GLY H 65 -12.64 0.79 20.30
C GLY H 65 -13.37 -0.32 19.56
N GLY H 66 -13.83 0.01 18.34
CA GLY H 66 -14.54 -0.92 17.48
C GLY H 66 -15.32 0.01 16.59
N VAL H 67 -14.58 0.86 15.91
CA VAL H 67 -15.18 1.86 15.06
C VAL H 67 -15.26 1.46 13.61
N ILE H 68 -16.45 1.61 13.05
CA ILE H 68 -16.64 1.27 11.67
C ILE H 68 -16.60 2.59 10.93
N LYS H 69 -15.62 2.74 10.05
CA LYS H 69 -15.51 3.97 9.32
C LYS H 69 -15.84 3.73 7.88
N ASP H 70 -16.76 4.52 7.35
CA ASP H 70 -17.14 4.38 5.96
C ASP H 70 -15.93 4.63 5.08
N GLY H 71 -16.02 4.14 3.85
CA GLY H 71 -14.92 4.30 2.93
C GLY H 71 -15.31 4.35 1.47
N THR H 72 -14.43 3.77 0.67
CA THR H 72 -14.52 3.70 -0.78
C THR H 72 -14.37 2.23 -1.08
N PRO H 73 -15.07 1.74 -2.11
CA PRO H 73 -14.98 0.33 -2.50
C PRO H 73 -13.53 -0.03 -2.90
N GLY H 74 -12.97 -0.98 -2.14
CA GLY H 74 -11.62 -1.44 -2.38
C GLY H 74 -10.55 -0.45 -1.97
N GLY H 75 -11.00 0.73 -1.53
CA GLY H 75 -10.12 1.80 -1.08
C GLY H 75 -9.22 1.49 0.10
N ALA H 76 -9.67 0.57 0.94
CA ALA H 76 -8.91 0.19 2.13
C ALA H 76 -8.10 -1.06 1.94
N PHE H 77 -8.04 -1.58 0.72
CA PHE H 77 -7.30 -2.83 0.47
C PHE H 77 -5.80 -2.62 0.71
N ASP H 78 -5.50 -1.38 1.05
CA ASP H 78 -4.19 -0.85 1.38
C ASP H 78 -3.59 -1.55 2.58
N LEU H 79 -4.45 -1.81 3.55
CA LEU H 79 -4.10 -2.47 4.80
C LEU H 79 -3.70 -3.94 4.68
N LYS H 80 -3.06 -4.43 5.73
CA LYS H 80 -2.57 -5.81 5.82
C LYS H 80 -3.65 -6.86 5.95
N THR H 81 -4.82 -6.48 6.45
CA THR H 81 -5.88 -7.47 6.63
C THR H 81 -7.29 -7.06 6.23
N THR H 82 -7.86 -7.83 5.32
CA THR H 82 -9.21 -7.56 4.86
C THR H 82 -10.07 -8.67 5.48
N PHE H 83 -11.28 -8.28 5.89
CA PHE H 83 -12.23 -9.18 6.53
C PHE H 83 -13.11 -9.92 5.53
N CYS H 84 -13.03 -11.24 5.57
CA CYS H 84 -13.80 -12.04 4.62
C CYS H 84 -14.91 -12.94 5.15
N ILE H 85 -16.04 -12.89 4.47
CA ILE H 85 -17.20 -13.69 4.77
C ILE H 85 -17.16 -14.86 3.80
N MET H 86 -17.49 -16.06 4.24
CA MET H 86 -17.59 -17.19 3.31
C MET H 86 -18.98 -17.05 2.66
N THR H 87 -19.12 -17.37 1.37
CA THR H 87 -20.42 -17.18 0.73
C THR H 87 -21.39 -18.32 0.75
N THR H 88 -20.95 -19.46 1.27
CA THR H 88 -21.81 -20.65 1.26
C THR H 88 -22.36 -21.05 2.60
N ARG H 89 -23.67 -21.12 2.69
CA ARG H 89 -24.29 -21.55 3.91
C ARG H 89 -25.27 -22.67 3.62
N ASN H 90 -24.97 -23.82 4.23
CA ASN H 90 -25.81 -25.00 4.13
C ASN H 90 -27.01 -24.87 5.05
N THR H 91 -28.02 -24.21 4.54
CA THR H 91 -29.25 -23.95 5.26
C THR H 91 -29.79 -25.06 6.11
N GLY H 92 -29.79 -26.28 5.57
CA GLY H 92 -30.32 -27.39 6.34
C GLY H 92 -31.83 -27.54 6.17
N GLN H 93 -32.40 -26.67 5.33
CA GLN H 93 -33.82 -26.72 5.05
C GLN H 93 -34.11 -27.87 4.08
N PRO H 94 -35.40 -28.12 3.82
CA PRO H 94 -35.74 -29.19 2.90
C PRO H 94 -35.63 -28.77 1.43
N ALA H 95 -35.53 -29.78 0.58
CA ALA H 95 -35.41 -29.60 -0.84
C ALA H 95 -36.71 -29.20 -1.51
N THR H 96 -37.70 -28.73 -0.77
CA THR H 96 -38.96 -28.36 -1.41
C THR H 96 -38.72 -27.34 -2.54
N ASP H 97 -39.39 -27.50 -3.67
CA ASP H 97 -39.22 -26.58 -4.77
C ASP H 97 -39.90 -25.30 -4.37
N HIS H 98 -39.36 -24.18 -4.86
CA HIS H 98 -39.94 -22.88 -4.61
C HIS H 98 -39.80 -22.21 -5.95
N TYR H 99 -40.77 -21.41 -6.35
CA TYR H 99 -40.63 -20.77 -7.65
C TYR H 99 -41.13 -19.36 -7.66
N TYR H 100 -40.50 -18.56 -8.48
CA TYR H 100 -40.85 -17.17 -8.58
C TYR H 100 -41.19 -17.00 -10.02
N SER H 101 -42.25 -16.25 -10.28
CA SER H 101 -42.71 -16.07 -11.64
C SER H 101 -42.50 -14.70 -12.22
N ASN H 102 -42.71 -14.58 -13.53
CA ASN H 102 -42.56 -13.34 -14.27
C ASN H 102 -41.24 -12.65 -13.97
N VAL H 103 -40.29 -13.42 -13.47
CA VAL H 103 -39.00 -12.87 -13.11
C VAL H 103 -38.16 -12.79 -14.36
N THR H 104 -37.26 -11.82 -14.38
CA THR H 104 -36.37 -11.58 -15.48
C THR H 104 -34.99 -11.61 -14.81
N ALA H 105 -34.05 -12.38 -15.36
CA ALA H 105 -32.70 -12.42 -14.77
C ALA H 105 -31.91 -11.17 -15.12
N THR H 106 -31.22 -10.63 -14.11
CA THR H 106 -30.39 -9.42 -14.25
C THR H 106 -29.17 -9.58 -13.35
N ARG H 107 -28.25 -8.60 -13.47
CA ARG H 107 -27.04 -8.51 -12.64
C ARG H 107 -26.31 -9.79 -12.36
N LEU H 108 -25.50 -10.23 -13.32
CA LEU H 108 -24.75 -11.46 -13.18
C LEU H 108 -23.52 -11.24 -12.30
N LEU H 109 -23.15 -12.28 -11.58
CA LEU H 109 -21.98 -12.26 -10.70
C LEU H 109 -21.27 -13.59 -10.86
N SER H 110 -19.97 -13.51 -11.01
CA SER H 110 -19.17 -14.72 -11.15
C SER H 110 -17.86 -14.49 -10.40
N SER H 111 -17.19 -15.60 -10.11
CA SER H 111 -15.93 -15.55 -9.38
C SER H 111 -15.07 -16.78 -9.58
N THR H 112 -13.78 -16.55 -9.44
CA THR H 112 -12.81 -17.60 -9.57
C THR H 112 -13.22 -18.76 -8.70
N ASN H 113 -13.35 -19.93 -9.31
CA ASN H 113 -13.72 -21.16 -8.62
C ASN H 113 -15.02 -21.30 -7.88
N SER H 114 -16.01 -20.50 -8.23
CA SER H 114 -17.26 -20.63 -7.51
C SER H 114 -18.46 -20.43 -8.42
N ARG H 115 -19.57 -19.99 -7.87
CA ARG H 115 -20.77 -19.86 -8.66
C ARG H 115 -21.00 -18.71 -9.63
N LEU H 116 -22.07 -18.88 -10.41
CA LEU H 116 -22.57 -17.92 -11.38
C LEU H 116 -23.97 -17.59 -10.85
N CYS H 117 -24.24 -16.32 -10.60
CA CYS H 117 -25.54 -15.94 -10.06
C CYS H 117 -26.15 -14.87 -10.89
N ALA H 118 -27.46 -14.74 -10.67
CA ALA H 118 -28.27 -13.75 -11.32
C ALA H 118 -29.36 -13.40 -10.34
N VAL H 119 -29.71 -12.13 -10.44
CA VAL H 119 -30.72 -11.51 -9.61
C VAL H 119 -31.95 -11.44 -10.47
N PHE H 120 -33.00 -12.14 -10.02
CA PHE H 120 -34.26 -12.18 -10.71
C PHE H 120 -35.23 -11.14 -10.23
N VAL H 121 -35.45 -10.15 -11.08
CA VAL H 121 -36.32 -9.05 -10.80
C VAL H 121 -37.72 -9.31 -11.31
N ARG H 122 -38.63 -8.44 -10.89
CA ARG H 122 -40.02 -8.45 -11.32
C ARG H 122 -40.53 -7.06 -11.05
N SER H 123 -40.99 -6.39 -12.11
CA SER H 123 -41.53 -5.04 -11.99
C SER H 123 -40.44 -4.08 -11.50
N GLY H 124 -39.19 -4.34 -11.89
CA GLY H 124 -38.06 -3.50 -11.50
C GLY H 124 -37.38 -3.89 -10.20
N GLN H 125 -38.15 -4.45 -9.28
CA GLN H 125 -37.63 -4.84 -7.98
C GLN H 125 -37.16 -6.26 -7.95
N PRO H 126 -36.09 -6.54 -7.18
CA PRO H 126 -35.50 -7.87 -7.01
C PRO H 126 -36.55 -8.82 -6.43
N VAL H 127 -36.33 -10.11 -6.57
CA VAL H 127 -37.27 -11.09 -6.05
C VAL H 127 -36.50 -12.23 -5.43
N ILE H 128 -35.53 -12.76 -6.14
CA ILE H 128 -34.74 -13.81 -5.57
C ILE H 128 -33.42 -13.77 -6.30
N GLY H 129 -32.46 -14.54 -5.83
CA GLY H 129 -31.17 -14.55 -6.48
C GLY H 129 -30.83 -16.01 -6.55
N ALA H 130 -30.25 -16.39 -7.66
CA ALA H 130 -29.93 -17.78 -7.84
C ALA H 130 -28.56 -17.95 -8.39
N CYS H 131 -27.97 -19.09 -8.08
CA CYS H 131 -26.62 -19.36 -8.53
C CYS H 131 -26.35 -20.80 -8.96
N THR H 132 -25.40 -20.97 -9.86
CA THR H 132 -24.98 -22.30 -10.30
C THR H 132 -23.49 -22.36 -10.40
N SER H 133 -22.95 -23.45 -9.89
CA SER H 133 -21.54 -23.63 -9.92
C SER H 133 -21.39 -25.07 -10.19
N PRO H 134 -20.37 -25.39 -10.97
CA PRO H 134 -20.00 -26.74 -11.34
C PRO H 134 -18.95 -27.21 -10.35
N TYR H 135 -18.47 -26.29 -9.49
CA TYR H 135 -17.43 -26.63 -8.52
C TYR H 135 -17.91 -27.18 -7.23
N ASP H 136 -19.06 -26.71 -6.80
CA ASP H 136 -19.61 -27.13 -5.54
C ASP H 136 -21.14 -27.06 -5.53
N GLY H 137 -21.74 -27.78 -4.57
CA GLY H 137 -23.17 -27.75 -4.44
C GLY H 137 -23.75 -29.14 -4.47
N LYS H 138 -25.05 -29.23 -4.29
CA LYS H 138 -25.74 -30.50 -4.36
C LYS H 138 -26.04 -30.63 -5.85
N TYR H 139 -26.28 -29.49 -6.47
CA TYR H 139 -26.65 -29.43 -7.87
C TYR H 139 -25.56 -29.09 -8.88
N TRP H 140 -24.34 -29.59 -8.70
CA TRP H 140 -23.28 -29.30 -9.66
C TRP H 140 -23.63 -29.88 -11.02
N SER H 141 -24.24 -31.06 -10.97
CA SER H 141 -24.69 -31.81 -12.12
C SER H 141 -25.53 -31.01 -13.11
N MET H 142 -26.32 -30.06 -12.62
CA MET H 142 -27.16 -29.25 -13.50
C MET H 142 -26.47 -28.01 -14.07
N TYR H 143 -25.19 -27.83 -13.77
CA TYR H 143 -24.53 -26.60 -14.22
C TYR H 143 -24.59 -26.40 -15.71
N SER H 144 -24.04 -27.41 -16.41
CA SER H 144 -23.96 -27.49 -17.87
C SER H 144 -25.28 -27.18 -18.55
N ARG H 145 -26.37 -27.68 -17.99
CA ARG H 145 -27.67 -27.41 -18.59
C ARG H 145 -28.11 -26.01 -18.20
N LEU H 146 -27.93 -25.68 -16.93
CA LEU H 146 -28.36 -24.40 -16.38
C LEU H 146 -27.72 -23.16 -16.96
N ARG H 147 -26.41 -23.20 -17.16
CA ARG H 147 -25.73 -22.04 -17.72
C ARG H 147 -26.27 -21.70 -19.08
N LYS H 148 -26.72 -22.74 -19.80
CA LYS H 148 -27.26 -22.60 -21.15
C LYS H 148 -28.58 -21.85 -21.20
N MET H 149 -29.48 -22.21 -20.28
CA MET H 149 -30.78 -21.53 -20.21
C MET H 149 -30.60 -20.07 -19.75
N LEU H 150 -29.74 -19.92 -18.72
CA LEU H 150 -29.43 -18.65 -18.08
C LEU H 150 -28.96 -17.64 -19.09
N TYR H 151 -27.99 -18.05 -19.89
CA TYR H 151 -27.46 -17.18 -20.93
C TYR H 151 -28.61 -16.72 -21.86
N LEU H 152 -29.32 -17.71 -22.44
CA LEU H 152 -30.43 -17.45 -23.38
C LEU H 152 -31.36 -16.39 -22.92
N ILE H 153 -31.97 -16.62 -21.76
CA ILE H 153 -32.93 -15.66 -21.24
C ILE H 153 -32.30 -14.34 -20.87
N TYR H 154 -31.07 -14.39 -20.35
CA TYR H 154 -30.39 -13.17 -19.95
C TYR H 154 -30.20 -12.21 -21.11
N VAL H 155 -29.77 -12.71 -22.25
CA VAL H 155 -29.55 -11.84 -23.40
C VAL H 155 -30.80 -11.48 -24.16
N ALA H 156 -31.83 -12.29 -24.03
CA ALA H 156 -33.10 -12.07 -24.74
C ALA H 156 -34.16 -11.32 -23.95
N GLY H 157 -34.01 -11.27 -22.64
CA GLY H 157 -34.98 -10.57 -21.82
C GLY H 157 -36.24 -11.37 -21.65
N ILE H 158 -36.06 -12.67 -21.63
CA ILE H 158 -37.16 -13.60 -21.51
C ILE H 158 -37.71 -13.73 -20.10
N SER H 159 -38.97 -13.36 -19.90
CA SER H 159 -39.59 -13.52 -18.59
C SER H 159 -39.57 -15.00 -18.40
N VAL H 160 -39.50 -15.44 -17.17
CA VAL H 160 -39.41 -16.85 -16.92
C VAL H 160 -40.01 -17.19 -15.58
N ARG H 161 -39.88 -18.42 -15.15
CA ARG H 161 -40.35 -18.86 -13.85
C ARG H 161 -39.14 -19.57 -13.28
N VAL H 162 -38.49 -18.95 -12.32
CA VAL H 162 -37.31 -19.57 -11.74
C VAL H 162 -37.67 -20.54 -10.64
N HIS H 163 -36.88 -21.61 -10.55
CA HIS H 163 -37.10 -22.62 -9.56
C HIS H 163 -35.87 -22.71 -8.72
N VAL H 164 -36.05 -22.66 -7.40
CA VAL H 164 -34.90 -22.68 -6.47
C VAL H 164 -35.03 -23.64 -5.27
N SER H 165 -33.91 -23.98 -4.66
CA SER H 165 -33.86 -24.85 -3.50
C SER H 165 -33.26 -24.10 -2.30
N LYS H 166 -33.96 -24.09 -1.17
CA LYS H 166 -33.42 -23.36 -0.03
C LYS H 166 -32.46 -24.15 0.80
N GLU H 167 -31.98 -25.27 0.30
CA GLU H 167 -31.05 -26.07 1.08
C GLU H 167 -29.69 -25.42 1.15
N GLU H 168 -29.49 -24.37 0.37
CA GLU H 168 -28.22 -23.62 0.35
C GLU H 168 -28.43 -22.12 0.14
N GLN H 169 -27.68 -21.34 0.93
CA GLN H 169 -27.73 -19.89 0.92
C GLN H 169 -26.39 -19.33 0.47
N TYR H 170 -26.45 -18.26 -0.31
CA TYR H 170 -25.23 -17.66 -0.86
C TYR H 170 -25.16 -16.17 -0.58
N TYR H 171 -23.96 -15.75 -0.18
CA TYR H 171 -23.67 -14.36 0.16
C TYR H 171 -22.75 -13.72 -0.82
N ASP H 172 -22.74 -14.18 -2.05
CA ASP H 172 -21.83 -13.56 -2.98
C ASP H 172 -22.27 -12.11 -3.20
N TYR H 173 -23.56 -11.84 -3.16
CA TYR H 173 -23.94 -10.45 -3.39
C TYR H 173 -23.67 -9.55 -2.19
N GLU H 174 -23.20 -8.35 -2.46
CA GLU H 174 -22.91 -7.40 -1.41
C GLU H 174 -24.12 -6.55 -1.08
N ASP H 175 -24.57 -6.59 0.19
CA ASP H 175 -25.70 -5.77 0.61
C ASP H 175 -26.94 -6.03 -0.23
N ALA H 176 -27.30 -7.29 -0.31
CA ALA H 176 -28.46 -7.67 -1.09
C ALA H 176 -29.70 -7.41 -0.29
N THR H 177 -30.72 -6.93 -0.97
CA THR H 177 -32.00 -6.67 -0.36
C THR H 177 -32.84 -7.88 -0.73
N PHE H 178 -32.19 -9.01 -1.00
CA PHE H 178 -32.91 -10.22 -1.43
C PHE H 178 -32.17 -11.48 -1.03
N GLU H 179 -32.85 -12.56 -0.71
CA GLU H 179 -32.09 -13.75 -0.36
C GLU H 179 -31.62 -14.43 -1.65
N THR H 180 -30.62 -15.29 -1.53
CA THR H 180 -30.04 -15.97 -2.69
C THR H 180 -29.82 -17.45 -2.42
N TYR H 181 -30.46 -18.27 -3.24
CA TYR H 181 -30.36 -19.72 -3.12
C TYR H 181 -29.92 -20.40 -4.42
N ALA H 182 -29.79 -21.72 -4.32
CA ALA H 182 -29.39 -22.60 -5.42
C ALA H 182 -30.39 -22.65 -6.59
N LEU H 183 -29.93 -22.29 -7.78
CA LEU H 183 -30.79 -22.32 -8.96
C LEU H 183 -31.09 -23.78 -9.21
N THR H 184 -32.34 -24.07 -9.50
CA THR H 184 -32.70 -25.44 -9.70
C THR H 184 -33.48 -25.74 -10.97
N GLY H 185 -34.01 -24.72 -11.61
CA GLY H 185 -34.73 -24.92 -12.85
C GLY H 185 -35.15 -23.60 -13.44
N ILE H 186 -35.48 -23.58 -14.73
CA ILE H 186 -35.93 -22.36 -15.41
C ILE H 186 -36.97 -22.79 -16.42
N SER H 187 -38.04 -22.01 -16.54
CA SER H 187 -39.10 -22.34 -17.48
C SER H 187 -39.58 -21.18 -18.33
N ILE H 188 -39.26 -21.19 -19.64
CA ILE H 188 -39.75 -20.15 -20.56
C ILE H 188 -41.19 -20.64 -20.52
N CYS H 189 -42.07 -19.87 -19.90
CA CYS H 189 -43.41 -20.36 -19.65
C CYS H 189 -44.66 -19.74 -20.14
N ASN H 190 -45.60 -20.63 -20.47
CA ASN H 190 -46.92 -20.24 -20.92
C ASN H 190 -47.73 -20.10 -19.66
N PRO H 191 -48.30 -18.90 -19.42
CA PRO H 191 -49.11 -18.63 -18.24
C PRO H 191 -49.95 -19.82 -17.77
N GLY H 192 -49.65 -20.23 -16.54
CA GLY H 192 -50.36 -21.32 -15.89
C GLY H 192 -50.27 -22.66 -16.56
N SER H 193 -49.23 -22.88 -17.35
CA SER H 193 -49.08 -24.14 -18.04
C SER H 193 -48.55 -25.22 -17.10
N SER H 194 -48.50 -26.44 -17.60
CA SER H 194 -48.02 -27.59 -16.85
C SER H 194 -46.49 -27.61 -16.86
N LEU H 195 -45.90 -26.89 -17.83
CA LEU H 195 -44.46 -26.84 -17.96
C LEU H 195 -43.70 -25.93 -16.98
N CYS H 196 -44.40 -24.94 -16.44
CA CYS H 196 -43.82 -24.01 -15.50
C CYS H 196 -43.31 -24.76 -14.31
N GLY I 1 0.91 -18.67 -56.45
CA GLY I 1 1.63 -19.93 -56.40
C GLY I 1 1.16 -20.82 -55.27
N ILE I 2 0.74 -22.05 -55.59
CA ILE I 2 0.26 -22.91 -54.55
C ILE I 2 1.34 -23.57 -53.73
N VAL I 3 0.89 -24.16 -52.64
CA VAL I 3 1.73 -24.82 -51.68
C VAL I 3 1.80 -26.30 -52.01
N ILE I 4 3.01 -26.86 -51.99
CA ILE I 4 3.16 -28.25 -52.35
C ILE I 4 3.50 -29.20 -51.19
N PRO I 5 2.56 -30.09 -50.87
CA PRO I 5 2.74 -31.08 -49.80
C PRO I 5 4.05 -31.80 -50.03
N PRO I 6 4.81 -32.01 -48.95
CA PRO I 6 6.07 -32.70 -49.15
C PRO I 6 5.81 -34.16 -49.43
N LYS I 7 6.70 -34.72 -50.24
CA LYS I 7 6.64 -36.10 -50.63
C LYS I 7 6.35 -37.02 -49.46
N ALA I 8 6.94 -36.72 -48.32
CA ALA I 8 6.78 -37.56 -47.15
C ALA I 8 5.34 -37.68 -46.62
N LEU I 9 4.44 -36.88 -47.17
CA LEU I 9 3.07 -36.93 -46.72
C LEU I 9 2.30 -38.01 -47.44
N PHE I 10 2.90 -38.55 -48.49
CA PHE I 10 2.29 -39.58 -49.33
C PHE I 10 1.92 -40.88 -48.60
N THR I 11 0.62 -41.11 -48.44
CA THR I 11 0.11 -42.31 -47.79
C THR I 11 0.47 -43.51 -48.64
N GLN I 12 1.35 -44.35 -48.12
CA GLN I 12 1.80 -45.55 -48.83
C GLN I 12 0.61 -46.36 -49.35
N GLN I 13 -0.19 -46.88 -48.43
CA GLN I 13 -1.36 -47.64 -48.82
C GLN I 13 -2.49 -46.64 -48.86
N GLY I 14 -2.54 -45.89 -49.96
CA GLY I 14 -3.54 -44.86 -50.14
C GLY I 14 -4.97 -45.29 -49.88
N GLY I 15 -5.88 -44.33 -49.94
CA GLY I 15 -7.27 -44.65 -49.72
C GLY I 15 -7.88 -45.49 -50.84
N ALA I 16 -9.17 -45.76 -50.74
CA ALA I 16 -9.81 -46.55 -51.75
C ALA I 16 -11.14 -46.01 -52.21
N TYR I 17 -11.27 -45.89 -53.52
CA TYR I 17 -12.48 -45.41 -54.18
C TYR I 17 -12.87 -44.09 -53.61
N GLY I 18 -11.88 -43.22 -53.51
CA GLY I 18 -12.10 -41.88 -52.99
C GLY I 18 -12.25 -41.75 -51.47
N ARG I 19 -12.21 -42.86 -50.75
CA ARG I 19 -12.33 -42.78 -49.32
C ARG I 19 -10.99 -42.86 -48.65
N CYS I 20 -10.23 -41.76 -48.74
CA CYS I 20 -8.92 -41.59 -48.10
C CYS I 20 -9.26 -41.72 -46.63
N PRO I 21 -8.50 -42.53 -45.89
CA PRO I 21 -8.69 -42.78 -44.46
C PRO I 21 -8.72 -41.49 -43.65
N ASN I 22 -9.29 -41.55 -42.45
CA ASN I 22 -9.38 -40.38 -41.60
C ASN I 22 -7.99 -39.77 -41.35
N GLY I 23 -7.93 -38.44 -41.46
CA GLY I 23 -6.68 -37.74 -41.22
C GLY I 23 -5.91 -37.43 -42.47
N THR I 24 -6.32 -38.05 -43.59
CA THR I 24 -5.69 -37.86 -44.89
C THR I 24 -6.64 -37.25 -45.88
N ARG I 25 -6.07 -36.69 -46.94
CA ARG I 25 -6.86 -36.01 -47.95
C ARG I 25 -6.35 -36.33 -49.35
N ALA I 26 -7.29 -36.39 -50.31
CA ALA I 26 -6.97 -36.73 -51.69
C ALA I 26 -5.95 -35.76 -52.28
N LEU I 27 -4.88 -36.31 -52.86
CA LEU I 27 -3.85 -35.47 -53.45
C LEU I 27 -4.41 -34.82 -54.69
N THR I 28 -3.98 -33.60 -54.99
CA THR I 28 -4.50 -32.97 -56.21
C THR I 28 -3.44 -33.03 -57.28
N VAL I 29 -3.85 -32.95 -58.55
CA VAL I 29 -2.88 -32.96 -59.63
C VAL I 29 -2.03 -31.71 -59.61
N ALA I 30 -2.60 -30.55 -59.29
CA ALA I 30 -1.79 -29.34 -59.24
C ALA I 30 -0.64 -29.55 -58.26
N GLU I 31 -0.91 -30.36 -57.24
CA GLU I 31 0.09 -30.63 -56.23
C GLU I 31 1.03 -31.69 -56.73
N LEU I 32 0.49 -32.77 -57.31
CA LEU I 32 1.33 -33.86 -57.85
C LEU I 32 2.21 -33.32 -58.99
N ARG I 33 1.63 -32.39 -59.75
CA ARG I 33 2.33 -31.77 -60.86
C ARG I 33 3.55 -31.02 -60.33
N GLY I 34 3.33 -30.15 -59.35
CA GLY I 34 4.39 -29.35 -58.79
C GLY I 34 5.44 -30.08 -57.96
N ASN I 35 5.13 -31.26 -57.44
CA ASN I 35 6.10 -31.98 -56.61
C ASN I 35 6.98 -32.98 -57.36
N ALA I 36 8.15 -32.51 -57.81
CA ALA I 36 9.10 -33.32 -58.58
C ALA I 36 9.48 -34.65 -57.98
N GLU I 37 10.05 -34.64 -56.79
CA GLU I 37 10.48 -35.88 -56.15
C GLU I 37 9.35 -36.86 -55.97
N LEU I 38 8.14 -36.35 -55.75
CA LEU I 38 6.98 -37.23 -55.57
C LEU I 38 6.74 -38.01 -56.86
N GLN I 39 6.61 -37.29 -57.97
CA GLN I 39 6.37 -37.91 -59.27
C GLN I 39 7.41 -38.99 -59.47
N THR I 40 8.66 -38.59 -59.29
CA THR I 40 9.78 -39.50 -59.43
C THR I 40 9.62 -40.68 -58.50
N TYR I 41 9.24 -40.42 -57.27
CA TYR I 41 9.03 -41.50 -56.34
C TYR I 41 7.98 -42.39 -56.98
N LEU I 42 6.92 -41.76 -57.49
CA LEU I 42 5.80 -42.45 -58.12
C LEU I 42 6.21 -43.38 -59.25
N ARG I 43 7.12 -42.92 -60.10
CA ARG I 43 7.58 -43.73 -61.21
C ARG I 43 8.22 -45.05 -60.73
N GLN I 44 8.77 -45.06 -59.51
CA GLN I 44 9.40 -46.24 -58.94
C GLN I 44 8.44 -47.13 -58.16
N ILE I 45 7.30 -46.59 -57.76
CA ILE I 45 6.33 -47.35 -56.97
C ILE I 45 5.07 -47.74 -57.72
N THR I 46 4.90 -47.22 -58.93
CA THR I 46 3.73 -47.55 -59.73
C THR I 46 3.95 -48.79 -60.64
N PRO I 47 3.26 -49.91 -60.36
CA PRO I 47 3.42 -51.11 -61.18
C PRO I 47 2.77 -50.86 -62.52
N GLY I 48 3.22 -51.57 -63.54
CA GLY I 48 2.68 -51.35 -64.86
C GLY I 48 1.18 -51.44 -65.04
N TRP I 49 0.69 -50.71 -66.03
CA TRP I 49 -0.72 -50.68 -66.43
C TRP I 49 -1.77 -50.45 -65.34
N SER I 50 -1.45 -49.65 -64.34
CA SER I 50 -2.39 -49.33 -63.27
C SER I 50 -2.74 -47.84 -63.33
N ILE I 51 -4.02 -47.54 -63.11
CA ILE I 51 -4.53 -46.17 -63.14
C ILE I 51 -4.95 -45.77 -61.71
N TYR I 52 -4.56 -44.57 -61.31
CA TYR I 52 -4.84 -44.09 -59.95
C TYR I 52 -5.67 -42.84 -59.83
N GLY I 53 -6.52 -42.83 -58.82
CA GLY I 53 -7.39 -41.70 -58.59
C GLY I 53 -6.77 -40.55 -57.82
N LEU I 54 -7.17 -39.36 -58.21
CA LEU I 54 -6.76 -38.12 -57.59
C LEU I 54 -8.04 -37.28 -57.33
N TYR I 55 -7.98 -36.23 -56.52
CA TYR I 55 -9.19 -35.41 -56.29
C TYR I 55 -9.60 -34.92 -57.66
N ASP I 56 -8.61 -34.41 -58.39
CA ASP I 56 -8.82 -33.92 -59.74
C ASP I 56 -8.80 -35.04 -60.76
N GLY I 57 -7.71 -35.13 -61.51
CA GLY I 57 -7.57 -36.13 -62.53
C GLY I 57 -7.26 -37.55 -62.14
N THR I 58 -6.29 -38.11 -62.85
CA THR I 58 -5.88 -39.50 -62.70
C THR I 58 -4.39 -39.64 -62.98
N TYR I 59 -3.85 -40.79 -62.58
CA TYR I 59 -2.45 -41.14 -62.81
C TYR I 59 -2.38 -42.48 -63.53
N LEU I 60 -1.61 -42.52 -64.60
CA LEU I 60 -1.49 -43.72 -65.36
C LEU I 60 -0.12 -44.29 -65.08
N GLY I 61 -0.08 -45.56 -64.68
CA GLY I 61 1.16 -46.26 -64.36
C GLY I 61 2.28 -46.06 -65.36
N GLN I 62 3.52 -46.26 -64.92
CA GLN I 62 4.69 -46.10 -65.81
C GLN I 62 4.59 -46.85 -67.14
N ALA I 63 3.58 -47.70 -67.26
CA ALA I 63 3.36 -48.45 -68.50
C ALA I 63 2.73 -47.48 -69.47
N TYR I 64 1.83 -46.65 -68.97
CA TYR I 64 1.17 -45.64 -69.78
C TYR I 64 2.06 -44.43 -69.90
N GLY I 65 3.25 -44.51 -69.30
CA GLY I 65 4.20 -43.42 -69.37
C GLY I 65 4.14 -42.46 -68.21
N GLY I 66 3.32 -42.79 -67.21
CA GLY I 66 3.18 -41.92 -66.05
C GLY I 66 2.51 -40.62 -66.45
N ILE I 67 1.23 -40.70 -66.80
CA ILE I 67 0.55 -39.49 -67.21
C ILE I 67 -0.39 -39.01 -66.14
N ILE I 68 -0.28 -37.71 -65.89
CA ILE I 68 -1.12 -37.00 -64.91
C ILE I 68 -2.14 -36.33 -65.81
N LYS I 69 -3.31 -36.97 -65.81
CA LYS I 69 -4.42 -36.56 -66.62
C LYS I 69 -5.47 -35.90 -65.73
N ASP I 70 -5.92 -34.69 -66.11
CA ASP I 70 -6.95 -33.96 -65.38
C ASP I 70 -8.23 -34.77 -65.34
N ALA I 71 -9.23 -34.23 -64.67
CA ALA I 71 -10.54 -34.85 -64.54
C ALA I 71 -11.25 -34.01 -63.51
N PRO I 72 -12.57 -34.06 -63.50
CA PRO I 72 -13.42 -33.33 -62.57
C PRO I 72 -13.22 -33.90 -61.19
N PRO I 73 -13.51 -33.09 -60.15
CA PRO I 73 -13.40 -33.42 -58.73
C PRO I 73 -14.16 -34.69 -58.40
N GLY I 74 -13.45 -35.60 -57.72
CA GLY I 74 -14.04 -36.85 -57.31
C GLY I 74 -14.34 -37.83 -58.43
N ALA I 75 -14.02 -37.45 -59.67
CA ALA I 75 -14.25 -38.30 -60.81
C ALA I 75 -13.24 -39.45 -60.71
N GLY I 76 -11.98 -39.12 -60.48
CA GLY I 76 -10.99 -40.19 -60.37
C GLY I 76 -11.25 -41.12 -59.21
N PHE I 77 -12.39 -40.93 -58.56
CA PHE I 77 -12.72 -41.75 -57.44
C PHE I 77 -13.22 -43.12 -57.84
N ILE I 78 -13.65 -43.27 -59.10
CA ILE I 78 -14.15 -44.58 -59.57
C ILE I 78 -13.14 -45.69 -59.42
N TYR I 79 -11.85 -45.36 -59.47
CA TYR I 79 -10.79 -46.35 -59.35
C TYR I 79 -10.44 -46.66 -57.91
N ARG I 80 -10.13 -47.93 -57.65
CA ARG I 80 -9.76 -48.43 -56.34
C ARG I 80 -8.69 -47.67 -55.59
N GLU I 81 -7.53 -47.46 -56.21
CA GLU I 81 -6.45 -46.76 -55.53
C GLU I 81 -6.47 -45.25 -55.68
N THR I 82 -6.59 -44.56 -54.56
CA THR I 82 -6.61 -43.12 -54.54
C THR I 82 -5.39 -42.62 -53.82
N PHE I 83 -4.71 -41.64 -54.40
CA PHE I 83 -3.53 -41.07 -53.76
C PHE I 83 -3.95 -40.11 -52.61
N CYS I 84 -3.43 -40.36 -51.42
CA CYS I 84 -3.77 -39.51 -50.29
C CYS I 84 -2.54 -38.94 -49.61
N ILE I 85 -2.72 -37.79 -48.96
CA ILE I 85 -1.64 -37.18 -48.20
C ILE I 85 -2.15 -37.00 -46.78
N THR I 86 -1.25 -37.12 -45.81
CA THR I 86 -1.65 -36.91 -44.43
C THR I 86 -1.54 -35.41 -44.25
N THR I 87 -2.59 -34.82 -43.71
CA THR I 87 -2.67 -33.39 -43.51
C THR I 87 -1.70 -32.76 -42.53
N ILE I 88 -1.20 -33.53 -41.57
CA ILE I 88 -0.29 -32.98 -40.57
C ILE I 88 1.17 -33.18 -40.80
N TYR I 89 1.86 -32.06 -40.93
CA TYR I 89 3.30 -32.08 -41.12
C TYR I 89 3.95 -31.44 -39.91
N LYS I 90 4.99 -32.07 -39.36
CA LYS I 90 5.69 -31.50 -38.20
C LYS I 90 6.91 -30.73 -38.69
N THR I 91 6.80 -29.40 -38.77
CA THR I 91 7.87 -28.54 -39.26
C THR I 91 9.20 -28.67 -38.52
N GLY I 92 9.12 -28.70 -37.19
CA GLY I 92 10.32 -28.79 -36.41
C GLY I 92 10.76 -27.39 -36.05
N GLN I 93 10.13 -26.38 -36.64
CA GLN I 93 10.45 -25.00 -36.33
C GLN I 93 10.04 -24.85 -34.86
N PRO I 94 10.70 -23.94 -34.10
CA PRO I 94 10.35 -23.78 -32.69
C PRO I 94 8.89 -23.37 -32.46
N ALA I 95 8.38 -23.80 -31.31
CA ALA I 95 7.00 -23.53 -30.93
C ALA I 95 6.67 -22.06 -30.63
N ALA I 96 7.47 -21.15 -31.18
CA ALA I 96 7.27 -19.73 -30.96
C ALA I 96 5.91 -19.18 -31.42
N ASP I 97 5.57 -17.99 -30.94
CA ASP I 97 4.32 -17.34 -31.27
C ASP I 97 4.52 -16.44 -32.48
N HIS I 98 3.62 -16.56 -33.45
CA HIS I 98 3.67 -15.74 -34.65
C HIS I 98 2.22 -15.30 -34.76
N TYR I 99 1.95 -14.11 -35.28
CA TYR I 99 0.57 -13.68 -35.37
C TYR I 99 0.31 -12.73 -36.53
N TYR I 100 -0.97 -12.46 -36.80
CA TYR I 100 -1.40 -11.60 -37.91
C TYR I 100 -2.64 -10.86 -37.42
N SER I 101 -2.67 -9.55 -37.63
CA SER I 101 -3.77 -8.69 -37.19
C SER I 101 -4.65 -8.16 -38.32
N LYS I 102 -5.89 -7.79 -37.97
CA LYS I 102 -6.86 -7.23 -38.92
C LYS I 102 -7.45 -8.32 -39.82
N VAL I 103 -7.24 -9.56 -39.43
CA VAL I 103 -7.73 -10.68 -40.20
C VAL I 103 -9.09 -11.14 -39.71
N THR I 104 -9.89 -11.62 -40.66
CA THR I 104 -11.25 -12.14 -40.46
C THR I 104 -11.20 -13.66 -40.63
N ALA I 105 -12.18 -14.39 -40.10
CA ALA I 105 -12.16 -15.85 -40.30
C ALA I 105 -13.15 -16.26 -41.37
N THR I 106 -12.70 -17.07 -42.32
CA THR I 106 -13.55 -17.53 -43.41
C THR I 106 -13.17 -18.93 -43.82
N ARG I 107 -13.94 -19.46 -44.77
CA ARG I 107 -13.68 -20.77 -45.34
C ARG I 107 -13.46 -21.87 -44.34
N LEU I 108 -14.50 -22.19 -43.58
CA LEU I 108 -14.37 -23.27 -42.63
C LEU I 108 -14.12 -24.61 -43.37
N LEU I 109 -13.58 -25.59 -42.67
CA LEU I 109 -13.35 -26.91 -43.25
C LEU I 109 -13.16 -27.90 -42.13
N ALA I 110 -13.73 -29.07 -42.30
CA ALA I 110 -13.62 -30.11 -41.30
C ALA I 110 -13.55 -31.54 -41.92
N SER I 111 -12.60 -32.35 -41.44
CA SER I 111 -12.45 -33.74 -41.87
C SER I 111 -13.26 -34.48 -40.86
N THR I 112 -13.03 -35.77 -40.67
CA THR I 112 -13.80 -36.49 -39.68
C THR I 112 -13.02 -36.38 -38.38
N ASN I 113 -12.16 -37.34 -38.05
CA ASN I 113 -11.42 -37.17 -36.79
C ASN I 113 -10.21 -36.30 -37.00
N SER I 114 -10.49 -35.07 -37.37
CA SER I 114 -9.44 -34.14 -37.63
C SER I 114 -9.73 -32.69 -37.25
N ARG I 115 -8.89 -31.82 -37.75
CA ARG I 115 -9.02 -30.45 -37.44
C ARG I 115 -10.10 -29.72 -38.16
N LEU I 116 -10.56 -28.69 -37.46
CA LEU I 116 -11.53 -27.73 -37.93
C LEU I 116 -10.58 -26.59 -38.37
N CYS I 117 -10.81 -25.99 -39.52
CA CYS I 117 -9.90 -24.97 -39.96
C CYS I 117 -10.62 -23.79 -40.46
N ALA I 118 -9.84 -22.73 -40.73
CA ALA I 118 -10.36 -21.48 -41.26
C ALA I 118 -9.24 -20.71 -41.90
N VAL I 119 -9.64 -19.88 -42.84
CA VAL I 119 -8.69 -19.09 -43.58
C VAL I 119 -8.89 -17.67 -43.15
N PHE I 120 -7.80 -17.07 -42.69
CA PHE I 120 -7.81 -15.70 -42.22
C PHE I 120 -7.40 -14.77 -43.34
N VAL I 121 -8.32 -13.90 -43.65
CA VAL I 121 -8.22 -12.98 -44.75
C VAL I 121 -8.12 -11.53 -44.39
N ARG I 122 -7.16 -10.81 -44.94
CA ARG I 122 -7.06 -9.38 -44.65
C ARG I 122 -7.36 -8.68 -45.95
N ASP I 123 -8.30 -7.75 -45.92
CA ASP I 123 -8.70 -6.97 -47.09
C ASP I 123 -8.72 -7.68 -48.46
N GLY I 124 -8.97 -9.00 -48.46
CA GLY I 124 -9.01 -9.72 -49.72
C GLY I 124 -8.08 -10.91 -49.81
N GLN I 125 -6.82 -10.69 -49.52
CA GLN I 125 -5.82 -11.74 -49.58
C GLN I 125 -6.02 -12.77 -48.48
N SER I 126 -5.73 -14.03 -48.78
CA SER I 126 -5.80 -15.05 -47.75
C SER I 126 -4.48 -14.77 -47.04
N VAL I 127 -4.52 -14.61 -45.74
CA VAL I 127 -3.31 -14.31 -45.01
C VAL I 127 -2.67 -15.52 -44.36
N ILE I 128 -3.47 -16.42 -43.83
CA ILE I 128 -2.92 -17.62 -43.19
C ILE I 128 -4.09 -18.50 -42.80
N GLY I 129 -3.80 -19.76 -42.60
CA GLY I 129 -4.86 -20.64 -42.20
C GLY I 129 -4.49 -21.15 -40.84
N ALA I 130 -5.48 -21.35 -40.00
CA ALA I 130 -5.22 -21.88 -38.67
C ALA I 130 -6.19 -23.02 -38.47
N CYS I 131 -5.75 -24.06 -37.77
CA CYS I 131 -6.62 -25.22 -37.55
C CYS I 131 -6.59 -25.65 -36.08
N ALA I 132 -7.60 -26.41 -35.67
CA ALA I 132 -7.68 -26.88 -34.29
C ALA I 132 -8.47 -28.17 -34.22
N SER I 133 -7.91 -29.15 -33.53
CA SER I 133 -8.54 -30.45 -33.40
C SER I 133 -8.48 -30.91 -31.99
N PRO I 134 -9.57 -31.48 -31.51
CA PRO I 134 -9.54 -31.97 -30.15
C PRO I 134 -8.97 -33.38 -30.16
N TYR I 135 -8.60 -33.89 -31.35
CA TYR I 135 -8.11 -35.27 -31.49
C TYR I 135 -6.62 -35.45 -31.44
N GLU I 136 -5.90 -34.46 -31.93
CA GLU I 136 -4.45 -34.54 -31.96
C GLU I 136 -3.84 -33.15 -32.04
N GLY I 137 -2.51 -33.07 -31.95
CA GLY I 137 -1.85 -31.78 -32.01
C GLY I 137 -1.30 -31.39 -30.65
N ARG I 138 -0.38 -30.44 -30.63
CA ARG I 138 0.22 -29.97 -29.39
C ARG I 138 -0.80 -29.21 -28.51
N TYR I 139 -1.76 -28.58 -29.16
CA TYR I 139 -2.75 -27.83 -28.42
C TYR I 139 -4.09 -28.52 -28.48
N ARG I 140 -4.09 -29.84 -28.39
CA ARG I 140 -5.35 -30.56 -28.43
C ARG I 140 -6.26 -30.19 -27.27
N ASP I 141 -5.67 -29.70 -26.19
CA ASP I 141 -6.49 -29.32 -25.04
C ASP I 141 -7.21 -27.99 -25.14
N MET I 142 -6.65 -27.05 -25.86
CA MET I 142 -7.31 -25.76 -26.04
C MET I 142 -8.43 -25.76 -27.09
N TYR I 143 -8.73 -26.91 -27.70
CA TYR I 143 -9.76 -27.00 -28.74
C TYR I 143 -11.10 -26.48 -28.28
N ASP I 144 -11.63 -27.09 -27.23
CA ASP I 144 -12.94 -26.68 -26.76
C ASP I 144 -13.12 -25.16 -26.54
N ALA I 145 -12.04 -24.48 -26.14
CA ALA I 145 -12.13 -23.05 -25.93
C ALA I 145 -12.12 -22.31 -27.27
N LEU I 146 -11.05 -22.49 -28.02
CA LEU I 146 -10.83 -21.85 -29.31
C LEU I 146 -11.99 -21.95 -30.32
N ARG I 147 -12.57 -23.12 -30.48
CA ARG I 147 -13.68 -23.29 -31.42
C ARG I 147 -14.83 -22.35 -31.14
N ARG I 148 -15.11 -22.14 -29.85
CA ARG I 148 -16.22 -21.27 -29.41
C ARG I 148 -16.00 -19.85 -29.83
N LEU I 149 -14.75 -19.38 -29.76
CA LEU I 149 -14.49 -18.01 -30.15
C LEU I 149 -14.42 -17.99 -31.65
N LEU I 150 -13.88 -19.10 -32.19
CA LEU I 150 -13.72 -19.24 -33.62
C LEU I 150 -15.08 -19.11 -34.27
N TYR I 151 -16.05 -19.75 -33.64
CA TYR I 151 -17.41 -19.71 -34.13
C TYR I 151 -18.01 -18.30 -34.07
N MET I 152 -17.85 -17.62 -32.94
CA MET I 152 -18.38 -16.28 -32.73
C MET I 152 -17.78 -15.24 -33.70
N ILE I 153 -16.46 -15.31 -33.89
CA ILE I 153 -15.82 -14.37 -34.79
C ILE I 153 -16.10 -14.66 -36.25
N TYR I 154 -16.45 -15.92 -36.53
CA TYR I 154 -16.79 -16.35 -37.88
C TYR I 154 -18.15 -15.76 -38.19
N MET I 155 -19.11 -16.05 -37.31
CA MET I 155 -20.47 -15.57 -37.45
C MET I 155 -20.58 -14.06 -37.64
N SER I 156 -19.89 -13.31 -36.78
CA SER I 156 -19.86 -11.85 -36.82
C SER I 156 -18.64 -11.45 -37.61
N GLY I 157 -18.70 -10.31 -38.31
CA GLY I 157 -17.53 -9.92 -39.10
C GLY I 157 -16.47 -9.24 -38.26
N LEU I 158 -16.07 -9.90 -37.17
CA LEU I 158 -15.13 -9.30 -36.25
C LEU I 158 -13.66 -9.56 -36.58
N ALA I 159 -12.93 -8.46 -36.83
CA ALA I 159 -11.49 -8.50 -37.15
C ALA I 159 -10.78 -9.07 -35.95
N VAL I 160 -9.61 -9.63 -36.14
CA VAL I 160 -8.94 -10.25 -35.03
C VAL I 160 -7.42 -10.37 -35.25
N ARG I 161 -6.69 -10.50 -34.16
CA ARG I 161 -5.28 -10.72 -34.31
C ARG I 161 -5.31 -12.21 -34.06
N VAL I 162 -4.65 -12.99 -34.90
CA VAL I 162 -4.63 -14.41 -34.67
C VAL I 162 -3.22 -14.96 -34.47
N HIS I 163 -3.09 -15.74 -33.42
CA HIS I 163 -1.83 -16.32 -33.03
C HIS I 163 -1.82 -17.70 -33.52
N VAL I 164 -0.64 -18.08 -34.00
CA VAL I 164 -0.43 -19.37 -34.60
C VAL I 164 0.97 -19.94 -34.31
N SER I 165 1.09 -21.27 -34.24
CA SER I 165 2.37 -21.91 -34.00
C SER I 165 2.82 -22.71 -35.22
N LYS I 166 3.95 -22.32 -35.79
CA LYS I 166 4.47 -23.02 -36.94
C LYS I 166 5.14 -24.31 -36.51
N GLU I 167 4.83 -24.75 -35.31
CA GLU I 167 5.39 -25.97 -34.79
C GLU I 167 4.89 -27.07 -35.70
N GLU I 168 3.60 -27.00 -36.07
CA GLU I 168 3.02 -27.97 -36.97
C GLU I 168 2.25 -27.32 -38.10
N GLN I 169 2.52 -27.84 -39.31
CA GLN I 169 1.91 -27.37 -40.55
C GLN I 169 0.79 -28.28 -41.03
N TYR I 170 -0.23 -27.66 -41.59
CA TYR I 170 -1.38 -28.41 -42.04
C TYR I 170 -1.65 -28.27 -43.51
N TYR I 171 -2.05 -29.38 -44.11
CA TYR I 171 -2.30 -29.41 -45.54
C TYR I 171 -3.74 -29.75 -45.82
N ASP I 172 -4.63 -29.34 -44.95
CA ASP I 172 -6.02 -29.66 -45.17
C ASP I 172 -6.58 -29.04 -46.44
N TYR I 173 -6.45 -27.75 -46.64
CA TYR I 173 -6.98 -27.19 -47.88
C TYR I 173 -6.13 -27.69 -49.02
N GLU I 174 -6.81 -28.10 -50.09
CA GLU I 174 -6.15 -28.56 -51.30
C GLU I 174 -5.92 -27.38 -52.22
N ASP I 175 -4.70 -27.27 -52.74
CA ASP I 175 -4.30 -26.20 -53.66
C ASP I 175 -4.40 -24.81 -53.02
N ALA I 176 -3.73 -24.69 -51.88
CA ALA I 176 -3.74 -23.47 -51.09
C ALA I 176 -2.59 -22.53 -51.40
N THR I 177 -2.92 -21.26 -51.65
CA THR I 177 -1.91 -20.23 -51.90
C THR I 177 -1.42 -19.72 -50.56
N PHE I 178 -2.01 -20.22 -49.49
CA PHE I 178 -1.65 -19.79 -48.15
C PHE I 178 -1.16 -20.92 -47.27
N GLN I 179 -0.42 -20.57 -46.24
CA GLN I 179 0.10 -21.59 -45.35
C GLN I 179 -0.87 -21.77 -44.20
N THR I 180 -0.92 -22.98 -43.65
CA THR I 180 -1.83 -23.28 -42.57
C THR I 180 -1.10 -23.90 -41.43
N TYR I 181 -1.27 -23.28 -40.27
CA TYR I 181 -0.63 -23.73 -39.05
C TYR I 181 -1.62 -23.89 -37.93
N ALA I 182 -1.07 -24.36 -36.80
CA ALA I 182 -1.83 -24.61 -35.57
C ALA I 182 -2.25 -23.30 -34.90
N LEU I 183 -3.55 -23.19 -34.60
CA LEU I 183 -4.15 -22.04 -33.97
C LEU I 183 -3.84 -22.14 -32.48
N THR I 184 -3.23 -21.09 -31.91
CA THR I 184 -2.88 -21.08 -30.49
C THR I 184 -3.61 -19.98 -29.76
N GLY I 185 -3.98 -18.93 -30.49
CA GLY I 185 -4.73 -17.88 -29.83
C GLY I 185 -5.44 -16.90 -30.72
N ILE I 186 -6.51 -16.32 -30.22
CA ILE I 186 -7.28 -15.34 -30.95
C ILE I 186 -7.46 -14.17 -29.99
N SER I 187 -7.40 -12.96 -30.53
CA SER I 187 -7.58 -11.77 -29.70
C SER I 187 -8.34 -10.77 -30.55
N LEU I 188 -9.59 -10.50 -30.17
CA LEU I 188 -10.39 -9.55 -30.94
C LEU I 188 -9.60 -8.28 -31.04
N CYS I 189 -9.57 -7.74 -32.23
CA CYS I 189 -8.83 -6.53 -32.43
C CYS I 189 -9.27 -5.45 -31.47
N ASN I 190 -8.27 -4.67 -31.04
CA ASN I 190 -8.51 -3.53 -30.19
C ASN I 190 -7.37 -2.59 -30.48
N PRO I 191 -7.61 -1.63 -31.38
CA PRO I 191 -6.65 -0.62 -31.82
C PRO I 191 -6.17 0.25 -30.67
N ALA I 192 -7.14 0.89 -30.01
CA ALA I 192 -6.87 1.76 -28.89
C ALA I 192 -6.43 0.98 -27.65
N ALA I 193 -5.78 -0.17 -27.86
CA ALA I 193 -5.29 -1.01 -26.78
C ALA I 193 -4.10 -1.78 -27.31
N SER I 194 -3.55 -1.30 -28.44
CA SER I 194 -2.38 -1.90 -29.08
C SER I 194 -2.63 -3.36 -29.56
N ILE I 195 -3.78 -3.59 -30.20
CA ILE I 195 -4.11 -4.93 -30.69
C ILE I 195 -4.12 -5.01 -32.22
N CYS I 196 -4.63 -3.99 -32.86
CA CYS I 196 -4.65 -4.00 -34.31
C CYS I 196 -4.53 -2.58 -34.80
N ASP J 1 3.01 -8.95 -10.76
CA ASP J 1 2.17 -8.66 -9.60
C ASP J 1 2.11 -7.19 -9.28
N VAL J 2 0.98 -6.84 -8.69
CA VAL J 2 0.67 -5.50 -8.27
C VAL J 2 0.55 -5.67 -6.73
N PRO J 3 0.67 -4.57 -5.97
CA PRO J 3 0.61 -4.51 -4.50
C PRO J 3 -0.62 -5.10 -3.83
N TYR J 4 -1.80 -4.69 -4.28
CA TYR J 4 -3.05 -5.17 -3.70
C TYR J 4 -4.21 -5.12 -4.69
N VAL J 5 -5.29 -5.81 -4.33
CA VAL J 5 -6.45 -5.91 -5.17
C VAL J 5 -7.07 -4.60 -5.58
N LEU J 6 -7.18 -4.40 -6.89
CA LEU J 6 -7.84 -3.20 -7.42
C LEU J 6 -9.32 -3.49 -7.57
N VAL J 7 -10.12 -2.44 -7.64
CA VAL J 7 -11.56 -2.58 -7.74
C VAL J 7 -12.00 -1.43 -8.60
N LYS J 8 -12.24 -1.71 -9.86
CA LYS J 8 -12.65 -0.68 -10.79
C LYS J 8 -14.14 -0.87 -10.95
N THR J 9 -14.85 0.22 -11.15
CA THR J 9 -16.31 0.21 -11.34
C THR J 9 -16.62 0.79 -12.73
N ASN J 10 -17.82 0.53 -13.25
CA ASN J 10 -18.21 1.06 -14.55
C ASN J 10 -17.24 0.68 -15.66
N MET J 11 -16.81 -0.56 -15.61
CA MET J 11 -15.92 -1.09 -16.59
C MET J 11 -16.81 -1.76 -17.65
N VAL J 12 -16.49 -1.58 -18.90
CA VAL J 12 -17.24 -2.20 -19.96
C VAL J 12 -16.23 -3.07 -20.72
N VAL J 13 -16.54 -4.35 -20.91
CA VAL J 13 -15.62 -5.21 -21.65
C VAL J 13 -15.73 -4.87 -23.13
N THR J 14 -14.60 -4.50 -23.72
CA THR J 14 -14.57 -4.09 -25.12
C THR J 14 -14.01 -5.09 -26.12
N SER J 15 -13.32 -6.10 -25.62
CA SER J 15 -12.69 -7.08 -26.46
C SER J 15 -12.39 -8.31 -25.62
N VAL J 16 -12.46 -9.49 -26.21
CA VAL J 16 -12.12 -10.67 -25.44
C VAL J 16 -11.00 -11.36 -26.15
N ALA J 17 -10.58 -12.48 -25.61
CA ALA J 17 -9.48 -13.17 -26.22
C ALA J 17 -9.15 -14.44 -25.44
N MET J 18 -8.35 -15.25 -26.07
CA MET J 18 -7.86 -16.53 -25.49
C MET J 18 -6.39 -16.68 -25.86
N LYS J 19 -5.68 -17.43 -25.07
CA LYS J 19 -4.27 -17.66 -25.29
C LYS J 19 -3.89 -18.71 -24.30
N PRO J 20 -2.74 -19.37 -24.50
CA PRO J 20 -2.26 -20.43 -23.61
C PRO J 20 -1.64 -19.86 -22.36
N TYR J 21 -1.55 -20.70 -21.32
CA TYR J 21 -0.94 -20.22 -20.11
C TYR J 21 0.54 -20.43 -20.23
N GLU J 22 1.25 -19.33 -20.42
CA GLU J 22 2.71 -19.31 -20.57
C GLU J 22 3.41 -20.40 -19.76
N VAL J 23 3.16 -20.43 -18.46
CA VAL J 23 3.80 -21.40 -17.58
C VAL J 23 3.20 -22.80 -17.54
N THR J 24 1.95 -22.94 -17.93
CA THR J 24 1.30 -24.25 -17.85
C THR J 24 0.49 -24.66 -19.05
N PRO J 25 0.57 -25.93 -19.41
CA PRO J 25 -0.15 -26.52 -20.54
C PRO J 25 -1.62 -26.88 -20.22
N THR J 26 -1.83 -27.41 -19.02
CA THR J 26 -3.16 -27.84 -18.58
C THR J 26 -4.13 -26.72 -18.28
N ARG J 27 -3.69 -25.49 -18.51
CA ARG J 27 -4.54 -24.35 -18.28
C ARG J 27 -4.29 -23.33 -19.38
N MET J 28 -5.21 -22.39 -19.55
CA MET J 28 -5.09 -21.37 -20.58
C MET J 28 -5.72 -20.06 -20.08
N LEU J 29 -5.51 -18.98 -20.81
CA LEU J 29 -6.04 -17.72 -20.38
C LEU J 29 -7.17 -17.21 -21.25
N VAL J 30 -8.14 -16.58 -20.61
CA VAL J 30 -9.22 -15.92 -21.33
C VAL J 30 -8.94 -14.48 -20.93
N CYS J 31 -8.81 -13.58 -21.89
CA CYS J 31 -8.47 -12.23 -21.54
C CYS J 31 -9.43 -11.26 -22.16
N GLY J 32 -9.20 -9.98 -21.88
CA GLY J 32 -10.02 -8.92 -22.42
C GLY J 32 -9.34 -7.57 -22.25
N ILE J 33 -10.17 -6.54 -22.31
CA ILE J 33 -9.79 -5.17 -22.19
C ILE J 33 -11.08 -4.56 -21.68
N ALA J 34 -11.06 -4.00 -20.49
CA ALA J 34 -12.24 -3.34 -19.93
C ALA J 34 -11.97 -1.84 -20.06
N ALA J 35 -13.03 -1.07 -20.10
CA ALA J 35 -12.92 0.38 -20.20
C ALA J 35 -13.90 1.04 -19.24
N LYS J 36 -13.40 1.91 -18.37
CA LYS J 36 -14.26 2.62 -17.43
C LYS J 36 -14.98 3.73 -18.15
N LEU J 37 -16.29 3.84 -17.98
CA LEU J 37 -17.03 4.89 -18.65
C LEU J 37 -16.49 6.22 -18.15
N GLY J 38 -16.52 7.24 -19.00
CA GLY J 38 -15.98 8.54 -18.63
C GLY J 38 -14.48 8.79 -18.87
N ALA J 39 -13.63 7.87 -18.41
CA ALA J 39 -12.18 8.00 -18.57
C ALA J 39 -11.79 8.42 -20.00
N ALA J 40 -10.76 9.25 -20.11
CA ALA J 40 -10.28 9.72 -21.41
C ALA J 40 -9.41 8.64 -22.05
N ALA J 41 -9.28 8.69 -23.38
CA ALA J 41 -8.49 7.72 -24.12
C ALA J 41 -7.06 7.60 -23.60
N SER J 42 -6.60 8.69 -23.00
CA SER J 42 -5.27 8.78 -22.41
C SER J 42 -5.25 8.05 -21.07
N SER J 43 -6.36 8.16 -20.35
CA SER J 43 -6.52 7.54 -19.05
C SER J 43 -6.19 6.07 -19.17
N PRO J 44 -5.38 5.55 -18.25
CA PRO J 44 -5.00 4.14 -18.27
C PRO J 44 -6.24 3.27 -18.01
N ASP J 45 -7.28 3.90 -17.46
CA ASP J 45 -8.54 3.23 -17.17
C ASP J 45 -9.38 3.11 -18.43
N ALA J 46 -8.93 3.79 -19.48
CA ALA J 46 -9.62 3.72 -20.74
C ALA J 46 -9.45 2.33 -21.39
N HIS J 47 -8.52 1.52 -20.89
CA HIS J 47 -8.30 0.18 -21.44
C HIS J 47 -7.52 -0.74 -20.53
N VAL J 48 -8.24 -1.38 -19.61
CA VAL J 48 -7.61 -2.29 -18.65
C VAL J 48 -7.59 -3.75 -19.06
N PRO J 49 -6.41 -4.28 -19.38
CA PRO J 49 -6.35 -5.69 -19.76
C PRO J 49 -6.46 -6.62 -18.58
N PHE J 50 -7.32 -7.60 -18.67
CA PHE J 50 -7.43 -8.55 -17.58
C PHE J 50 -7.33 -9.94 -18.19
N CYS J 51 -7.22 -10.96 -17.35
CA CYS J 51 -7.14 -12.32 -17.85
C CYS J 51 -7.46 -13.21 -16.70
N PHE J 52 -7.93 -14.41 -16.98
CA PHE J 52 -8.19 -15.36 -15.92
C PHE J 52 -7.97 -16.75 -16.46
N GLY J 53 -7.42 -17.60 -15.59
CA GLY J 53 -7.13 -18.96 -16.00
C GLY J 53 -8.39 -19.77 -16.20
N LYS J 54 -8.27 -20.83 -16.99
CA LYS J 54 -9.35 -21.77 -17.29
C LYS J 54 -8.66 -23.14 -17.21
N ASP J 55 -9.22 -24.04 -16.41
CA ASP J 55 -8.62 -25.38 -16.28
C ASP J 55 -8.98 -26.22 -17.50
N LEU J 56 -7.98 -26.65 -18.25
CA LEU J 56 -8.26 -27.42 -19.45
C LEU J 56 -8.63 -28.87 -19.17
N LYS J 57 -8.37 -29.32 -17.94
CA LYS J 57 -8.70 -30.69 -17.58
C LYS J 57 -10.19 -30.81 -17.29
N ARG J 58 -10.87 -29.67 -17.20
CA ARG J 58 -12.32 -29.64 -16.95
C ARG J 58 -13.01 -28.95 -18.13
N PRO J 59 -13.51 -29.74 -19.07
CA PRO J 59 -14.21 -29.32 -20.29
C PRO J 59 -15.52 -28.60 -20.00
N GLY J 60 -15.73 -27.47 -20.67
CA GLY J 60 -16.95 -26.70 -20.50
C GLY J 60 -16.62 -25.23 -20.34
N SER J 61 -17.59 -24.43 -19.91
CA SER J 61 -17.37 -23.01 -19.70
C SER J 61 -17.51 -22.68 -18.22
N SER J 62 -16.51 -22.00 -17.66
CA SER J 62 -16.54 -21.61 -16.24
C SER J 62 -17.56 -20.47 -16.05
N PRO J 63 -18.09 -20.33 -14.81
CA PRO J 63 -19.08 -19.27 -14.56
C PRO J 63 -18.58 -17.92 -15.03
N MET J 64 -17.28 -17.70 -14.91
CA MET J 64 -16.76 -16.42 -15.35
C MET J 64 -16.79 -16.25 -16.86
N GLU J 65 -16.63 -17.36 -17.58
CA GLU J 65 -16.63 -17.38 -19.05
C GLU J 65 -18.01 -17.00 -19.51
N VAL J 66 -18.97 -17.76 -18.99
CA VAL J 66 -20.38 -17.57 -19.31
C VAL J 66 -20.77 -16.12 -19.12
N MET J 67 -20.42 -15.58 -17.95
CA MET J 67 -20.76 -14.21 -17.65
C MET J 67 -20.05 -13.27 -18.60
N LEU J 68 -18.76 -13.51 -18.74
CA LEU J 68 -17.93 -12.65 -19.59
C LEU J 68 -18.55 -12.51 -20.94
N ARG J 69 -19.04 -13.64 -21.43
CA ARG J 69 -19.68 -13.65 -22.72
C ARG J 69 -20.93 -12.78 -22.66
N ALA J 70 -21.84 -13.09 -21.73
CA ALA J 70 -23.08 -12.35 -21.64
C ALA J 70 -22.89 -10.84 -21.56
N VAL J 71 -22.03 -10.40 -20.64
CA VAL J 71 -21.79 -8.97 -20.44
C VAL J 71 -21.14 -8.27 -21.63
N PHE J 72 -20.21 -8.97 -22.28
CA PHE J 72 -19.49 -8.45 -23.46
C PHE J 72 -20.48 -8.12 -24.57
N MET J 73 -21.33 -9.12 -24.85
CA MET J 73 -22.32 -9.03 -25.90
C MET J 73 -23.24 -7.88 -25.62
N GLN J 74 -23.69 -7.85 -24.37
CA GLN J 74 -24.62 -6.82 -23.94
C GLN J 74 -24.00 -5.45 -23.58
N GLN J 75 -22.67 -5.35 -23.53
CA GLN J 75 -22.03 -4.08 -23.20
C GLN J 75 -22.48 -3.58 -21.83
N ARG J 76 -22.53 -4.51 -20.89
CA ARG J 76 -22.92 -4.25 -19.51
C ARG J 76 -21.74 -3.72 -18.69
N PRO J 77 -21.95 -2.59 -17.96
CA PRO J 77 -20.94 -1.95 -17.11
C PRO J 77 -20.72 -2.85 -15.88
N LEU J 78 -19.46 -3.03 -15.52
CA LEU J 78 -19.06 -3.91 -14.45
C LEU J 78 -18.27 -3.25 -13.34
N ARG J 79 -18.08 -4.03 -12.29
CA ARG J 79 -17.36 -3.65 -11.09
C ARG J 79 -16.44 -4.81 -11.02
N MET J 80 -15.16 -4.59 -11.23
CA MET J 80 -14.27 -5.74 -11.24
C MET J 80 -13.17 -5.69 -10.23
N PHE J 81 -12.79 -6.85 -9.71
CA PHE J 81 -11.71 -6.99 -8.76
C PHE J 81 -10.48 -7.55 -9.47
N LEU J 82 -9.58 -6.66 -9.83
CA LEU J 82 -8.33 -7.01 -10.51
C LEU J 82 -7.15 -7.10 -9.51
N GLY J 83 -6.11 -7.87 -9.85
CA GLY J 83 -4.96 -8.00 -8.98
C GLY J 83 -5.08 -9.13 -7.95
N PRO J 84 -4.08 -9.30 -7.08
CA PRO J 84 -2.87 -8.47 -7.10
C PRO J 84 -2.00 -8.88 -8.28
N LYS J 85 -2.10 -10.15 -8.66
CA LYS J 85 -1.35 -10.75 -9.77
C LYS J 85 -1.42 -10.14 -11.17
N GLN J 86 -0.45 -10.52 -11.97
CA GLN J 86 -0.37 -10.09 -13.36
C GLN J 86 0.08 -11.25 -14.24
N LEU J 87 -0.65 -11.41 -15.35
CA LEU J 87 -0.39 -12.47 -16.32
C LEU J 87 -0.05 -11.77 -17.62
N THR J 88 0.64 -12.45 -18.53
CA THR J 88 0.99 -11.78 -19.77
C THR J 88 -0.03 -11.94 -20.89
N PHE J 89 -0.46 -10.84 -21.47
CA PHE J 89 -1.44 -10.90 -22.55
C PHE J 89 -1.04 -9.87 -23.56
N GLU J 90 -0.93 -10.30 -24.82
CA GLU J 90 -0.51 -9.44 -25.94
C GLU J 90 0.77 -8.73 -25.66
N GLY J 91 1.71 -9.49 -25.11
CA GLY J 91 3.04 -8.99 -24.80
C GLY J 91 3.22 -8.14 -23.56
N LYS J 92 2.10 -7.70 -22.99
CA LYS J 92 2.11 -6.86 -21.82
C LYS J 92 1.50 -7.59 -20.65
N PRO J 93 1.69 -7.06 -19.43
CA PRO J 93 1.13 -7.70 -18.25
C PRO J 93 -0.37 -7.39 -18.20
N ALA J 94 -1.11 -8.21 -17.47
CA ALA J 94 -2.53 -7.97 -17.35
C ALA J 94 -2.96 -8.40 -15.95
N LEU J 95 -3.93 -7.67 -15.40
CA LEU J 95 -4.38 -7.95 -14.06
C LEU J 95 -5.28 -9.14 -14.01
N GLU J 96 -4.94 -10.11 -13.15
CA GLU J 96 -5.77 -11.32 -13.00
C GLU J 96 -7.16 -10.92 -12.48
N LEU J 97 -8.21 -11.40 -13.13
CA LEU J 97 -9.59 -11.10 -12.73
C LEU J 97 -10.05 -12.20 -11.79
N ILE J 98 -10.36 -11.82 -10.55
CA ILE J 98 -10.77 -12.81 -9.57
C ILE J 98 -12.21 -12.77 -9.24
N ARG J 99 -12.93 -11.78 -9.78
CA ARG J 99 -14.35 -11.62 -9.50
C ARG J 99 -14.90 -10.37 -10.17
N MET J 100 -16.14 -10.45 -10.62
CA MET J 100 -16.76 -9.32 -11.25
C MET J 100 -18.25 -9.39 -10.96
N VAL J 101 -18.89 -8.24 -10.84
CA VAL J 101 -20.30 -8.18 -10.57
C VAL J 101 -20.83 -7.04 -11.41
N GLU J 102 -21.96 -7.28 -12.06
CA GLU J 102 -22.57 -6.30 -12.92
C GLU J 102 -22.98 -5.07 -12.08
N CYS J 103 -22.95 -3.89 -12.70
CA CYS J 103 -23.33 -2.68 -11.99
C CYS J 103 -24.81 -2.58 -11.96
N SER J 104 -25.32 -2.17 -10.81
CA SER J 104 -26.73 -2.01 -10.63
C SER J 104 -27.08 -0.54 -10.83
N GLY J 105 -26.42 0.33 -10.11
CA GLY J 105 -26.69 1.75 -10.25
C GLY J 105 -25.51 2.53 -9.70
N LYS J 106 -25.62 3.86 -9.68
CA LYS J 106 -24.51 4.65 -9.16
C LYS J 106 -24.21 4.28 -7.70
N GLN J 107 -25.19 3.65 -7.08
CA GLN J 107 -25.04 3.22 -5.70
C GLN J 107 -23.86 2.26 -5.56
N ASP J 108 -24.00 1.05 -6.11
CA ASP J 108 -22.95 0.03 -6.02
C ASP J 108 -21.77 0.25 -6.96
N CYS J 109 -21.98 1.10 -7.96
CA CYS J 109 -20.96 1.43 -8.95
C CYS J 109 -20.92 2.94 -9.15
N PRO J 110 -20.25 3.65 -8.23
CA PRO J 110 -20.07 5.09 -8.18
C PRO J 110 -18.99 5.59 -9.15
N ASP K 1 -25.20 -48.44 -48.90
CA ASP K 1 -23.89 -47.97 -49.34
C ASP K 1 -23.87 -47.51 -50.79
N VAL K 2 -22.73 -47.01 -51.20
CA VAL K 2 -22.50 -46.54 -52.56
C VAL K 2 -21.11 -47.10 -52.88
N PRO K 3 -20.84 -47.39 -54.17
CA PRO K 3 -19.54 -47.94 -54.59
C PRO K 3 -18.34 -47.06 -54.25
N TYR K 4 -18.47 -45.74 -54.44
CA TYR K 4 -17.37 -44.83 -54.19
C TYR K 4 -17.87 -43.48 -53.67
N VAL K 5 -16.91 -42.72 -53.17
CA VAL K 5 -17.13 -41.39 -52.63
C VAL K 5 -17.64 -40.37 -53.66
N LEU K 6 -18.78 -39.77 -53.39
CA LEU K 6 -19.29 -38.75 -54.30
C LEU K 6 -18.57 -37.50 -53.86
N VAL K 7 -18.82 -36.39 -54.52
CA VAL K 7 -18.20 -35.11 -54.16
C VAL K 7 -19.17 -34.08 -54.73
N LYS K 8 -20.06 -33.58 -53.88
CA LYS K 8 -21.02 -32.56 -54.32
C LYS K 8 -20.35 -31.18 -54.26
N THR K 9 -20.98 -30.21 -54.90
CA THR K 9 -20.43 -28.87 -54.97
C THR K 9 -21.56 -27.88 -54.93
N ASN K 10 -21.26 -26.66 -54.47
CA ASN K 10 -22.26 -25.61 -54.34
C ASN K 10 -23.45 -26.07 -53.48
N MET K 11 -23.18 -26.94 -52.51
CA MET K 11 -24.22 -27.45 -51.63
C MET K 11 -24.44 -26.55 -50.41
N VAL K 12 -25.70 -26.28 -50.05
CA VAL K 12 -25.96 -25.50 -48.87
C VAL K 12 -26.66 -26.47 -47.91
N VAL K 13 -26.37 -26.40 -46.62
CA VAL K 13 -27.06 -27.29 -45.67
C VAL K 13 -28.40 -26.62 -45.44
N THR K 14 -29.45 -27.40 -45.51
CA THR K 14 -30.76 -26.82 -45.46
C THR K 14 -31.56 -27.17 -44.24
N SER K 15 -31.20 -28.28 -43.60
CA SER K 15 -31.92 -28.67 -42.42
C SER K 15 -31.00 -29.54 -41.64
N VAL K 16 -31.15 -29.52 -40.32
CA VAL K 16 -30.25 -30.31 -39.49
C VAL K 16 -31.08 -31.08 -38.53
N ALA K 17 -30.53 -32.15 -37.98
CA ALA K 17 -31.32 -32.96 -37.04
C ALA K 17 -30.51 -33.90 -36.21
N MET K 18 -31.05 -34.14 -35.06
CA MET K 18 -30.35 -35.02 -34.12
C MET K 18 -31.20 -36.28 -33.87
N LYS K 19 -30.53 -37.38 -33.88
CA LYS K 19 -31.21 -38.65 -33.65
C LYS K 19 -30.22 -39.62 -33.04
N PRO K 20 -30.74 -40.60 -32.27
CA PRO K 20 -29.93 -41.63 -31.62
C PRO K 20 -29.34 -42.58 -32.66
N TYR K 21 -28.12 -43.06 -32.41
CA TYR K 21 -27.54 -43.95 -33.39
C TYR K 21 -28.18 -45.31 -33.29
N GLU K 22 -29.05 -45.57 -34.27
CA GLU K 22 -29.81 -46.81 -34.43
C GLU K 22 -29.14 -48.06 -33.84
N VAL K 23 -27.83 -48.10 -33.97
CA VAL K 23 -27.03 -49.21 -33.48
C VAL K 23 -26.41 -48.86 -32.13
N THR K 24 -25.16 -48.40 -32.18
CA THR K 24 -24.40 -48.07 -31.00
C THR K 24 -24.95 -46.83 -30.29
N PRO K 25 -25.47 -47.01 -29.06
CA PRO K 25 -26.04 -45.99 -28.17
C PRO K 25 -25.02 -45.03 -27.55
N THR K 26 -23.74 -45.30 -27.77
CA THR K 26 -22.67 -44.45 -27.27
C THR K 26 -22.44 -43.35 -28.28
N ARG K 27 -23.09 -43.50 -29.44
CA ARG K 27 -23.01 -42.56 -30.55
C ARG K 27 -24.40 -42.23 -30.99
N MET K 28 -24.52 -41.17 -31.77
CA MET K 28 -25.79 -40.73 -32.28
C MET K 28 -25.47 -40.18 -33.66
N LEU K 29 -26.46 -39.59 -34.32
CA LEU K 29 -26.22 -39.08 -35.64
C LEU K 29 -26.65 -37.65 -35.78
N VAL K 30 -25.88 -36.92 -36.55
CA VAL K 30 -26.21 -35.53 -36.86
C VAL K 30 -26.56 -35.67 -38.33
N CYS K 31 -27.78 -35.33 -38.71
CA CYS K 31 -28.14 -35.49 -40.12
C CYS K 31 -28.73 -34.21 -40.70
N GLY K 32 -28.75 -34.16 -42.02
CA GLY K 32 -29.28 -33.00 -42.67
C GLY K 32 -29.55 -33.23 -44.13
N ILE K 33 -30.07 -32.21 -44.76
CA ILE K 33 -30.42 -32.24 -46.16
C ILE K 33 -29.60 -31.18 -46.91
N ALA K 34 -28.63 -31.62 -47.71
CA ALA K 34 -27.82 -30.69 -48.49
C ALA K 34 -28.54 -30.46 -49.81
N ALA K 35 -28.43 -29.27 -50.37
CA ALA K 35 -29.10 -28.95 -51.63
C ALA K 35 -28.19 -28.15 -52.52
N LYS K 36 -28.08 -28.51 -53.80
CA LYS K 36 -27.22 -27.73 -54.69
C LYS K 36 -27.91 -26.41 -55.03
N LEU K 37 -27.23 -25.32 -54.71
CA LEU K 37 -27.69 -23.97 -54.95
C LEU K 37 -28.16 -23.74 -56.38
N GLY K 38 -29.32 -23.09 -56.52
CA GLY K 38 -29.86 -22.79 -57.84
C GLY K 38 -30.46 -23.90 -58.68
N ALA K 39 -30.15 -25.16 -58.35
CA ALA K 39 -30.65 -26.32 -59.09
C ALA K 39 -32.17 -26.40 -59.31
N ALA K 40 -32.55 -27.33 -60.19
CA ALA K 40 -33.96 -27.59 -60.51
C ALA K 40 -34.60 -28.27 -59.32
N ALA K 41 -35.76 -27.76 -58.96
CA ALA K 41 -36.52 -28.25 -57.84
C ALA K 41 -36.49 -29.76 -57.79
N SER K 42 -36.34 -30.36 -58.95
CA SER K 42 -36.37 -31.80 -59.08
C SER K 42 -35.06 -32.59 -59.08
N SER K 43 -33.95 -31.99 -59.51
CA SER K 43 -32.68 -32.71 -59.59
C SER K 43 -32.28 -33.52 -58.38
N PRO K 44 -31.52 -34.60 -58.60
CA PRO K 44 -31.06 -35.49 -57.53
C PRO K 44 -30.19 -34.76 -56.52
N ASP K 45 -29.53 -33.70 -56.99
CA ASP K 45 -28.67 -32.88 -56.17
C ASP K 45 -29.43 -31.68 -55.63
N ALA K 46 -30.75 -31.81 -55.54
CA ALA K 46 -31.56 -30.73 -55.01
C ALA K 46 -32.19 -31.17 -53.68
N HIS K 47 -31.71 -32.31 -53.18
CA HIS K 47 -32.19 -32.85 -51.92
C HIS K 47 -31.30 -34.04 -51.56
N VAL K 48 -30.20 -33.79 -50.88
CA VAL K 48 -29.25 -34.85 -50.55
C VAL K 48 -29.09 -35.22 -49.08
N PRO K 49 -29.71 -36.31 -48.66
CA PRO K 49 -29.62 -36.75 -47.27
C PRO K 49 -28.21 -37.15 -46.89
N PHE K 50 -27.78 -36.71 -45.71
CA PHE K 50 -26.47 -37.03 -45.18
C PHE K 50 -26.52 -37.12 -43.66
N CYS K 51 -25.56 -37.83 -43.10
CA CYS K 51 -25.45 -37.99 -41.66
C CYS K 51 -24.02 -38.15 -41.34
N PHE K 52 -23.74 -38.05 -40.05
CA PHE K 52 -22.42 -38.28 -39.47
C PHE K 52 -22.63 -38.61 -38.01
N GLY K 53 -21.79 -39.51 -37.54
CA GLY K 53 -21.91 -39.94 -36.17
C GLY K 53 -21.20 -39.02 -35.21
N LYS K 54 -21.81 -38.85 -34.04
CA LYS K 54 -21.28 -38.03 -32.96
C LYS K 54 -21.06 -38.93 -31.75
N ASP K 55 -19.82 -39.06 -31.30
CA ASP K 55 -19.54 -39.88 -30.14
C ASP K 55 -20.07 -39.21 -28.86
N LEU K 56 -20.84 -39.95 -28.08
CA LEU K 56 -21.40 -39.40 -26.86
C LEU K 56 -20.51 -39.54 -25.64
N LYS K 57 -19.36 -40.18 -25.76
CA LYS K 57 -18.42 -40.29 -24.63
C LYS K 57 -17.40 -39.16 -24.63
N ARG K 58 -17.24 -38.49 -25.77
CA ARG K 58 -16.30 -37.37 -25.88
C ARG K 58 -17.12 -36.07 -25.76
N PRO K 59 -16.83 -35.25 -24.73
CA PRO K 59 -17.53 -33.99 -24.50
C PRO K 59 -17.17 -32.91 -25.51
N GLY K 60 -18.12 -32.06 -25.81
CA GLY K 60 -17.81 -31.01 -26.76
C GLY K 60 -18.54 -31.14 -28.07
N SER K 61 -18.05 -30.40 -29.05
CA SER K 61 -18.61 -30.40 -30.39
C SER K 61 -17.48 -30.65 -31.35
N SER K 62 -17.68 -31.65 -32.19
CA SER K 62 -16.70 -32.06 -33.20
C SER K 62 -16.49 -30.94 -34.17
N PRO K 63 -15.33 -30.94 -34.85
CA PRO K 63 -15.07 -29.88 -35.83
C PRO K 63 -16.20 -29.81 -36.87
N MET K 64 -16.65 -30.98 -37.32
CA MET K 64 -17.73 -31.07 -38.30
C MET K 64 -19.02 -30.45 -37.78
N GLU K 65 -19.30 -30.79 -36.53
CA GLU K 65 -20.47 -30.30 -35.83
C GLU K 65 -20.51 -28.80 -35.69
N VAL K 66 -19.34 -28.19 -35.50
CA VAL K 66 -19.24 -26.75 -35.35
C VAL K 66 -19.44 -26.12 -36.73
N MET K 67 -18.70 -26.62 -37.72
CA MET K 67 -18.79 -26.15 -39.10
C MET K 67 -20.24 -26.23 -39.59
N LEU K 68 -20.84 -27.37 -39.33
CA LEU K 68 -22.19 -27.62 -39.74
C LEU K 68 -23.11 -26.54 -39.23
N ARG K 69 -22.87 -26.11 -38.01
CA ARG K 69 -23.69 -25.11 -37.38
C ARG K 69 -23.48 -23.78 -38.06
N ALA K 70 -22.23 -23.39 -38.20
CA ALA K 70 -21.96 -22.10 -38.84
C ALA K 70 -22.59 -22.03 -40.25
N VAL K 71 -22.15 -22.96 -41.09
CA VAL K 71 -22.62 -23.05 -42.47
C VAL K 71 -24.15 -23.12 -42.61
N PHE K 72 -24.85 -23.71 -41.63
CA PHE K 72 -26.31 -23.76 -41.67
C PHE K 72 -26.90 -22.37 -41.38
N MET K 73 -26.48 -21.75 -40.28
CA MET K 73 -26.95 -20.42 -39.91
C MET K 73 -26.70 -19.44 -41.06
N GLN K 74 -25.57 -19.61 -41.71
CA GLN K 74 -25.18 -18.72 -42.78
C GLN K 74 -25.45 -19.16 -44.22
N GLN K 75 -25.79 -20.44 -44.41
CA GLN K 75 -26.06 -20.93 -45.75
C GLN K 75 -24.82 -20.72 -46.60
N ARG K 76 -23.73 -21.34 -46.17
CA ARG K 76 -22.49 -21.20 -46.90
C ARG K 76 -22.35 -22.35 -47.89
N PRO K 77 -22.12 -22.02 -49.17
CA PRO K 77 -21.95 -23.00 -50.24
C PRO K 77 -20.79 -23.93 -49.91
N LEU K 78 -20.98 -25.23 -50.02
CA LEU K 78 -19.92 -26.19 -49.69
C LEU K 78 -19.51 -27.18 -50.77
N ARG K 79 -18.54 -27.99 -50.42
CA ARG K 79 -18.07 -29.08 -51.25
C ARG K 79 -18.18 -30.21 -50.20
N MET K 80 -18.97 -31.23 -50.46
CA MET K 80 -19.11 -32.24 -49.44
C MET K 80 -18.64 -33.56 -49.94
N PHE K 81 -17.93 -34.27 -49.08
CA PHE K 81 -17.46 -35.59 -49.44
C PHE K 81 -18.43 -36.57 -48.79
N LEU K 82 -19.35 -37.07 -49.61
CA LEU K 82 -20.39 -38.02 -49.21
C LEU K 82 -20.04 -39.47 -49.53
N GLY K 83 -20.74 -40.40 -48.89
CA GLY K 83 -20.49 -41.81 -49.12
C GLY K 83 -19.12 -42.26 -48.59
N PRO K 84 -18.72 -43.52 -48.78
CA PRO K 84 -19.50 -44.55 -49.46
C PRO K 84 -20.70 -44.87 -48.57
N LYS K 85 -20.41 -45.28 -47.33
CA LYS K 85 -21.45 -45.65 -46.37
C LYS K 85 -22.79 -44.92 -46.43
N GLN K 86 -23.83 -45.62 -46.00
CA GLN K 86 -25.14 -45.03 -45.95
C GLN K 86 -25.76 -45.34 -44.62
N LEU K 87 -26.12 -44.28 -43.91
CA LEU K 87 -26.77 -44.40 -42.61
C LEU K 87 -28.23 -44.21 -42.96
N THR K 88 -29.11 -44.32 -41.98
CA THR K 88 -30.51 -44.14 -42.30
C THR K 88 -31.09 -42.93 -41.62
N PHE K 89 -31.62 -42.02 -42.40
CA PHE K 89 -32.21 -40.83 -41.84
C PHE K 89 -33.56 -40.59 -42.41
N GLU K 90 -34.52 -40.45 -41.51
CA GLU K 90 -35.87 -40.16 -41.92
C GLU K 90 -36.36 -41.24 -42.90
N GLY K 91 -36.16 -42.51 -42.52
CA GLY K 91 -36.61 -43.61 -43.36
C GLY K 91 -35.71 -43.97 -44.53
N LYS K 92 -35.47 -43.00 -45.40
CA LYS K 92 -34.60 -43.22 -46.54
C LYS K 92 -33.19 -43.37 -46.02
N PRO K 93 -32.27 -43.90 -46.85
CA PRO K 93 -30.91 -44.05 -46.38
C PRO K 93 -30.27 -42.68 -46.59
N ALA K 94 -29.02 -42.55 -46.17
CA ALA K 94 -28.29 -41.31 -46.31
C ALA K 94 -26.81 -41.59 -46.40
N LEU K 95 -26.13 -40.70 -47.10
CA LEU K 95 -24.71 -40.85 -47.26
C LEU K 95 -23.99 -40.27 -46.06
N GLU K 96 -22.95 -40.96 -45.63
CA GLU K 96 -22.17 -40.47 -44.52
C GLU K 96 -21.43 -39.25 -45.08
N LEU K 97 -21.16 -38.27 -44.22
CA LEU K 97 -20.43 -37.07 -44.60
C LEU K 97 -19.05 -37.32 -43.99
N ILE K 98 -18.01 -37.06 -44.72
CA ILE K 98 -16.69 -37.34 -44.17
C ILE K 98 -15.75 -36.15 -44.27
N ARG K 99 -16.28 -35.05 -44.84
CA ARG K 99 -15.46 -33.86 -45.03
C ARG K 99 -16.24 -32.83 -45.79
N MET K 100 -16.05 -31.59 -45.42
CA MET K 100 -16.70 -30.49 -46.10
C MET K 100 -15.77 -29.34 -46.00
N VAL K 101 -15.73 -28.54 -47.05
CA VAL K 101 -14.90 -27.35 -47.13
C VAL K 101 -15.79 -26.33 -47.78
N GLU K 102 -15.76 -25.13 -47.25
CA GLU K 102 -16.56 -24.08 -47.83
C GLU K 102 -16.03 -23.81 -49.24
N CYS K 103 -16.91 -23.41 -50.12
CA CYS K 103 -16.51 -23.10 -51.48
C CYS K 103 -15.87 -21.73 -51.41
N SER K 104 -14.77 -21.54 -52.15
CA SER K 104 -14.13 -20.23 -52.19
C SER K 104 -14.70 -19.44 -53.37
N GLY K 105 -14.95 -20.15 -54.47
CA GLY K 105 -15.52 -19.53 -55.65
C GLY K 105 -15.73 -20.51 -56.78
N LYS K 106 -16.04 -19.98 -57.96
CA LYS K 106 -16.28 -20.76 -59.16
C LYS K 106 -15.10 -21.72 -59.41
N GLN K 107 -13.95 -21.36 -58.85
CA GLN K 107 -12.71 -22.12 -59.00
C GLN K 107 -12.87 -23.54 -58.47
N ASP K 108 -13.05 -23.68 -57.16
CA ASP K 108 -13.20 -25.00 -56.54
C ASP K 108 -14.66 -25.44 -56.45
N CYS K 109 -15.57 -24.53 -56.81
CA CYS K 109 -16.99 -24.82 -56.77
C CYS K 109 -17.78 -24.44 -57.99
N PRO K 110 -17.80 -25.35 -59.00
CA PRO K 110 -18.51 -25.24 -60.29
C PRO K 110 -19.83 -26.03 -60.28
N LEU L 1 -44.34 -49.02 -28.67
CA LEU L 1 -43.66 -47.73 -28.82
C LEU L 1 -44.39 -46.85 -29.84
N PRO L 2 -45.60 -46.35 -29.51
CA PRO L 2 -46.41 -45.49 -30.38
C PRO L 2 -45.81 -44.14 -30.74
N THR L 3 -44.77 -44.17 -31.57
CA THR L 3 -44.06 -43.00 -32.04
C THR L 3 -44.98 -42.17 -32.96
N HIS L 4 -44.62 -40.92 -33.20
CA HIS L 4 -45.39 -40.04 -34.08
C HIS L 4 -44.43 -39.01 -34.61
N LEU L 5 -44.92 -38.16 -35.49
CA LEU L 5 -44.07 -37.12 -36.05
C LEU L 5 -44.91 -35.91 -36.32
N TYR L 6 -44.34 -34.74 -35.96
CA TYR L 6 -45.00 -33.45 -36.12
C TYR L 6 -44.05 -32.53 -36.85
N LYS L 7 -44.49 -32.07 -38.01
CA LYS L 7 -43.70 -31.19 -38.87
C LYS L 7 -44.20 -29.77 -38.88
N ASN L 8 -43.29 -28.85 -39.13
CA ASN L 8 -43.62 -27.44 -39.22
C ASN L 8 -44.30 -26.87 -37.98
N PHE L 9 -43.94 -27.44 -36.83
CA PHE L 9 -44.42 -27.04 -35.51
C PHE L 9 -43.40 -26.09 -34.87
N THR L 10 -43.89 -25.12 -34.09
CA THR L 10 -43.03 -24.13 -33.45
C THR L 10 -42.82 -24.42 -31.96
N VAL L 11 -41.69 -24.00 -31.39
CA VAL L 11 -41.46 -24.21 -29.95
C VAL L 11 -42.01 -23.01 -29.21
N GLN L 12 -42.93 -23.26 -28.29
CA GLN L 12 -43.56 -22.20 -27.53
C GLN L 12 -43.11 -22.13 -26.08
N GLU L 13 -42.86 -23.29 -25.49
CA GLU L 13 -42.43 -23.40 -24.11
C GLU L 13 -41.20 -24.26 -24.08
N LEU L 14 -40.24 -23.86 -23.26
CA LEU L 14 -39.02 -24.62 -23.13
C LEU L 14 -38.77 -24.58 -21.62
N ALA L 15 -38.44 -25.73 -21.04
CA ALA L 15 -38.24 -25.73 -19.61
C ALA L 15 -37.35 -26.84 -19.08
N LEU L 16 -36.35 -26.44 -18.32
CA LEU L 16 -35.43 -27.37 -17.73
C LEU L 16 -35.85 -27.40 -16.28
N LYS L 17 -36.29 -28.55 -15.84
CA LYS L 17 -36.74 -28.72 -14.46
C LYS L 17 -36.07 -29.92 -13.86
N LEU L 18 -36.51 -30.26 -12.67
CA LEU L 18 -35.97 -31.39 -11.96
C LEU L 18 -37.20 -32.29 -11.77
N LYS L 19 -36.99 -33.58 -11.92
CA LYS L 19 -38.06 -34.56 -11.75
C LYS L 19 -37.60 -35.38 -10.57
N GLY L 20 -38.18 -35.10 -9.41
CA GLY L 20 -37.79 -35.80 -8.21
C GLY L 20 -36.33 -35.42 -8.09
N LYS L 21 -35.46 -36.38 -8.39
CA LYS L 21 -34.04 -36.13 -8.32
C LYS L 21 -33.36 -36.46 -9.66
N ASN L 22 -34.10 -36.21 -10.74
CA ASN L 22 -33.61 -36.45 -12.10
C ASN L 22 -33.83 -35.21 -12.93
N GLN L 23 -32.80 -34.82 -13.67
CA GLN L 23 -32.89 -33.65 -14.50
C GLN L 23 -33.84 -33.93 -15.63
N GLU L 24 -34.38 -32.90 -16.25
CA GLU L 24 -35.31 -33.13 -17.33
C GLU L 24 -35.70 -31.86 -18.01
N PHE L 25 -35.92 -31.93 -19.32
CA PHE L 25 -36.36 -30.77 -20.06
C PHE L 25 -37.54 -31.12 -20.95
N CYS L 26 -38.31 -30.11 -21.31
CA CYS L 26 -39.49 -30.30 -22.12
C CYS L 26 -39.76 -29.09 -22.97
N LEU L 27 -40.58 -29.32 -23.97
CA LEU L 27 -40.94 -28.27 -24.88
C LEU L 27 -42.35 -28.49 -25.30
N THR L 28 -42.96 -27.40 -25.72
CA THR L 28 -44.31 -27.39 -26.17
C THR L 28 -44.26 -26.93 -27.60
N ALA L 29 -44.45 -27.86 -28.53
CA ALA L 29 -44.47 -27.55 -29.95
C ALA L 29 -45.91 -27.23 -30.30
N PHE L 30 -46.12 -26.12 -30.99
CA PHE L 30 -47.45 -25.74 -31.33
C PHE L 30 -47.59 -25.31 -32.77
N MET L 31 -48.73 -25.69 -33.35
CA MET L 31 -49.06 -25.32 -34.71
C MET L 31 -50.46 -24.78 -34.67
N SER L 32 -50.67 -23.65 -35.35
CA SER L 32 -51.96 -22.96 -35.38
C SER L 32 -53.25 -23.77 -35.43
N GLY L 33 -53.36 -24.64 -36.42
CA GLY L 33 -54.57 -25.42 -36.55
C GLY L 33 -54.81 -26.40 -35.42
N ARG L 34 -53.89 -26.58 -34.48
CA ARG L 34 -54.15 -27.55 -33.45
C ARG L 34 -53.56 -27.40 -32.07
N SER L 35 -53.43 -28.56 -31.44
CA SER L 35 -52.92 -28.73 -30.10
C SER L 35 -51.45 -28.37 -29.90
N LEU L 36 -51.02 -28.67 -28.68
CA LEU L 36 -49.67 -28.46 -28.28
C LEU L 36 -49.13 -29.87 -28.18
N VAL L 37 -47.94 -30.07 -28.73
CA VAL L 37 -47.33 -31.36 -28.66
C VAL L 37 -46.28 -31.20 -27.56
N ARG L 38 -46.38 -32.02 -26.53
CA ARG L 38 -45.43 -31.93 -25.43
C ARG L 38 -44.53 -33.13 -25.29
N ALA L 39 -43.24 -32.86 -25.28
CA ALA L 39 -42.28 -33.94 -25.15
C ALA L 39 -41.25 -33.55 -24.12
N CYS L 40 -40.69 -34.58 -23.49
CA CYS L 40 -39.70 -34.43 -22.47
C CYS L 40 -38.61 -35.43 -22.59
N LEU L 41 -37.39 -34.92 -22.58
CA LEU L 41 -36.23 -35.77 -22.63
C LEU L 41 -35.76 -35.68 -21.17
N SER L 42 -35.58 -36.84 -20.53
CA SER L 42 -35.12 -36.88 -19.14
C SER L 42 -33.69 -37.41 -19.03
N ASP L 43 -32.95 -36.93 -18.04
CA ASP L 43 -31.59 -37.40 -17.81
C ASP L 43 -31.75 -38.86 -17.38
N ALA L 44 -31.33 -39.79 -18.25
CA ALA L 44 -31.47 -41.22 -17.97
C ALA L 44 -30.70 -41.78 -16.79
N GLY L 45 -30.17 -40.93 -15.92
CA GLY L 45 -29.42 -41.40 -14.76
C GLY L 45 -28.02 -41.80 -15.17
N HIS L 46 -27.93 -42.64 -16.21
CA HIS L 46 -26.66 -43.09 -16.75
C HIS L 46 -25.84 -41.88 -17.15
N GLU L 47 -24.87 -41.52 -16.31
CA GLU L 47 -24.04 -40.38 -16.61
C GLU L 47 -23.04 -40.74 -17.69
N HIS L 48 -23.35 -40.25 -18.89
CA HIS L 48 -22.59 -40.43 -20.13
C HIS L 48 -23.48 -39.93 -21.25
N ASP L 49 -24.79 -40.01 -21.03
CA ASP L 49 -25.77 -39.57 -22.01
C ASP L 49 -25.53 -38.11 -22.35
N THR L 50 -24.51 -37.83 -23.16
CA THR L 50 -24.24 -36.47 -23.58
C THR L 50 -25.47 -36.03 -24.38
N TRP L 51 -26.27 -37.03 -24.74
CA TRP L 51 -27.49 -36.83 -25.50
C TRP L 51 -28.29 -35.70 -24.88
N PHE L 52 -28.43 -35.73 -23.56
CA PHE L 52 -29.20 -34.72 -22.82
C PHE L 52 -28.71 -33.31 -23.12
N ASP L 53 -27.42 -33.08 -22.93
CA ASP L 53 -26.84 -31.78 -23.19
C ASP L 53 -27.09 -31.37 -24.62
N THR L 54 -26.61 -32.23 -25.52
CA THR L 54 -26.71 -32.08 -26.98
C THR L 54 -28.11 -31.72 -27.49
N MET L 55 -29.10 -32.50 -27.09
CA MET L 55 -30.47 -32.25 -27.49
C MET L 55 -30.96 -30.95 -26.86
N LEU L 56 -30.56 -30.75 -25.61
CA LEU L 56 -30.97 -29.55 -24.87
C LEU L 56 -30.53 -28.35 -25.68
N GLY L 57 -29.27 -28.43 -26.13
CA GLY L 57 -28.67 -27.38 -26.93
C GLY L 57 -29.46 -27.19 -28.19
N PHE L 58 -29.70 -28.30 -28.86
CA PHE L 58 -30.43 -28.30 -30.12
C PHE L 58 -31.82 -27.68 -29.91
N ALA L 59 -32.48 -28.11 -28.86
CA ALA L 59 -33.78 -27.56 -28.58
C ALA L 59 -33.72 -26.02 -28.35
N ILE L 60 -32.73 -25.58 -27.58
CA ILE L 60 -32.61 -24.16 -27.29
C ILE L 60 -32.32 -23.39 -28.58
N SER L 61 -31.48 -23.95 -29.43
CA SER L 61 -31.11 -23.31 -30.68
C SER L 61 -32.36 -23.18 -31.51
N ALA L 62 -33.14 -24.26 -31.51
CA ALA L 62 -34.39 -24.26 -32.24
C ALA L 62 -35.30 -23.17 -31.66
N TYR L 63 -35.34 -23.08 -30.33
CA TYR L 63 -36.14 -22.07 -29.64
C TYR L 63 -35.66 -20.65 -29.99
N ALA L 64 -34.35 -20.45 -29.90
CA ALA L 64 -33.72 -19.17 -30.17
C ALA L 64 -33.94 -18.69 -31.59
N LEU L 65 -33.68 -19.60 -32.53
CA LEU L 65 -33.79 -19.33 -33.96
C LEU L 65 -35.20 -19.07 -34.42
N LYS L 66 -36.17 -19.58 -33.65
CA LYS L 66 -37.58 -19.41 -33.95
C LYS L 66 -37.91 -20.08 -35.29
N SER L 67 -37.40 -21.30 -35.49
CA SER L 67 -37.66 -21.98 -36.74
C SER L 67 -38.63 -23.11 -36.49
N ARG L 68 -39.36 -23.47 -37.55
CA ARG L 68 -40.30 -24.57 -37.46
C ARG L 68 -39.46 -25.80 -37.28
N ILE L 69 -39.86 -26.62 -36.33
CA ILE L 69 -39.15 -27.85 -36.08
C ILE L 69 -39.96 -29.01 -36.64
N ALA L 70 -39.52 -30.21 -36.35
CA ALA L 70 -40.18 -31.39 -36.80
C ALA L 70 -39.78 -32.35 -35.69
N LEU L 71 -40.74 -32.71 -34.85
CA LEU L 71 -40.38 -33.59 -33.76
C LEU L 71 -41.04 -34.94 -33.72
N THR L 72 -40.25 -35.91 -33.30
CA THR L 72 -40.68 -37.29 -33.17
C THR L 72 -40.82 -37.66 -31.71
N VAL L 73 -42.07 -37.76 -31.27
CA VAL L 73 -42.43 -38.09 -29.90
C VAL L 73 -42.93 -39.51 -29.73
N GLU L 74 -42.38 -40.25 -28.77
CA GLU L 74 -42.86 -41.60 -28.53
C GLU L 74 -44.16 -41.41 -27.75
N ASP L 75 -44.44 -42.29 -26.81
CA ASP L 75 -45.64 -42.11 -26.03
C ASP L 75 -45.63 -42.67 -24.65
N SER L 76 -46.42 -42.02 -23.80
CA SER L 76 -46.54 -42.37 -22.40
C SER L 76 -47.87 -43.09 -22.13
N PRO L 77 -47.81 -44.18 -21.34
CA PRO L 77 -48.96 -45.00 -20.97
C PRO L 77 -49.93 -44.31 -19.99
N TYR L 78 -50.04 -42.99 -20.11
CA TYR L 78 -50.94 -42.22 -19.27
C TYR L 78 -51.08 -40.87 -19.93
N PRO L 79 -52.30 -40.56 -20.42
CA PRO L 79 -52.63 -39.30 -21.10
C PRO L 79 -52.47 -38.04 -20.22
N GLY L 80 -52.39 -36.88 -20.88
CA GLY L 80 -52.22 -35.62 -20.16
C GLY L 80 -50.78 -35.52 -19.67
N THR L 81 -49.89 -36.23 -20.35
CA THR L 81 -48.47 -36.30 -20.02
C THR L 81 -47.62 -36.26 -21.29
N PRO L 82 -46.56 -35.44 -21.30
CA PRO L 82 -45.66 -35.31 -22.45
C PRO L 82 -44.93 -36.61 -22.76
N GLY L 83 -44.85 -36.94 -24.05
CA GLY L 83 -44.20 -38.15 -24.47
C GLY L 83 -42.72 -37.98 -24.55
N ASP L 84 -41.97 -39.08 -24.58
CA ASP L 84 -40.53 -38.95 -24.66
C ASP L 84 -40.20 -38.42 -26.06
N LEU L 85 -39.23 -37.52 -26.14
CA LEU L 85 -38.82 -36.96 -27.42
C LEU L 85 -37.57 -37.74 -27.78
N LEU L 86 -37.57 -38.33 -28.98
CA LEU L 86 -36.43 -39.12 -29.44
C LEU L 86 -35.65 -38.48 -30.58
N GLU L 87 -36.29 -37.60 -31.34
CA GLU L 87 -35.63 -36.93 -32.46
C GLU L 87 -36.14 -35.52 -32.66
N LEU L 88 -35.25 -34.65 -33.10
CA LEU L 88 -35.62 -33.29 -33.38
C LEU L 88 -34.88 -32.86 -34.64
N GLN L 89 -35.54 -32.02 -35.45
CA GLN L 89 -34.99 -31.52 -36.71
C GLN L 89 -35.36 -30.09 -36.97
N ILE L 90 -34.38 -29.28 -37.32
CA ILE L 90 -34.66 -27.87 -37.57
C ILE L 90 -34.96 -27.63 -39.04
N CYS L 91 -36.23 -27.34 -39.34
CA CYS L 91 -36.64 -27.09 -40.72
C CYS L 91 -35.81 -25.95 -41.23
N PRO L 92 -35.78 -25.78 -42.55
CA PRO L 92 -35.03 -24.70 -43.15
C PRO L 92 -35.44 -23.37 -42.57
N LEU L 93 -34.43 -22.56 -42.35
CA LEU L 93 -34.62 -21.26 -41.78
C LEU L 93 -35.38 -20.46 -42.80
N ASN L 94 -36.48 -19.86 -42.35
CA ASN L 94 -37.36 -19.04 -43.18
C ASN L 94 -38.38 -19.83 -43.99
N GLY L 95 -38.19 -21.14 -44.10
CA GLY L 95 -39.11 -21.97 -44.88
C GLY L 95 -39.84 -23.06 -44.10
N TYR L 96 -40.10 -24.20 -44.75
CA TYR L 96 -40.80 -25.29 -44.08
C TYR L 96 -40.15 -26.63 -44.28
N CYS L 97 -40.30 -27.53 -43.31
CA CYS L 97 -39.76 -28.86 -43.54
C CYS L 97 -40.69 -29.35 -44.61
N GLU L 98 -40.15 -30.03 -45.61
CA GLU L 98 -40.98 -30.59 -46.66
C GLU L 98 -41.41 -31.98 -46.19
#